data_7O43
#
_entry.id   7O43
#
_cell.length_a   1.00
_cell.length_b   1.00
_cell.length_c   1.00
_cell.angle_alpha   90.00
_cell.angle_beta   90.00
_cell.angle_gamma   90.00
#
_symmetry.space_group_name_H-M   'P 1'
#
_entity_poly.entity_id   1
_entity_poly.type   'polypeptide(L)'
_entity_poly.pdbx_seq_one_letter_code
;MGAIESRKLLASETPVGQFIPYSHHVTDTIISTKNAEYLSVWKIDGRSHQSASEADVFQWIRELNNTLRGISSANLSLWT
HIVRRRVYEYPDAEFDNVFCRQLDEKYRESFTGYNLMVNDLYLTVVYRPVSDKVLSFFAKRERETPDQKKHRQESCIKAL
EDINRTLGQSFKRYGAELLSVYEKGGHAFSAPLEFLARLVNGEHIPMPICRDRFSDYMAVNRPMFSKWGEVGELRSLTGL
RRFGMLEIREYDDATEPGQLNVLLESDYEFVLTHSFSVLSRPAAKEYLQRHQKNLIDARDVATDQIEEIDEALNQLISGH
FVMGEHHCTLTVYGETVQQVRDNLAHASAAMLDVAVLPKPVDLALEAGYWAQLPANWQWRPRPAPITSLNFLSFSPFHNF
MSGKPTGNPWGPAVTILKTVSGTPLYFNFHASKEEEDATDKRLLGNTMLIGQSSSGKTVLLGFLLAQAQKFKPTIVAFDK
DRGMEISIRAMGGRYLPLKTGEPSGFNPFQLPPTHANLIFLKQFVKKLAAAGGEVTHRDEEEIDQAITAMMSDSIDKSLR
RLSLLLQFLPNPRSDDMDARPTVHARLVKWCEGGDYGWLFDNPTDALDLSTHQIYGFDITEFLDNPEARTPVMMYLLYRT
ESMIDGRRFMYVFDEFWKPLQDEYFEDLAKNKQKTIRKQNGIFVFATQEPSDALESNIAKTLIQQCATYIFLANPKADYE
DYTQGFKLTDSEFELVRGLGEFSRRFLIKQGDQSALAEMNLGKFRTIVDGETVERDFDDELLVLSGTPDNAEIAESIIAE
VGDDPAVWLPIFLDRVKAERSDVGSGSGS
;
_entity_poly.pdbx_strand_id   A,B
#
# COMPACT_ATOMS: atom_id res chain seq x y z
N PRO A 15 -45.04 4.62 -11.08
CA PRO A 15 -44.37 5.85 -10.62
C PRO A 15 -43.18 5.55 -9.72
N VAL A 16 -42.92 6.45 -8.78
CA VAL A 16 -41.81 6.28 -7.85
C VAL A 16 -42.27 6.10 -6.41
N GLY A 17 -43.47 6.56 -6.05
CA GLY A 17 -43.87 6.59 -4.65
C GLY A 17 -44.28 5.25 -4.10
N GLN A 18 -44.57 4.28 -4.97
CA GLN A 18 -44.93 2.95 -4.51
C GLN A 18 -43.71 2.15 -4.08
N PHE A 19 -42.50 2.64 -4.34
CA PHE A 19 -41.27 1.88 -4.13
C PHE A 19 -40.50 2.33 -2.90
N ILE A 20 -41.06 3.19 -2.06
CA ILE A 20 -40.34 3.71 -0.91
C ILE A 20 -41.22 3.73 0.34
N PRO A 21 -41.06 2.74 1.23
CA PRO A 21 -41.98 2.56 2.38
C PRO A 21 -41.65 3.29 3.70
N TYR A 22 -42.04 4.57 3.80
CA TYR A 22 -41.98 5.29 5.07
C TYR A 22 -43.22 6.15 5.25
N SER A 23 -43.66 6.25 6.52
CA SER A 23 -44.68 7.22 6.91
C SER A 23 -44.53 7.49 8.40
N HIS A 24 -43.93 8.63 8.76
CA HIS A 24 -43.68 9.00 10.14
C HIS A 24 -45.00 9.25 10.86
N HIS A 25 -45.39 8.35 11.76
CA HIS A 25 -46.65 8.53 12.45
C HIS A 25 -46.61 8.13 13.93
N VAL A 26 -45.44 7.97 14.54
CA VAL A 26 -45.39 7.47 15.91
C VAL A 26 -44.74 8.43 16.89
N THR A 27 -43.44 8.69 16.76
CA THR A 27 -42.70 9.49 17.75
C THR A 27 -41.42 9.98 17.09
N ASP A 28 -40.48 10.44 17.93
CA ASP A 28 -39.27 11.07 17.42
C ASP A 28 -38.35 10.06 16.74
N THR A 29 -37.83 9.10 17.49
CA THR A 29 -36.84 8.18 16.96
C THR A 29 -37.41 7.12 16.03
N ILE A 30 -38.69 6.80 16.16
CA ILE A 30 -39.27 5.69 15.42
C ILE A 30 -39.97 6.22 14.18
N ILE A 31 -39.84 5.51 13.07
CA ILE A 31 -40.49 5.84 11.80
C ILE A 31 -41.39 4.68 11.42
N SER A 32 -42.68 4.96 11.24
CA SER A 32 -43.61 3.91 10.84
C SER A 32 -43.65 3.81 9.32
N THR A 33 -44.41 2.84 8.81
CA THR A 33 -44.59 2.68 7.38
C THR A 33 -45.95 2.04 7.11
N LYS A 34 -46.21 1.72 5.84
CA LYS A 34 -47.48 1.15 5.43
C LYS A 34 -47.53 -0.36 5.62
N ASN A 35 -46.38 -1.01 5.72
CA ASN A 35 -46.32 -2.44 5.97
C ASN A 35 -46.22 -2.75 7.47
N ALA A 36 -46.55 -1.75 8.31
CA ALA A 36 -46.57 -1.84 9.77
C ALA A 36 -45.21 -2.20 10.37
N GLU A 37 -44.13 -1.91 9.67
CA GLU A 37 -42.79 -2.02 10.22
C GLU A 37 -42.41 -0.71 10.89
N TYR A 38 -41.36 -0.76 11.71
CA TYR A 38 -40.91 0.43 12.42
C TYR A 38 -39.40 0.53 12.35
N LEU A 39 -38.90 1.77 12.31
CA LEU A 39 -37.49 2.02 12.08
C LEU A 39 -36.95 2.96 13.13
N SER A 40 -35.64 2.92 13.33
CA SER A 40 -34.96 3.86 14.20
C SER A 40 -33.50 3.96 13.76
N VAL A 41 -33.04 5.16 13.46
CA VAL A 41 -31.74 5.35 12.82
C VAL A 41 -30.75 5.91 13.83
N TRP A 42 -29.55 5.36 13.83
CA TRP A 42 -28.42 5.84 14.63
C TRP A 42 -27.34 6.35 13.69
N LYS A 43 -26.73 7.47 14.03
CA LYS A 43 -25.54 7.93 13.30
C LYS A 43 -24.33 7.62 14.17
N ILE A 44 -23.47 6.74 13.69
CA ILE A 44 -22.29 6.30 14.42
C ILE A 44 -21.06 6.82 13.68
N ASP A 45 -19.98 7.02 14.43
CA ASP A 45 -18.65 7.29 13.89
C ASP A 45 -17.71 6.47 14.77
N GLY A 46 -17.46 5.24 14.36
CA GLY A 46 -16.95 4.22 15.25
C GLY A 46 -15.48 4.40 15.61
N ARG A 47 -14.95 3.36 16.25
CA ARG A 47 -13.57 3.35 16.68
C ARG A 47 -12.64 3.35 15.48
N SER A 48 -11.54 4.08 15.59
CA SER A 48 -10.62 4.22 14.47
C SER A 48 -9.88 2.89 14.22
N HIS A 49 -9.73 2.57 12.95
CA HIS A 49 -9.05 1.33 12.53
C HIS A 49 -7.61 1.59 12.16
N GLN A 50 -6.95 2.51 12.87
CA GLN A 50 -5.56 2.82 12.62
C GLN A 50 -4.76 2.96 13.91
N SER A 51 -5.40 2.95 15.06
CA SER A 51 -4.73 3.23 16.33
C SER A 51 -5.15 2.21 17.38
N ALA A 52 -5.11 0.92 17.04
CA ALA A 52 -5.50 -0.12 17.96
C ALA A 52 -4.78 -1.41 17.63
N SER A 53 -4.59 -2.24 18.65
CA SER A 53 -3.95 -3.54 18.47
C SER A 53 -4.95 -4.56 17.94
N GLU A 54 -4.44 -5.74 17.61
CA GLU A 54 -5.30 -6.82 17.12
C GLU A 54 -6.16 -7.41 18.22
N ALA A 55 -5.62 -7.49 19.45
CA ALA A 55 -6.42 -7.95 20.58
C ALA A 55 -7.52 -6.96 20.91
N ASP A 56 -7.29 -5.67 20.67
CA ASP A 56 -8.31 -4.67 20.95
C ASP A 56 -9.49 -4.79 19.98
N VAL A 57 -9.22 -4.97 18.69
CA VAL A 57 -10.31 -5.08 17.74
C VAL A 57 -11.01 -6.43 17.87
N PHE A 58 -10.27 -7.48 18.26
CA PHE A 58 -10.91 -8.76 18.57
C PHE A 58 -11.82 -8.65 19.79
N GLN A 59 -11.39 -7.91 20.82
CA GLN A 59 -12.22 -7.69 22.00
C GLN A 59 -13.45 -6.85 21.65
N TRP A 60 -13.30 -5.88 20.74
CA TRP A 60 -14.43 -5.06 20.34
C TRP A 60 -15.46 -5.88 19.58
N ILE A 61 -15.00 -6.75 18.67
CA ILE A 61 -15.93 -7.58 17.91
C ILE A 61 -16.60 -8.61 18.82
N ARG A 62 -15.87 -9.12 19.83
CA ARG A 62 -16.46 -10.04 20.79
C ARG A 62 -17.51 -9.34 21.66
N GLU A 63 -17.25 -8.10 22.06
CA GLU A 63 -18.23 -7.34 22.85
C GLU A 63 -19.47 -7.01 22.02
N LEU A 64 -19.28 -6.68 20.74
CA LEU A 64 -20.43 -6.41 19.89
C LEU A 64 -21.25 -7.65 19.61
N ASN A 65 -20.59 -8.80 19.46
CA ASN A 65 -21.34 -10.04 19.27
C ASN A 65 -22.07 -10.46 20.53
N ASN A 66 -21.47 -10.22 21.70
CA ASN A 66 -22.17 -10.50 22.94
C ASN A 66 -23.33 -9.53 23.19
N THR A 67 -23.23 -8.32 22.65
CA THR A 67 -24.37 -7.41 22.68
C THR A 67 -25.49 -7.91 21.77
N LEU A 68 -25.14 -8.24 20.51
CA LEU A 68 -26.14 -8.56 19.51
C LEU A 68 -26.73 -9.95 19.70
N ARG A 69 -26.11 -10.79 20.54
CA ARG A 69 -26.69 -12.09 20.86
C ARG A 69 -28.01 -11.94 21.60
N GLY A 70 -28.15 -10.91 22.44
CA GLY A 70 -29.41 -10.69 23.12
C GLY A 70 -30.42 -9.91 22.29
N ILE A 71 -29.95 -9.00 21.45
CA ILE A 71 -30.81 -8.21 20.58
C ILE A 71 -31.03 -9.07 19.34
N SER A 72 -32.00 -9.97 19.41
CA SER A 72 -32.12 -11.06 18.45
C SER A 72 -33.57 -11.50 18.38
N SER A 73 -33.78 -12.74 17.91
CA SER A 73 -35.05 -13.49 17.95
C SER A 73 -36.10 -12.88 17.02
N ALA A 74 -35.73 -12.77 15.74
CA ALA A 74 -36.64 -12.69 14.59
C ALA A 74 -37.47 -11.41 14.54
N ASN A 75 -37.27 -10.49 15.46
CA ASN A 75 -38.00 -9.23 15.47
C ASN A 75 -37.06 -8.07 15.18
N LEU A 76 -36.14 -8.25 14.24
CA LEU A 76 -35.04 -7.31 14.10
C LEU A 76 -34.49 -7.35 12.68
N SER A 77 -34.11 -6.17 12.20
CA SER A 77 -33.38 -6.05 10.94
C SER A 77 -32.42 -4.88 11.08
N LEU A 78 -31.12 -5.14 11.01
CA LEU A 78 -30.12 -4.11 11.18
C LEU A 78 -29.48 -3.80 9.84
N TRP A 79 -29.49 -2.53 9.47
CA TRP A 79 -28.99 -2.07 8.17
C TRP A 79 -27.84 -1.11 8.44
N THR A 80 -26.61 -1.57 8.22
CA THR A 80 -25.43 -0.75 8.41
C THR A 80 -25.08 -0.09 7.08
N HIS A 81 -25.18 1.24 7.05
CA HIS A 81 -24.83 2.03 5.87
C HIS A 81 -23.50 2.71 6.12
N ILE A 82 -22.61 2.62 5.14
CA ILE A 82 -21.33 3.34 5.18
C ILE A 82 -21.35 4.25 3.97
N VAL A 83 -21.57 5.53 4.20
CA VAL A 83 -21.72 6.50 3.12
C VAL A 83 -20.41 7.27 3.00
N ARG A 84 -19.70 7.08 1.89
CA ARG A 84 -18.55 7.91 1.58
C ARG A 84 -19.01 8.97 0.61
N ARG A 85 -18.84 10.24 1.01
CA ARG A 85 -19.53 11.36 0.42
C ARG A 85 -18.56 12.53 0.31
N ARG A 86 -18.72 13.32 -0.74
CA ARG A 86 -17.93 14.54 -0.85
C ARG A 86 -18.39 15.58 0.17
N VAL A 87 -17.61 16.64 0.30
CA VAL A 87 -17.69 17.50 1.47
C VAL A 87 -18.15 18.91 1.07
N TYR A 88 -19.08 18.96 0.11
CA TYR A 88 -19.66 20.20 -0.43
C TYR A 88 -20.20 21.17 0.62
N GLU A 89 -20.51 20.71 1.83
CA GLU A 89 -21.05 21.55 2.88
C GLU A 89 -20.03 22.43 3.57
N TYR A 90 -18.74 22.26 3.30
CA TYR A 90 -17.68 22.99 4.03
C TYR A 90 -17.62 24.45 3.60
N PRO A 91 -17.92 25.40 4.47
CA PRO A 91 -17.93 26.82 4.10
C PRO A 91 -16.59 27.55 4.32
N ASP A 92 -15.68 27.36 3.36
CA ASP A 92 -14.40 28.05 3.42
C ASP A 92 -14.60 29.52 3.10
N ALA A 93 -14.34 30.39 4.08
CA ALA A 93 -14.71 31.80 3.95
C ALA A 93 -13.54 32.74 4.20
N GLU A 94 -13.84 34.04 4.28
CA GLU A 94 -12.84 35.09 4.37
C GLU A 94 -12.59 35.48 5.82
N PHE A 95 -11.56 36.30 6.02
CA PHE A 95 -11.05 36.63 7.33
C PHE A 95 -11.09 38.11 7.66
N ASP A 96 -11.10 38.98 6.65
CA ASP A 96 -11.03 40.45 6.77
C ASP A 96 -9.76 40.91 7.50
N ASN A 97 -8.69 40.16 7.33
CA ASN A 97 -7.32 40.63 7.52
C ASN A 97 -6.43 39.81 6.60
N VAL A 98 -5.32 40.41 6.17
CA VAL A 98 -4.64 39.90 4.97
C VAL A 98 -3.73 38.72 5.33
N PHE A 99 -3.30 38.62 6.58
CA PHE A 99 -2.44 37.49 6.96
C PHE A 99 -3.25 36.21 7.05
N CYS A 100 -4.39 36.26 7.75
CA CYS A 100 -5.20 35.06 7.92
C CYS A 100 -5.88 34.67 6.61
N ARG A 101 -6.22 35.65 5.77
CA ARG A 101 -6.73 35.34 4.44
C ARG A 101 -5.64 34.75 3.55
N GLN A 102 -4.39 35.21 3.70
CA GLN A 102 -3.29 34.62 2.95
C GLN A 102 -3.01 33.19 3.40
N LEU A 103 -3.12 32.94 4.70
CA LEU A 103 -2.96 31.59 5.23
C LEU A 103 -4.09 30.68 4.77
N ASP A 104 -5.32 31.20 4.70
CA ASP A 104 -6.44 30.40 4.21
C ASP A 104 -6.31 30.11 2.73
N GLU A 105 -5.81 31.08 1.96
CA GLU A 105 -5.58 30.86 0.53
C GLU A 105 -4.53 29.78 0.31
N LYS A 106 -3.42 29.86 1.05
CA LYS A 106 -2.35 28.87 0.92
C LYS A 106 -2.82 27.49 1.39
N TYR A 107 -3.65 27.43 2.43
CA TYR A 107 -4.10 26.13 2.91
C TYR A 107 -5.17 25.53 2.01
N ARG A 108 -6.06 26.37 1.47
CA ARG A 108 -7.13 25.89 0.61
C ARG A 108 -6.59 25.41 -0.72
N GLU A 109 -5.64 26.13 -1.30
CA GLU A 109 -5.01 25.68 -2.53
C GLU A 109 -3.69 24.94 -2.25
N SER A 110 -3.49 24.49 -1.02
CA SER A 110 -2.43 23.56 -0.68
C SER A 110 -2.88 22.11 -0.72
N PHE A 111 -4.10 21.84 -1.17
CA PHE A 111 -4.62 20.48 -1.31
C PHE A 111 -4.72 20.19 -2.79
N THR A 112 -3.61 19.74 -3.38
CA THR A 112 -3.56 19.49 -4.82
C THR A 112 -4.07 18.06 -5.02
N GLY A 113 -5.38 17.96 -5.26
CA GLY A 113 -6.03 16.68 -5.51
C GLY A 113 -6.01 15.72 -4.34
N TYR A 114 -6.34 16.19 -3.14
CA TYR A 114 -6.31 15.34 -1.97
C TYR A 114 -7.54 14.43 -1.88
N ASN A 115 -8.57 14.69 -2.68
CA ASN A 115 -9.85 13.98 -2.67
C ASN A 115 -10.49 14.04 -1.28
N LEU A 116 -10.92 15.25 -0.94
CA LEU A 116 -11.57 15.50 0.34
C LEU A 116 -12.94 14.85 0.38
N MET A 117 -12.99 13.63 0.92
CA MET A 117 -14.23 12.93 1.14
C MET A 117 -14.31 12.56 2.61
N VAL A 118 -15.53 12.49 3.12
CA VAL A 118 -15.76 12.01 4.48
C VAL A 118 -16.73 10.86 4.43
N ASN A 119 -16.56 9.93 5.35
CA ASN A 119 -17.28 8.66 5.34
C ASN A 119 -18.00 8.51 6.67
N ASP A 120 -19.31 8.70 6.67
CA ASP A 120 -20.05 8.53 7.90
C ASP A 120 -20.75 7.18 7.91
N LEU A 121 -21.16 6.77 9.10
CA LEU A 121 -21.83 5.49 9.29
C LEU A 121 -23.24 5.73 9.75
N TYR A 122 -24.10 4.76 9.51
CA TYR A 122 -25.47 4.80 9.97
C TYR A 122 -25.88 3.37 10.28
N LEU A 123 -26.78 3.23 11.26
CA LEU A 123 -27.30 1.91 11.62
C LEU A 123 -28.81 2.02 11.80
N THR A 124 -29.56 1.35 10.95
CA THR A 124 -31.01 1.38 11.02
C THR A 124 -31.49 0.12 11.72
N VAL A 125 -32.26 0.29 12.78
CA VAL A 125 -32.84 -0.80 13.54
C VAL A 125 -34.32 -0.88 13.17
N VAL A 126 -34.72 -2.01 12.59
CA VAL A 126 -36.08 -2.19 12.08
C VAL A 126 -36.76 -3.27 12.91
N TYR A 127 -37.93 -2.95 13.45
CA TYR A 127 -38.75 -3.87 14.22
C TYR A 127 -39.95 -4.27 13.39
N ARG A 128 -40.13 -5.58 13.24
CA ARG A 128 -41.31 -6.18 12.63
C ARG A 128 -41.70 -7.34 13.52
N PRO A 129 -42.99 -7.48 13.88
CA PRO A 129 -43.36 -8.44 14.93
C PRO A 129 -43.16 -9.91 14.56
N VAL A 130 -43.72 -10.35 13.45
CA VAL A 130 -43.65 -11.77 13.08
C VAL A 130 -42.33 -12.08 12.38
N PRO A 146 -57.38 -1.90 14.88
CA PRO A 146 -58.18 -1.00 15.71
C PRO A 146 -57.44 -0.51 16.95
N ASP A 147 -58.13 -0.52 18.09
CA ASP A 147 -57.48 -0.20 19.36
C ASP A 147 -56.48 -1.27 19.75
N GLN A 148 -56.73 -2.52 19.36
CA GLN A 148 -55.73 -3.57 19.55
C GLN A 148 -54.51 -3.36 18.67
N LYS A 149 -54.70 -2.79 17.47
CA LYS A 149 -53.57 -2.45 16.63
C LYS A 149 -52.81 -1.26 17.19
N LYS A 150 -53.51 -0.32 17.81
CA LYS A 150 -52.83 0.78 18.51
C LYS A 150 -52.05 0.27 19.73
N HIS A 151 -52.59 -0.73 20.44
CA HIS A 151 -51.88 -1.34 21.54
C HIS A 151 -50.65 -2.10 21.07
N ARG A 152 -50.77 -2.83 19.95
CA ARG A 152 -49.61 -3.52 19.36
C ARG A 152 -48.57 -2.53 18.88
N GLN A 153 -49.01 -1.39 18.35
CA GLN A 153 -48.10 -0.34 17.93
C GLN A 153 -47.35 0.24 19.12
N GLU A 154 -48.06 0.49 20.23
CA GLU A 154 -47.40 0.98 21.43
C GLU A 154 -46.46 -0.06 22.04
N SER A 155 -46.79 -1.34 21.90
CA SER A 155 -45.89 -2.40 22.34
C SER A 155 -44.61 -2.44 21.50
N CYS A 156 -44.74 -2.25 20.18
CA CYS A 156 -43.55 -2.12 19.34
C CYS A 156 -42.75 -0.87 19.67
N ILE A 157 -43.42 0.22 20.06
CA ILE A 157 -42.72 1.43 20.46
C ILE A 157 -41.89 1.19 21.72
N LYS A 158 -42.49 0.51 22.71
CA LYS A 158 -41.77 0.19 23.94
C LYS A 158 -40.63 -0.80 23.70
N ALA A 159 -40.87 -1.80 22.83
CA ALA A 159 -39.84 -2.78 22.53
C ALA A 159 -38.67 -2.16 21.79
N LEU A 160 -38.96 -1.29 20.81
CA LEU A 160 -37.89 -0.65 20.07
C LEU A 160 -37.16 0.40 20.90
N GLU A 161 -37.86 1.00 21.87
CA GLU A 161 -37.16 1.90 22.79
C GLU A 161 -36.24 1.12 23.71
N ASP A 162 -36.63 -0.11 24.09
CA ASP A 162 -35.73 -0.96 24.86
C ASP A 162 -34.51 -1.38 24.04
N ILE A 163 -34.73 -1.70 22.76
CA ILE A 163 -33.62 -2.05 21.86
C ILE A 163 -32.69 -0.86 21.68
N ASN A 164 -33.24 0.35 21.52
CA ASN A 164 -32.42 1.55 21.39
C ASN A 164 -31.67 1.87 22.66
N ARG A 165 -32.27 1.61 23.83
CA ARG A 165 -31.58 1.86 25.10
C ARG A 165 -30.41 0.90 25.28
N THR A 166 -30.61 -0.38 24.96
CA THR A 166 -29.51 -1.35 25.06
C THR A 166 -28.41 -1.05 24.04
N LEU A 167 -28.80 -0.60 22.85
CA LEU A 167 -27.82 -0.30 21.81
C LEU A 167 -27.02 0.95 22.15
N GLY A 168 -27.67 1.95 22.74
CA GLY A 168 -26.93 3.12 23.20
C GLY A 168 -26.06 2.81 24.40
N GLN A 169 -26.46 1.84 25.21
CA GLN A 169 -25.60 1.42 26.31
C GLN A 169 -24.43 0.56 25.84
N SER A 170 -24.51 -0.02 24.64
CA SER A 170 -23.38 -0.76 24.09
C SER A 170 -22.65 0.00 22.99
N PHE A 171 -23.02 1.25 22.72
CA PHE A 171 -22.30 2.10 21.77
C PHE A 171 -21.76 3.34 22.44
N LYS A 172 -21.43 3.24 23.74
CA LYS A 172 -20.90 4.39 24.45
C LYS A 172 -19.49 4.75 23.99
N ARG A 173 -18.72 3.76 23.58
CA ARG A 173 -17.39 4.04 23.03
C ARG A 173 -17.45 4.47 21.58
N TYR A 174 -18.60 4.32 20.93
CA TYR A 174 -18.66 4.41 19.48
C TYR A 174 -19.12 5.77 18.99
N GLY A 175 -19.51 6.67 19.88
CA GLY A 175 -19.99 7.98 19.49
C GLY A 175 -21.31 7.96 18.77
N ALA A 176 -22.13 6.94 19.00
CA ALA A 176 -23.37 6.76 18.25
C ALA A 176 -24.42 7.71 18.79
N GLU A 177 -24.68 8.79 18.06
CA GLU A 177 -25.78 9.67 18.41
C GLU A 177 -27.06 9.10 17.83
N LEU A 178 -28.10 9.03 18.67
CA LEU A 178 -29.42 8.68 18.20
C LEU A 178 -29.92 9.81 17.31
N LEU A 179 -30.39 9.46 16.12
CA LEU A 179 -30.58 10.47 15.08
C LEU A 179 -32.00 11.02 15.05
N SER A 180 -32.67 11.13 16.19
CA SER A 180 -33.79 12.04 16.33
C SER A 180 -33.33 13.33 17.04
N VAL A 181 -32.34 14.01 16.46
CA VAL A 181 -31.60 15.04 17.16
C VAL A 181 -31.76 16.42 16.50
N TYR A 182 -32.03 16.46 15.21
CA TYR A 182 -32.28 17.73 14.50
C TYR A 182 -33.76 18.03 14.42
N GLU A 183 -34.42 17.97 15.56
CA GLU A 183 -35.83 18.28 15.64
C GLU A 183 -36.02 19.74 16.07
N LYS A 184 -37.19 20.28 15.75
CA LYS A 184 -37.61 21.65 16.07
C LYS A 184 -36.63 22.69 15.52
N GLY A 185 -36.21 22.49 14.27
CA GLY A 185 -35.49 23.51 13.55
C GLY A 185 -36.37 24.14 12.49
N GLY A 186 -36.91 25.32 12.77
CA GLY A 186 -37.93 25.88 11.92
C GLY A 186 -39.29 25.33 12.25
N HIS A 187 -39.85 24.51 11.37
CA HIS A 187 -41.14 23.84 11.60
C HIS A 187 -40.90 22.33 11.55
N ALA A 188 -40.40 21.78 12.65
CA ALA A 188 -40.35 20.34 12.95
C ALA A 188 -39.65 19.53 11.86
N PHE A 189 -38.36 19.77 11.69
CA PHE A 189 -37.60 19.03 10.68
C PHE A 189 -37.26 17.63 11.17
N SER A 190 -37.22 16.69 10.23
CA SER A 190 -37.07 15.26 10.54
C SER A 190 -35.62 14.86 10.39
N ALA A 191 -34.99 14.52 11.50
CA ALA A 191 -33.63 13.98 11.56
C ALA A 191 -33.47 12.48 11.28
N PRO A 192 -34.38 11.57 11.66
CA PRO A 192 -34.23 10.20 11.13
C PRO A 192 -34.61 10.08 9.68
N LEU A 193 -35.25 11.10 9.11
CA LEU A 193 -35.28 11.27 7.66
C LEU A 193 -33.99 11.95 7.21
N GLU A 194 -33.97 12.29 5.93
CA GLU A 194 -32.91 12.88 5.11
C GLU A 194 -31.74 11.93 4.87
N PHE A 195 -31.50 10.98 5.78
CA PHE A 195 -30.56 9.92 5.50
C PHE A 195 -31.22 8.91 4.60
N LEU A 196 -32.45 8.55 4.92
CA LEU A 196 -33.33 7.87 3.98
C LEU A 196 -33.67 8.71 2.75
N ALA A 197 -33.38 10.01 2.74
CA ALA A 197 -33.42 10.70 1.47
C ALA A 197 -32.10 10.62 0.74
N ARG A 198 -30.98 10.61 1.47
CA ARG A 198 -29.67 10.63 0.82
C ARG A 198 -29.38 9.32 0.11
N LEU A 199 -30.02 8.23 0.56
CA LEU A 199 -30.01 7.00 -0.21
C LEU A 199 -30.82 7.15 -1.50
N VAL A 200 -32.02 7.74 -1.40
CA VAL A 200 -32.93 7.70 -2.53
C VAL A 200 -32.78 8.92 -3.45
N ASN A 201 -32.31 10.05 -2.93
CA ASN A 201 -32.17 11.24 -3.76
C ASN A 201 -30.74 11.54 -4.18
N GLY A 202 -29.75 11.02 -3.47
CA GLY A 202 -28.37 11.30 -3.80
C GLY A 202 -27.87 12.64 -3.32
N GLU A 203 -28.66 13.37 -2.53
CA GLU A 203 -28.26 14.63 -1.95
C GLU A 203 -29.02 14.83 -0.65
N HIS A 204 -28.32 15.32 0.38
CA HIS A 204 -28.90 15.51 1.70
C HIS A 204 -29.87 16.69 1.65
N ILE A 205 -31.16 16.37 1.56
CA ILE A 205 -32.22 17.37 1.50
C ILE A 205 -32.92 17.39 2.85
N PRO A 206 -32.92 18.51 3.58
CA PRO A 206 -33.50 18.53 4.92
C PRO A 206 -35.01 18.40 4.90
N MET A 207 -35.51 17.24 5.26
CA MET A 207 -36.89 16.85 5.02
C MET A 207 -37.83 17.56 5.98
N PRO A 208 -38.94 18.10 5.49
CA PRO A 208 -39.96 18.68 6.37
C PRO A 208 -41.05 17.68 6.72
N ILE A 209 -41.55 17.79 7.95
CA ILE A 209 -42.66 16.97 8.41
C ILE A 209 -43.94 17.74 8.17
N CYS A 210 -44.83 17.17 7.38
CA CYS A 210 -46.17 17.69 7.19
C CYS A 210 -47.16 16.58 7.52
N ARG A 211 -48.43 16.96 7.64
CA ARG A 211 -49.49 15.99 7.91
C ARG A 211 -49.86 15.29 6.59
N ASP A 212 -48.99 14.38 6.19
CA ASP A 212 -49.11 13.65 4.93
C ASP A 212 -48.32 12.36 5.04
N ARG A 213 -48.17 11.68 3.92
CA ARG A 213 -47.32 10.51 3.84
C ARG A 213 -45.99 10.87 3.21
N PHE A 214 -44.93 10.18 3.64
CA PHE A 214 -43.62 10.43 3.06
C PHE A 214 -43.44 9.76 1.71
N SER A 215 -44.26 8.78 1.39
CA SER A 215 -44.15 8.10 0.11
C SER A 215 -44.90 8.79 -1.02
N ASP A 216 -45.57 9.93 -0.77
CA ASP A 216 -46.37 10.53 -1.82
C ASP A 216 -45.52 11.17 -2.91
N TYR A 217 -44.98 12.36 -2.66
CA TYR A 217 -43.96 12.90 -3.55
C TYR A 217 -42.87 13.60 -2.74
N MET A 218 -42.64 13.14 -1.51
CA MET A 218 -41.68 13.80 -0.63
C MET A 218 -40.24 13.52 -1.06
N ALA A 219 -39.94 12.27 -1.40
CA ALA A 219 -38.61 11.92 -1.93
C ALA A 219 -38.55 12.36 -3.40
N VAL A 220 -37.87 13.47 -3.65
CA VAL A 220 -38.09 14.20 -4.90
C VAL A 220 -37.25 13.62 -6.05
N ASN A 221 -35.94 13.50 -5.87
CA ASN A 221 -35.03 13.24 -6.99
C ASN A 221 -35.06 11.75 -7.33
N ARG A 222 -35.98 11.40 -8.22
CA ARG A 222 -36.14 10.00 -8.60
C ARG A 222 -35.02 9.58 -9.54
N PRO A 223 -34.47 8.38 -9.38
CA PRO A 223 -33.52 7.85 -10.35
C PRO A 223 -34.19 7.06 -11.46
N MET A 224 -33.52 7.05 -12.61
CA MET A 224 -34.01 6.31 -13.77
C MET A 224 -32.99 5.24 -14.14
N PHE A 225 -33.47 4.20 -14.81
CA PHE A 225 -32.65 3.05 -15.17
C PHE A 225 -32.63 2.89 -16.68
N SER A 226 -31.51 2.37 -17.19
CA SER A 226 -31.45 1.96 -18.58
C SER A 226 -32.29 0.70 -18.78
N LYS A 227 -32.66 0.44 -20.04
CA LYS A 227 -33.49 -0.73 -20.33
C LYS A 227 -32.70 -2.02 -20.18
N TRP A 228 -31.37 -1.96 -20.29
CA TRP A 228 -30.54 -3.15 -20.13
C TRP A 228 -30.00 -3.30 -18.73
N GLY A 229 -30.07 -2.25 -17.91
CA GLY A 229 -29.58 -2.34 -16.55
C GLY A 229 -28.08 -2.30 -16.41
N GLU A 230 -27.40 -1.47 -17.20
CA GLU A 230 -25.95 -1.35 -17.07
C GLU A 230 -25.58 -0.35 -15.98
N VAL A 231 -25.95 0.92 -16.18
CA VAL A 231 -25.60 2.02 -15.27
C VAL A 231 -26.82 2.91 -15.14
N GLY A 232 -27.25 3.18 -13.90
CA GLY A 232 -28.42 4.01 -13.71
C GLY A 232 -28.08 5.48 -13.64
N GLU A 233 -29.07 6.34 -13.88
CA GLU A 233 -28.89 7.77 -13.81
C GLU A 233 -29.69 8.35 -12.64
N LEU A 234 -29.18 9.45 -12.09
CA LEU A 234 -29.72 10.05 -10.87
C LEU A 234 -29.66 11.57 -11.03
N ARG A 235 -30.82 12.18 -11.26
CA ARG A 235 -30.92 13.61 -11.53
C ARG A 235 -31.09 14.37 -10.23
N SER A 236 -29.97 14.74 -9.61
CA SER A 236 -30.00 15.52 -8.38
C SER A 236 -30.05 17.01 -8.71
N LEU A 237 -29.83 17.86 -7.70
CA LEU A 237 -29.73 19.29 -7.92
C LEU A 237 -28.30 19.76 -8.13
N THR A 238 -27.31 19.00 -7.65
CA THR A 238 -25.90 19.34 -7.84
C THR A 238 -25.40 18.97 -9.23
N GLY A 239 -26.20 18.26 -10.01
CA GLY A 239 -25.80 17.79 -11.32
C GLY A 239 -26.29 16.37 -11.53
N LEU A 240 -26.36 15.98 -12.79
CA LEU A 240 -26.75 14.61 -13.12
C LEU A 240 -25.60 13.66 -12.78
N ARG A 241 -25.94 12.55 -12.14
CA ARG A 241 -24.97 11.53 -11.78
C ARG A 241 -25.36 10.22 -12.44
N ARG A 242 -24.42 9.28 -12.42
CA ARG A 242 -24.65 7.92 -12.88
C ARG A 242 -23.96 6.96 -11.91
N PHE A 243 -24.64 5.84 -11.63
CA PHE A 243 -24.24 4.97 -10.55
C PHE A 243 -24.28 3.51 -10.99
N GLY A 244 -23.39 2.72 -10.42
CA GLY A 244 -23.36 1.28 -10.65
C GLY A 244 -23.17 0.54 -9.35
N MET A 245 -23.68 -0.69 -9.30
CA MET A 245 -23.73 -1.44 -8.06
C MET A 245 -22.96 -2.74 -8.15
N LEU A 246 -22.54 -3.24 -6.98
CA LEU A 246 -21.87 -4.52 -6.83
C LEU A 246 -22.50 -5.27 -5.66
N GLU A 247 -22.73 -6.57 -5.84
CA GLU A 247 -23.30 -7.40 -4.79
C GLU A 247 -22.28 -8.43 -4.33
N ILE A 248 -22.06 -8.49 -3.03
CA ILE A 248 -21.09 -9.41 -2.45
C ILE A 248 -21.75 -10.76 -2.26
N ARG A 249 -21.16 -11.79 -2.86
CA ARG A 249 -21.58 -13.17 -2.63
C ARG A 249 -20.34 -14.05 -2.59
N GLU A 250 -20.48 -15.19 -1.90
CA GLU A 250 -19.43 -16.19 -1.71
C GLU A 250 -18.17 -15.58 -1.07
N TYR A 251 -18.39 -14.91 0.05
CA TYR A 251 -17.30 -14.41 0.88
C TYR A 251 -16.53 -15.56 1.51
N ASP A 252 -15.34 -15.24 2.01
CA ASP A 252 -14.42 -16.26 2.51
C ASP A 252 -14.95 -16.91 3.79
N ASP A 253 -14.52 -18.14 4.03
CA ASP A 253 -15.00 -18.89 5.17
C ASP A 253 -14.41 -18.36 6.47
N ALA A 254 -13.23 -17.75 6.42
CA ALA A 254 -12.71 -17.03 7.57
C ALA A 254 -13.31 -15.63 7.61
N THR A 255 -12.99 -14.88 8.65
CA THR A 255 -13.48 -13.52 8.79
C THR A 255 -12.47 -12.73 9.62
N GLU A 256 -11.66 -11.92 8.93
CA GLU A 256 -10.86 -10.91 9.62
C GLU A 256 -11.82 -9.90 10.25
N PRO A 257 -11.45 -9.33 11.40
CA PRO A 257 -12.42 -8.47 12.12
C PRO A 257 -12.73 -7.17 11.40
N GLY A 258 -11.75 -6.58 10.74
CA GLY A 258 -11.94 -5.38 9.96
C GLY A 258 -11.71 -5.67 8.49
N GLN A 259 -12.30 -6.77 8.00
CA GLN A 259 -11.89 -7.38 6.74
C GLN A 259 -12.12 -6.46 5.55
N LEU A 260 -13.24 -5.75 5.52
CA LEU A 260 -13.57 -4.93 4.36
C LEU A 260 -13.31 -3.44 4.63
N ASN A 261 -12.25 -3.12 5.37
CA ASN A 261 -11.93 -1.71 5.60
C ASN A 261 -10.92 -1.16 4.60
N VAL A 262 -10.64 -1.91 3.52
CA VAL A 262 -9.77 -1.41 2.47
C VAL A 262 -10.52 -0.51 1.51
N LEU A 263 -11.85 -0.46 1.63
CA LEU A 263 -12.68 0.44 0.84
C LEU A 263 -13.03 1.69 1.60
N LEU A 264 -12.11 2.22 2.41
CA LEU A 264 -12.32 3.51 3.04
C LEU A 264 -11.39 4.58 2.50
N GLU A 265 -10.27 4.22 1.87
CA GLU A 265 -9.49 5.18 1.10
C GLU A 265 -10.34 5.68 -0.07
N SER A 266 -10.64 4.78 -1.01
CA SER A 266 -11.92 4.70 -1.74
C SER A 266 -12.29 6.00 -2.45
N ASP A 267 -11.57 6.28 -3.54
CA ASP A 267 -11.95 7.42 -4.38
C ASP A 267 -13.21 7.16 -5.18
N TYR A 268 -14.36 7.02 -4.51
CA TYR A 268 -15.58 6.51 -5.15
C TYR A 268 -16.79 7.41 -4.97
N GLU A 269 -16.97 8.01 -3.79
CA GLU A 269 -18.23 8.60 -3.34
C GLU A 269 -19.36 7.57 -3.44
N PHE A 270 -19.27 6.56 -2.57
CA PHE A 270 -20.12 5.39 -2.68
C PHE A 270 -21.02 5.24 -1.46
N VAL A 271 -21.91 4.25 -1.52
CA VAL A 271 -22.80 3.91 -0.42
C VAL A 271 -22.76 2.39 -0.26
N LEU A 272 -22.29 1.93 0.89
CA LEU A 272 -22.23 0.51 1.19
C LEU A 272 -23.39 0.17 2.11
N THR A 273 -24.08 -0.94 1.83
CA THR A 273 -25.25 -1.34 2.60
C THR A 273 -25.10 -2.80 3.01
N HIS A 274 -25.05 -3.04 4.32
CA HIS A 274 -25.01 -4.37 4.88
C HIS A 274 -26.33 -4.59 5.61
N SER A 275 -27.22 -5.40 5.04
CA SER A 275 -28.49 -5.69 5.67
C SER A 275 -28.42 -7.05 6.31
N PHE A 276 -28.78 -7.13 7.59
CA PHE A 276 -28.84 -8.37 8.36
C PHE A 276 -30.21 -8.42 9.00
N SER A 277 -31.13 -9.16 8.39
CA SER A 277 -32.45 -9.41 8.96
C SER A 277 -32.37 -10.68 9.79
N VAL A 278 -32.63 -10.56 11.10
CA VAL A 278 -32.30 -11.63 12.04
C VAL A 278 -33.29 -12.77 11.89
N LEU A 279 -32.77 -13.96 11.62
CA LEU A 279 -33.57 -15.17 11.66
C LEU A 279 -33.54 -15.77 13.06
N SER A 280 -34.56 -16.56 13.37
CA SER A 280 -34.69 -17.15 14.69
C SER A 280 -33.73 -18.34 14.84
N ARG A 281 -33.82 -19.01 16.00
CA ARG A 281 -33.01 -20.21 16.20
C ARG A 281 -33.51 -21.42 15.41
N PRO A 282 -34.81 -21.82 15.41
CA PRO A 282 -35.18 -22.99 14.61
C PRO A 282 -35.14 -22.77 13.12
N ALA A 283 -35.31 -21.54 12.63
CA ALA A 283 -35.15 -21.28 11.20
C ALA A 283 -33.70 -21.45 10.77
N ALA A 284 -32.76 -21.01 11.60
CA ALA A 284 -31.34 -21.20 11.30
C ALA A 284 -30.94 -22.67 11.41
N LYS A 285 -31.52 -23.39 12.39
CA LYS A 285 -31.27 -24.82 12.49
C LYS A 285 -31.82 -25.58 11.28
N GLU A 286 -32.98 -25.15 10.77
CA GLU A 286 -33.51 -25.77 9.55
C GLU A 286 -32.67 -25.41 8.34
N TYR A 287 -32.11 -24.20 8.28
CA TYR A 287 -31.23 -23.85 7.17
C TYR A 287 -29.96 -24.67 7.18
N LEU A 288 -29.38 -24.89 8.36
CA LEU A 288 -28.20 -25.75 8.42
C LEU A 288 -28.57 -27.22 8.19
N GLN A 289 -29.81 -27.61 8.49
CA GLN A 289 -30.26 -28.96 8.13
C GLN A 289 -30.31 -29.14 6.62
N ARG A 290 -30.85 -28.15 5.91
CA ARG A 290 -30.87 -28.25 4.45
C ARG A 290 -29.48 -28.11 3.85
N HIS A 291 -28.59 -27.34 4.49
CA HIS A 291 -27.23 -27.21 3.98
C HIS A 291 -26.44 -28.49 4.19
N GLN A 292 -26.65 -29.18 5.31
CA GLN A 292 -26.04 -30.49 5.52
C GLN A 292 -26.63 -31.53 4.59
N LYS A 293 -27.93 -31.41 4.29
CA LYS A 293 -28.55 -32.28 3.30
C LYS A 293 -27.97 -32.05 1.90
N ASN A 294 -27.57 -30.82 1.60
CA ASN A 294 -26.90 -30.57 0.32
C ASN A 294 -25.48 -31.11 0.32
N LEU A 295 -24.74 -30.90 1.40
CA LEU A 295 -23.34 -31.31 1.45
C LEU A 295 -23.15 -32.80 1.68
N ILE A 296 -24.18 -33.53 2.11
CA ILE A 296 -24.07 -34.96 2.30
C ILE A 296 -24.71 -35.74 1.15
N ASP A 297 -25.56 -35.12 0.35
CA ASP A 297 -26.11 -35.75 -0.85
C ASP A 297 -25.48 -35.22 -2.12
N ALA A 298 -24.23 -34.75 -2.03
CA ALA A 298 -23.46 -34.45 -3.23
C ALA A 298 -23.13 -35.75 -3.94
N ARG A 299 -23.10 -35.71 -5.27
CA ARG A 299 -22.99 -36.91 -6.08
C ARG A 299 -21.57 -37.45 -5.98
N ASP A 300 -21.36 -38.25 -4.93
CA ASP A 300 -20.12 -38.99 -4.64
C ASP A 300 -18.91 -38.06 -4.44
N VAL A 301 -19.16 -36.84 -3.99
CA VAL A 301 -18.09 -35.98 -3.48
C VAL A 301 -18.45 -35.68 -2.03
N ALA A 302 -17.99 -36.54 -1.13
CA ALA A 302 -18.08 -36.24 0.30
C ALA A 302 -16.84 -35.42 0.61
N THR A 303 -16.96 -34.10 0.45
CA THR A 303 -15.81 -33.20 0.48
C THR A 303 -15.24 -32.96 1.87
N ASP A 304 -15.73 -33.66 2.89
CA ASP A 304 -15.30 -33.55 4.29
C ASP A 304 -15.48 -32.12 4.81
N GLN A 305 -16.46 -31.41 4.26
CA GLN A 305 -16.81 -30.10 4.76
C GLN A 305 -17.91 -30.17 5.82
N ILE A 306 -18.46 -31.35 6.07
CA ILE A 306 -19.40 -31.49 7.16
C ILE A 306 -18.59 -31.83 8.41
N GLU A 307 -17.86 -30.84 8.91
CA GLU A 307 -17.30 -30.84 10.25
C GLU A 307 -17.32 -29.47 10.89
N GLU A 308 -17.49 -28.40 10.10
CA GLU A 308 -17.64 -27.05 10.61
C GLU A 308 -19.08 -26.58 10.58
N ILE A 309 -19.93 -27.18 9.76
CA ILE A 309 -21.35 -26.88 9.82
C ILE A 309 -22.03 -27.64 10.95
N ASP A 310 -21.54 -28.82 11.33
CA ASP A 310 -22.03 -29.45 12.54
C ASP A 310 -21.53 -28.74 13.78
N GLU A 311 -20.31 -28.20 13.73
CA GLU A 311 -19.83 -27.31 14.79
C GLU A 311 -20.63 -26.02 14.84
N ALA A 312 -21.08 -25.53 13.68
CA ALA A 312 -21.94 -24.35 13.65
C ALA A 312 -23.31 -24.65 14.21
N LEU A 313 -23.82 -25.87 13.96
CA LEU A 313 -25.09 -26.28 14.57
C LEU A 313 -24.96 -26.43 16.08
N ASN A 314 -23.79 -26.89 16.54
CA ASN A 314 -23.53 -26.96 17.98
C ASN A 314 -23.45 -25.57 18.60
N GLN A 315 -22.87 -24.61 17.87
CA GLN A 315 -22.83 -23.23 18.36
C GLN A 315 -24.21 -22.57 18.31
N LEU A 316 -25.06 -23.00 17.39
CA LEU A 316 -26.44 -22.52 17.35
C LEU A 316 -27.27 -23.05 18.51
N ILE A 317 -27.16 -24.36 18.78
CA ILE A 317 -27.92 -24.94 19.89
C ILE A 317 -27.36 -24.45 21.22
N SER A 318 -26.05 -24.24 21.32
CA SER A 318 -25.48 -23.70 22.55
C SER A 318 -25.79 -22.23 22.74
N GLY A 319 -26.18 -21.52 21.68
CA GLY A 319 -26.53 -20.11 21.77
C GLY A 319 -25.41 -19.15 21.49
N HIS A 320 -24.23 -19.64 21.08
CA HIS A 320 -23.09 -18.78 20.83
C HIS A 320 -23.24 -17.92 19.58
N PHE A 321 -24.11 -18.33 18.65
CA PHE A 321 -24.33 -17.59 17.41
C PHE A 321 -25.80 -17.18 17.28
N VAL A 322 -26.04 -16.34 16.28
CA VAL A 322 -27.38 -15.98 15.83
C VAL A 322 -27.28 -15.67 14.34
N MET A 323 -28.05 -16.37 13.52
CA MET A 323 -27.96 -16.27 12.08
C MET A 323 -29.13 -15.48 11.49
N GLY A 324 -28.93 -15.01 10.27
CA GLY A 324 -30.01 -14.29 9.61
C GLY A 324 -29.64 -13.97 8.17
N GLU A 325 -30.65 -13.52 7.44
CA GLU A 325 -30.44 -13.16 6.04
C GLU A 325 -29.61 -11.88 5.94
N HIS A 326 -28.86 -11.76 4.86
CA HIS A 326 -27.90 -10.67 4.74
C HIS A 326 -27.62 -10.42 3.27
N HIS A 327 -27.52 -9.15 2.91
CA HIS A 327 -27.02 -8.76 1.60
C HIS A 327 -26.22 -7.47 1.69
N CYS A 328 -25.17 -7.38 0.88
CA CYS A 328 -24.29 -6.22 0.86
C CYS A 328 -24.24 -5.66 -0.54
N THR A 329 -24.63 -4.39 -0.68
CA THR A 329 -24.61 -3.70 -1.96
C THR A 329 -23.73 -2.46 -1.87
N LEU A 330 -22.78 -2.35 -2.79
CA LEU A 330 -21.96 -1.15 -2.91
C LEU A 330 -22.45 -0.40 -4.15
N THR A 331 -22.99 0.79 -3.92
CA THR A 331 -23.45 1.67 -5.00
C THR A 331 -22.41 2.77 -5.17
N VAL A 332 -21.60 2.67 -6.21
CA VAL A 332 -20.59 3.68 -6.47
C VAL A 332 -21.14 4.67 -7.49
N TYR A 333 -21.03 5.95 -7.17
CA TYR A 333 -21.55 7.04 -7.97
C TYR A 333 -20.45 7.66 -8.82
N GLY A 334 -20.87 8.47 -9.77
CA GLY A 334 -19.92 9.19 -10.61
C GLY A 334 -20.61 9.78 -11.81
N GLU A 335 -19.87 9.86 -12.91
CA GLU A 335 -20.34 10.39 -14.18
C GLU A 335 -19.42 9.85 -15.25
N THR A 336 -19.86 10.00 -16.52
CA THR A 336 -19.10 9.57 -17.71
C THR A 336 -18.73 8.09 -17.63
N VAL A 337 -19.71 7.22 -17.89
CA VAL A 337 -19.79 5.80 -17.51
C VAL A 337 -18.51 4.97 -17.62
N GLN A 338 -17.57 5.38 -18.46
CA GLN A 338 -16.22 4.81 -18.42
C GLN A 338 -15.58 5.03 -17.05
N GLN A 339 -15.80 6.20 -16.45
CA GLN A 339 -15.27 6.44 -15.10
C GLN A 339 -16.01 5.61 -14.05
N VAL A 340 -17.32 5.40 -14.24
CA VAL A 340 -18.08 4.55 -13.33
C VAL A 340 -17.59 3.11 -13.42
N ARG A 341 -17.32 2.62 -14.62
CA ARG A 341 -16.79 1.27 -14.79
C ARG A 341 -15.35 1.16 -14.28
N ASP A 342 -14.58 2.25 -14.36
CA ASP A 342 -13.24 2.26 -13.78
C ASP A 342 -13.31 2.14 -12.26
N ASN A 343 -14.23 2.89 -11.64
CA ASN A 343 -14.43 2.80 -10.19
C ASN A 343 -14.95 1.42 -9.80
N LEU A 344 -15.83 0.83 -10.61
CA LEU A 344 -16.33 -0.50 -10.34
C LEU A 344 -15.21 -1.54 -10.44
N ALA A 345 -14.33 -1.39 -11.42
CA ALA A 345 -13.22 -2.33 -11.58
C ALA A 345 -12.23 -2.20 -10.42
N HIS A 346 -11.98 -0.97 -9.96
CA HIS A 346 -11.10 -0.80 -8.82
C HIS A 346 -11.72 -1.32 -7.53
N ALA A 347 -13.05 -1.18 -7.39
CA ALA A 347 -13.74 -1.74 -6.23
C ALA A 347 -13.71 -3.25 -6.25
N SER A 348 -13.87 -3.85 -7.44
CA SER A 348 -13.79 -5.30 -7.56
C SER A 348 -12.39 -5.81 -7.28
N ALA A 349 -11.37 -5.05 -7.68
CA ALA A 349 -9.99 -5.44 -7.41
C ALA A 349 -9.69 -5.36 -5.92
N ALA A 350 -10.10 -4.27 -5.26
CA ALA A 350 -9.87 -4.14 -3.83
C ALA A 350 -10.74 -5.08 -3.01
N MET A 351 -11.84 -5.58 -3.57
CA MET A 351 -12.63 -6.59 -2.88
C MET A 351 -12.02 -7.97 -3.03
N LEU A 352 -11.61 -8.34 -4.25
CA LEU A 352 -10.99 -9.64 -4.48
C LEU A 352 -9.58 -9.73 -3.93
N ASP A 353 -8.97 -8.61 -3.54
CA ASP A 353 -7.71 -8.67 -2.80
C ASP A 353 -7.94 -9.32 -1.44
N VAL A 354 -9.09 -9.08 -0.82
CA VAL A 354 -9.35 -9.51 0.54
C VAL A 354 -10.36 -10.67 0.56
N ALA A 355 -10.44 -11.43 -0.54
CA ALA A 355 -11.12 -12.72 -0.64
C ALA A 355 -12.62 -12.64 -0.43
N VAL A 356 -13.25 -11.63 -1.02
CA VAL A 356 -14.68 -11.65 -1.28
C VAL A 356 -14.86 -11.47 -2.78
N LEU A 357 -15.92 -12.05 -3.32
CA LEU A 357 -16.13 -12.08 -4.77
C LEU A 357 -17.32 -11.21 -5.14
N PRO A 358 -17.12 -9.99 -5.61
CA PRO A 358 -18.26 -9.15 -5.99
C PRO A 358 -18.80 -9.52 -7.36
N LYS A 359 -20.06 -9.91 -7.41
CA LYS A 359 -20.58 -9.99 -8.75
C LYS A 359 -21.25 -8.67 -9.13
N PRO A 360 -21.08 -8.23 -10.38
CA PRO A 360 -21.84 -7.06 -10.84
C PRO A 360 -23.29 -7.43 -11.06
N VAL A 361 -24.10 -6.41 -11.31
CA VAL A 361 -25.53 -6.59 -11.44
C VAL A 361 -26.01 -6.12 -12.80
N ASP A 362 -26.84 -6.96 -13.43
CA ASP A 362 -27.65 -6.64 -14.60
C ASP A 362 -28.92 -5.93 -14.14
N LEU A 363 -29.98 -5.99 -14.96
CA LEU A 363 -31.28 -5.35 -14.75
C LEU A 363 -31.91 -5.51 -13.36
N ALA A 364 -31.46 -6.50 -12.58
CA ALA A 364 -31.77 -6.58 -11.16
C ALA A 364 -31.22 -5.41 -10.35
N LEU A 365 -30.32 -4.60 -10.92
CA LEU A 365 -29.99 -3.28 -10.38
C LEU A 365 -31.23 -2.42 -10.17
N GLU A 366 -32.22 -2.56 -11.06
CA GLU A 366 -33.52 -1.90 -10.89
C GLU A 366 -34.23 -2.30 -9.61
N ALA A 367 -33.94 -3.48 -9.08
CA ALA A 367 -34.36 -3.83 -7.73
C ALA A 367 -33.29 -3.50 -6.69
N GLY A 368 -32.02 -3.54 -7.09
CA GLY A 368 -30.93 -3.47 -6.12
C GLY A 368 -30.82 -2.11 -5.46
N TYR A 369 -30.98 -1.04 -6.24
CA TYR A 369 -31.06 0.30 -5.64
C TYR A 369 -32.30 0.43 -4.77
N TRP A 370 -33.39 -0.25 -5.15
CA TRP A 370 -34.55 -0.28 -4.27
C TRP A 370 -34.42 -1.32 -3.19
N ALA A 371 -33.30 -2.05 -3.14
CA ALA A 371 -32.90 -2.79 -1.96
C ALA A 371 -32.00 -1.94 -1.05
N GLN A 372 -31.74 -0.69 -1.41
CA GLN A 372 -30.89 0.15 -0.59
C GLN A 372 -31.61 0.60 0.68
N LEU A 373 -32.91 0.86 0.57
CA LEU A 373 -33.66 1.39 1.69
C LEU A 373 -33.90 0.29 2.73
N PRO A 374 -33.93 0.64 4.01
CA PRO A 374 -34.14 -0.37 5.04
C PRO A 374 -35.60 -0.71 5.31
N ALA A 375 -36.40 -0.86 4.26
CA ALA A 375 -37.73 -1.46 4.37
C ALA A 375 -37.99 -2.29 3.11
N ASN A 376 -37.01 -3.07 2.70
CA ASN A 376 -36.95 -3.61 1.34
C ASN A 376 -36.70 -5.11 1.35
N TRP A 377 -37.53 -5.85 2.08
CA TRP A 377 -37.49 -7.31 1.95
C TRP A 377 -38.06 -7.80 0.63
N GLN A 378 -38.85 -6.99 -0.07
CA GLN A 378 -39.44 -7.41 -1.33
C GLN A 378 -38.41 -7.41 -2.45
N TRP A 379 -37.70 -6.31 -2.64
CA TRP A 379 -36.75 -6.17 -3.72
C TRP A 379 -35.33 -6.56 -3.30
N ARG A 380 -35.21 -7.45 -2.33
CA ARG A 380 -33.89 -7.88 -1.87
C ARG A 380 -33.22 -8.73 -2.93
N PRO A 381 -31.96 -8.45 -3.28
CA PRO A 381 -31.32 -9.12 -4.42
C PRO A 381 -31.03 -10.59 -4.20
N ARG A 382 -30.33 -10.90 -3.12
CA ARG A 382 -29.97 -12.27 -2.81
C ARG A 382 -29.81 -12.43 -1.31
N PRO A 383 -30.71 -13.13 -0.64
CA PRO A 383 -30.62 -13.27 0.81
C PRO A 383 -29.65 -14.35 1.24
N ALA A 384 -28.37 -14.00 1.39
CA ALA A 384 -27.42 -14.99 1.87
C ALA A 384 -27.52 -15.11 3.38
N PRO A 385 -27.75 -16.31 3.93
CA PRO A 385 -27.77 -16.46 5.39
C PRO A 385 -26.36 -16.43 5.95
N ILE A 386 -26.13 -15.52 6.89
CA ILE A 386 -24.83 -15.34 7.52
C ILE A 386 -24.99 -15.46 9.02
N THR A 387 -23.89 -15.85 9.67
CA THR A 387 -23.78 -15.79 11.12
C THR A 387 -23.38 -14.38 11.55
N SER A 388 -23.68 -14.05 12.80
CA SER A 388 -23.54 -12.67 13.27
C SER A 388 -22.08 -12.26 13.38
N LEU A 389 -21.18 -13.21 13.62
CA LEU A 389 -19.76 -12.88 13.70
C LEU A 389 -19.20 -12.48 12.34
N ASN A 390 -19.65 -13.15 11.28
CA ASN A 390 -19.25 -12.78 9.93
C ASN A 390 -20.02 -11.58 9.38
N PHE A 391 -21.01 -11.08 10.11
CA PHE A 391 -21.66 -9.82 9.77
C PHE A 391 -20.98 -8.66 10.48
N LEU A 392 -20.66 -8.83 11.76
CA LEU A 392 -19.91 -7.81 12.47
C LEU A 392 -18.47 -7.70 11.99
N SER A 393 -17.92 -8.78 11.43
CA SER A 393 -16.57 -8.72 10.87
C SER A 393 -16.53 -8.01 9.53
N PHE A 394 -17.68 -7.83 8.87
CA PHE A 394 -17.69 -7.12 7.60
C PHE A 394 -17.95 -5.62 7.80
N SER A 395 -18.77 -5.26 8.77
CA SER A 395 -19.02 -3.85 9.02
C SER A 395 -18.66 -3.50 10.46
N PRO A 396 -17.39 -3.50 10.84
CA PRO A 396 -17.05 -3.30 12.26
C PRO A 396 -17.06 -1.85 12.75
N PHE A 397 -16.27 -0.93 12.15
CA PHE A 397 -16.51 0.48 11.79
C PHE A 397 -15.22 1.14 11.29
N HIS A 398 -15.30 2.41 10.87
CA HIS A 398 -14.35 3.05 9.96
C HIS A 398 -13.32 3.91 10.68
N ASN A 399 -12.50 4.62 9.90
CA ASN A 399 -11.42 5.47 10.39
C ASN A 399 -11.96 6.78 10.98
N PHE A 400 -11.05 7.71 11.24
CA PHE A 400 -11.33 8.91 12.03
C PHE A 400 -11.57 10.12 11.14
N MET A 401 -12.67 10.81 11.40
CA MET A 401 -12.96 12.11 10.84
C MET A 401 -13.70 12.89 11.94
N SER A 402 -14.10 14.12 11.63
CA SER A 402 -14.93 14.86 12.55
C SER A 402 -16.37 14.39 12.38
N GLY A 403 -17.00 13.99 13.49
CA GLY A 403 -18.39 13.57 13.46
C GLY A 403 -19.36 14.64 13.03
N LYS A 404 -19.00 15.91 13.23
CA LYS A 404 -19.69 17.03 12.61
C LYS A 404 -18.68 17.82 11.79
N PRO A 405 -18.51 17.49 10.49
CA PRO A 405 -17.63 18.31 9.63
C PRO A 405 -18.10 19.74 9.51
N THR A 406 -19.31 19.96 9.03
CA THR A 406 -19.99 21.24 9.18
C THR A 406 -21.28 21.06 9.97
N GLY A 407 -21.41 21.86 11.04
CA GLY A 407 -22.53 21.72 11.94
C GLY A 407 -22.18 21.91 13.41
N ASN A 408 -21.01 22.45 13.70
CA ASN A 408 -20.53 22.65 15.06
C ASN A 408 -21.26 23.83 15.69
N PRO A 409 -21.03 24.12 16.98
CA PRO A 409 -21.42 25.42 17.53
C PRO A 409 -20.68 26.61 16.93
N TRP A 410 -19.63 26.39 16.15
CA TRP A 410 -19.02 27.40 15.30
C TRP A 410 -18.91 26.79 13.92
N GLY A 411 -18.10 27.38 13.06
CA GLY A 411 -17.66 26.69 11.86
C GLY A 411 -16.52 25.76 12.16
N PRO A 412 -16.22 24.88 11.20
CA PRO A 412 -15.04 24.01 11.33
C PRO A 412 -13.75 24.82 11.24
N ALA A 413 -12.82 24.53 12.16
CA ALA A 413 -11.66 25.39 12.33
C ALA A 413 -10.63 25.17 11.23
N VAL A 414 -10.06 23.97 11.16
CA VAL A 414 -9.07 23.66 10.12
C VAL A 414 -9.43 22.33 9.50
N THR A 415 -9.51 22.28 8.17
CA THR A 415 -9.60 21.01 7.46
C THR A 415 -8.22 20.37 7.41
N ILE A 416 -7.83 19.80 8.56
CA ILE A 416 -6.50 19.21 8.71
C ILE A 416 -6.41 17.95 7.86
N LEU A 417 -5.43 17.92 6.97
CA LEU A 417 -5.24 16.76 6.12
C LEU A 417 -4.43 15.71 6.88
N LYS A 418 -4.24 14.56 6.23
CA LYS A 418 -3.24 13.57 6.60
C LYS A 418 -3.52 12.93 7.96
N THR A 419 -4.74 12.45 8.15
CA THR A 419 -4.85 11.19 8.86
C THR A 419 -4.07 10.25 7.96
N VAL A 420 -3.01 9.64 8.51
CA VAL A 420 -1.92 9.09 7.69
C VAL A 420 -2.45 7.94 6.84
N SER A 421 -2.39 8.14 5.52
CA SER A 421 -3.09 7.33 4.52
C SER A 421 -4.59 7.25 4.83
N GLY A 422 -5.25 8.41 4.76
CA GLY A 422 -6.67 8.43 5.04
C GLY A 422 -7.32 9.77 4.76
N THR A 423 -8.47 9.95 5.39
CA THR A 423 -9.39 11.04 5.12
C THR A 423 -8.92 12.31 5.81
N PRO A 424 -9.55 13.46 5.54
CA PRO A 424 -9.28 14.66 6.34
C PRO A 424 -9.80 14.54 7.76
N LEU A 425 -9.53 15.58 8.55
CA LEU A 425 -9.78 15.57 9.99
C LEU A 425 -10.88 16.51 10.45
N TYR A 426 -10.86 17.77 10.00
CA TYR A 426 -11.77 18.85 10.41
C TYR A 426 -11.72 19.05 11.94
N PHE A 427 -10.55 19.49 12.38
CA PHE A 427 -10.21 19.58 13.80
C PHE A 427 -11.05 20.64 14.50
N ASN A 428 -11.82 20.22 15.50
CA ASN A 428 -12.65 21.12 16.28
C ASN A 428 -12.24 21.10 17.74
N PHE A 429 -12.44 22.23 18.41
CA PHE A 429 -12.12 22.31 19.83
C PHE A 429 -13.17 21.60 20.68
N HIS A 430 -14.43 21.57 20.23
CA HIS A 430 -15.50 20.92 20.96
C HIS A 430 -16.07 19.79 20.12
N ALA A 431 -15.79 18.55 20.52
CA ALA A 431 -16.33 17.39 19.82
C ALA A 431 -17.28 16.60 20.71
N SER A 432 -16.82 16.08 21.84
CA SER A 432 -17.62 15.21 22.70
C SER A 432 -16.88 15.02 24.03
N LYS A 433 -17.50 14.25 24.91
CA LYS A 433 -16.94 13.83 26.19
C LYS A 433 -17.74 12.60 26.62
N GLU A 434 -17.50 12.12 27.83
CA GLU A 434 -18.36 11.09 28.41
C GLU A 434 -19.76 11.68 28.64
N GLU A 435 -20.70 11.23 27.81
CA GLU A 435 -22.00 11.92 27.68
C GLU A 435 -22.94 11.46 28.79
N GLU A 436 -22.66 11.93 30.00
CA GLU A 436 -23.56 11.79 31.13
C GLU A 436 -24.08 13.16 31.54
N ASP A 437 -25.41 13.23 31.70
CA ASP A 437 -26.18 14.47 31.89
C ASP A 437 -25.87 15.48 30.78
N ALA A 438 -26.25 15.09 29.56
CA ALA A 438 -25.95 15.83 28.34
C ALA A 438 -26.68 17.17 28.28
N THR A 439 -27.76 17.30 29.03
CA THR A 439 -28.55 18.52 29.08
C THR A 439 -27.80 19.59 29.89
N ASP A 440 -28.29 20.83 29.83
CA ASP A 440 -27.78 22.03 30.49
C ASP A 440 -26.34 22.34 30.11
N LYS A 441 -25.87 21.91 28.94
CA LYS A 441 -24.51 22.20 28.48
C LYS A 441 -24.50 22.15 26.97
N ARG A 442 -23.65 22.97 26.36
CA ARG A 442 -23.60 23.01 24.91
C ARG A 442 -22.74 21.87 24.37
N LEU A 443 -21.43 21.97 24.59
CA LEU A 443 -20.42 20.96 24.30
C LEU A 443 -19.13 21.40 25.00
N LEU A 444 -18.41 20.43 25.55
CA LEU A 444 -17.15 20.74 26.22
C LEU A 444 -16.10 21.09 25.18
N GLY A 445 -15.45 22.23 25.34
CA GLY A 445 -14.60 22.75 24.28
C GLY A 445 -13.12 22.83 24.56
N ASN A 446 -12.70 22.31 25.71
CA ASN A 446 -11.33 22.48 26.14
C ASN A 446 -10.40 21.50 25.41
N THR A 447 -9.19 21.98 25.12
CA THR A 447 -8.21 21.17 24.41
C THR A 447 -6.87 21.27 25.10
N MET A 448 -6.08 20.20 25.01
CA MET A 448 -4.76 20.14 25.64
C MET A 448 -3.74 19.81 24.55
N LEU A 449 -3.00 20.82 24.12
CA LEU A 449 -2.08 20.69 23.00
C LEU A 449 -0.69 20.46 23.58
N ILE A 450 -0.46 19.26 24.09
CA ILE A 450 0.76 18.95 24.83
C ILE A 450 1.79 18.42 23.86
N GLY A 451 3.05 18.44 24.29
CA GLY A 451 4.15 18.00 23.45
C GLY A 451 5.45 18.46 24.05
N GLN A 452 6.53 17.91 23.50
CA GLN A 452 7.86 18.19 24.05
C GLN A 452 8.27 19.62 23.66
N SER A 453 9.25 20.16 24.40
CA SER A 453 9.56 21.59 24.42
C SER A 453 10.12 22.03 23.08
N SER A 454 9.35 22.89 22.39
CA SER A 454 9.71 23.54 21.12
C SER A 454 9.99 22.52 20.02
N SER A 455 9.29 21.38 20.06
CA SER A 455 9.40 20.37 19.03
C SER A 455 8.24 20.42 18.05
N GLY A 456 7.62 21.57 17.90
CA GLY A 456 6.50 21.73 16.98
C GLY A 456 5.20 22.07 17.67
N LYS A 457 5.30 22.76 18.82
CA LYS A 457 4.12 23.11 19.60
C LYS A 457 3.59 24.49 19.23
N THR A 458 4.46 25.50 19.29
CA THR A 458 4.00 26.87 19.08
C THR A 458 3.62 27.16 17.64
N VAL A 459 4.17 26.40 16.68
CA VAL A 459 3.73 26.58 15.30
C VAL A 459 2.32 26.05 15.10
N LEU A 460 1.99 24.93 15.75
CA LEU A 460 0.64 24.39 15.66
C LEU A 460 -0.35 25.26 16.42
N LEU A 461 0.04 25.78 17.58
CA LEU A 461 -0.86 26.65 18.34
C LEU A 461 -1.09 27.98 17.64
N GLY A 462 -0.03 28.55 17.04
CA GLY A 462 -0.20 29.77 16.27
C GLY A 462 -1.04 29.55 15.03
N PHE A 463 -0.90 28.37 14.39
CA PHE A 463 -1.70 28.09 13.20
C PHE A 463 -3.16 27.90 13.55
N LEU A 464 -3.45 27.23 14.67
CA LEU A 464 -4.84 27.01 15.06
C LEU A 464 -5.50 28.31 15.52
N LEU A 465 -4.78 29.12 16.29
CA LEU A 465 -5.34 30.41 16.71
C LEU A 465 -5.45 31.38 15.55
N ALA A 466 -4.63 31.22 14.51
CA ALA A 466 -4.78 32.06 13.33
C ALA A 466 -5.96 31.63 12.48
N GLN A 467 -6.14 30.32 12.31
CA GLN A 467 -7.22 29.83 11.47
C GLN A 467 -8.58 29.93 12.15
N ALA A 468 -8.61 30.04 13.47
CA ALA A 468 -9.90 30.14 14.16
C ALA A 468 -10.60 31.49 14.00
N GLN A 469 -9.97 32.46 13.35
CA GLN A 469 -10.50 33.82 13.23
C GLN A 469 -11.67 33.93 12.25
N LYS A 470 -12.09 32.84 11.61
CA LYS A 470 -13.13 32.92 10.61
C LYS A 470 -14.53 33.12 11.19
N PHE A 471 -14.71 32.92 12.49
CA PHE A 471 -15.99 33.15 13.15
C PHE A 471 -15.86 34.06 14.36
N LYS A 472 -14.91 35.00 14.29
CA LYS A 472 -14.66 36.09 15.24
C LYS A 472 -14.55 35.69 16.71
N PRO A 473 -13.46 35.04 17.13
CA PRO A 473 -13.21 34.90 18.57
C PRO A 473 -12.28 36.01 19.07
N THR A 474 -12.15 36.08 20.39
CA THR A 474 -11.23 37.00 21.05
C THR A 474 -10.34 36.18 21.97
N ILE A 475 -9.16 35.85 21.48
CA ILE A 475 -8.23 34.94 22.14
C ILE A 475 -7.37 35.72 23.11
N VAL A 476 -7.15 35.17 24.30
CA VAL A 476 -6.27 35.76 25.30
C VAL A 476 -5.20 34.73 25.64
N ALA A 477 -3.94 35.09 25.38
CA ALA A 477 -2.83 34.16 25.43
C ALA A 477 -1.87 34.50 26.58
N PHE A 478 -1.33 33.45 27.19
CA PHE A 478 -0.37 33.55 28.28
C PHE A 478 0.83 32.69 27.92
N ASP A 479 1.98 33.30 27.66
CA ASP A 479 3.00 32.64 26.89
C ASP A 479 4.00 31.89 27.78
N LYS A 480 4.89 31.16 27.12
CA LYS A 480 5.91 30.37 27.83
C LYS A 480 7.21 31.13 27.98
N ASP A 481 7.87 31.45 26.87
CA ASP A 481 9.04 32.34 26.89
C ASP A 481 9.13 33.04 25.53
N ARG A 482 8.46 34.21 25.45
CA ARG A 482 8.48 35.12 24.29
C ARG A 482 8.07 34.42 22.99
N GLY A 483 7.18 33.44 23.09
CA GLY A 483 6.66 32.74 21.94
C GLY A 483 5.44 33.43 21.37
N MET A 484 4.95 32.89 20.24
CA MET A 484 3.72 33.30 19.51
C MET A 484 3.58 34.82 19.32
N GLU A 485 4.70 35.54 19.27
CA GLU A 485 4.67 36.99 19.34
C GLU A 485 4.31 37.60 17.99
N ILE A 486 5.03 37.20 16.94
CA ILE A 486 4.79 37.74 15.61
C ILE A 486 3.42 37.32 15.07
N SER A 487 2.94 36.14 15.48
CA SER A 487 1.64 35.66 15.03
C SER A 487 0.51 36.54 15.57
N ILE A 488 0.48 36.76 16.88
CA ILE A 488 -0.54 37.62 17.48
C ILE A 488 -0.36 39.07 17.08
N ARG A 489 0.88 39.52 16.89
CA ARG A 489 1.10 40.89 16.47
C ARG A 489 0.70 41.14 15.02
N ALA A 490 0.74 40.11 14.17
CA ALA A 490 0.27 40.25 12.80
C ALA A 490 -1.23 40.00 12.68
N MET A 491 -1.82 39.28 13.64
CA MET A 491 -3.26 39.11 13.67
C MET A 491 -4.01 40.39 14.06
N GLY A 492 -3.30 41.41 14.52
CA GLY A 492 -3.93 42.60 15.05
C GLY A 492 -4.05 42.60 16.55
N GLY A 493 -3.31 41.75 17.23
CA GLY A 493 -3.48 41.60 18.66
C GLY A 493 -2.86 42.73 19.45
N ARG A 494 -3.20 42.75 20.74
CA ARG A 494 -2.60 43.73 21.64
C ARG A 494 -1.16 43.36 21.94
N TYR A 495 -0.97 42.23 22.63
CA TYR A 495 0.32 41.61 22.94
C TYR A 495 1.29 42.59 23.62
N LEU A 496 0.97 42.97 24.84
CA LEU A 496 1.94 43.69 25.65
C LEU A 496 3.00 42.70 26.12
N PRO A 497 4.28 42.94 25.85
CA PRO A 497 5.32 42.03 26.37
C PRO A 497 5.82 42.46 27.73
N LEU A 498 5.83 41.55 28.69
CA LEU A 498 6.11 41.89 30.07
C LEU A 498 7.60 41.83 30.37
N LYS A 499 8.09 42.85 31.09
CA LYS A 499 9.48 42.91 31.53
C LYS A 499 9.63 43.27 32.99
N THR A 500 8.59 43.82 33.64
CA THR A 500 8.38 43.99 35.09
C THR A 500 9.25 45.12 35.67
N GLY A 501 10.23 45.59 34.91
CA GLY A 501 11.06 46.70 35.35
C GLY A 501 10.62 48.00 34.73
N GLU A 502 10.22 47.95 33.46
CA GLU A 502 9.71 49.12 32.78
C GLU A 502 8.30 49.44 33.29
N PRO A 503 7.98 50.73 33.33
CA PRO A 503 6.70 51.18 33.84
C PRO A 503 5.54 50.85 32.91
N SER A 504 5.81 50.50 31.66
CA SER A 504 4.78 50.11 30.71
C SER A 504 4.27 48.73 31.12
N GLY A 505 3.16 48.71 31.84
CA GLY A 505 2.57 47.47 32.30
C GLY A 505 1.17 47.75 32.79
N PHE A 506 0.50 46.68 33.20
CA PHE A 506 -0.88 46.83 33.63
C PHE A 506 -0.94 47.35 35.07
N ASN A 507 -1.95 48.16 35.32
CA ASN A 507 -2.18 48.77 36.63
C ASN A 507 -3.37 48.11 37.30
N PRO A 508 -3.34 48.09 38.64
CA PRO A 508 -4.48 47.63 39.43
C PRO A 508 -5.63 48.60 39.20
N PHE A 509 -6.72 48.08 38.63
CA PHE A 509 -7.81 48.94 38.18
C PHE A 509 -8.58 49.53 39.35
N GLN A 510 -8.92 48.67 40.32
CA GLN A 510 -9.40 49.06 41.66
C GLN A 510 -10.70 49.86 41.62
N LEU A 511 -11.57 49.52 40.67
CA LEU A 511 -12.94 50.05 40.73
C LEU A 511 -14.08 49.10 40.34
N PRO A 512 -14.23 47.89 40.93
CA PRO A 512 -15.48 47.16 40.73
C PRO A 512 -16.50 47.51 41.79
N PRO A 513 -17.65 48.10 41.41
CA PRO A 513 -18.65 48.45 42.44
C PRO A 513 -19.59 47.30 42.78
N THR A 514 -19.06 46.09 42.92
CA THR A 514 -19.83 44.94 43.42
C THR A 514 -19.20 44.35 44.66
N HIS A 515 -17.93 43.92 44.57
CA HIS A 515 -17.18 43.33 45.67
C HIS A 515 -15.77 43.90 45.71
N ALA A 516 -15.71 45.24 45.79
CA ALA A 516 -14.45 45.93 46.00
C ALA A 516 -13.81 45.52 47.32
N ASN A 517 -14.63 45.24 48.34
CA ASN A 517 -14.09 44.74 49.61
C ASN A 517 -13.46 43.37 49.45
N LEU A 518 -14.07 42.50 48.63
CA LEU A 518 -13.51 41.18 48.40
C LEU A 518 -12.21 41.25 47.60
N ILE A 519 -12.17 42.11 46.57
CA ILE A 519 -10.93 42.24 45.82
C ILE A 519 -9.86 42.97 46.63
N PHE A 520 -10.26 43.78 47.63
CA PHE A 520 -9.28 44.39 48.51
C PHE A 520 -8.72 43.36 49.49
N LEU A 521 -9.56 42.42 49.95
CA LEU A 521 -9.10 41.28 50.73
C LEU A 521 -8.06 40.46 49.96
N LYS A 522 -8.38 40.13 48.70
CA LYS A 522 -7.48 39.32 47.88
C LYS A 522 -6.19 40.08 47.57
N GLN A 523 -6.29 41.38 47.29
CA GLN A 523 -5.11 42.20 47.03
C GLN A 523 -4.22 42.32 48.25
N PHE A 524 -4.83 42.43 49.44
CA PHE A 524 -4.03 42.55 50.66
C PHE A 524 -3.31 41.24 50.98
N VAL A 525 -3.99 40.10 50.85
CA VAL A 525 -3.37 38.84 51.23
C VAL A 525 -2.29 38.44 50.21
N LYS A 526 -2.54 38.68 48.92
CA LYS A 526 -1.53 38.35 47.92
C LYS A 526 -0.55 39.48 47.69
N LYS A 527 -0.69 40.60 48.39
CA LYS A 527 0.35 41.61 48.44
C LYS A 527 1.30 41.40 49.62
N LEU A 528 0.79 40.97 50.77
CA LEU A 528 1.70 40.58 51.84
C LEU A 528 2.43 39.29 51.51
N ALA A 529 1.74 38.34 50.86
CA ALA A 529 2.31 37.10 50.30
C ALA A 529 3.04 36.24 51.33
N GLY A 533 -5.41 33.48 55.75
CA GLY A 533 -4.29 33.38 56.66
C GLY A 533 -2.95 33.37 55.95
N GLU A 534 -2.54 34.53 55.43
CA GLU A 534 -1.26 34.62 54.72
C GLU A 534 -0.09 34.57 55.69
N VAL A 535 -0.01 35.54 56.60
CA VAL A 535 1.03 35.57 57.61
C VAL A 535 0.48 35.46 59.02
N THR A 536 -0.47 36.32 59.40
CA THR A 536 -1.06 36.28 60.73
C THR A 536 -2.58 36.36 60.75
N HIS A 537 -3.21 36.93 59.71
CA HIS A 537 -4.67 37.10 59.57
C HIS A 537 -5.27 37.85 60.76
N ARG A 538 -4.87 39.11 60.90
CA ARG A 538 -5.29 39.96 62.00
C ARG A 538 -5.88 41.25 61.45
N ASP A 539 -7.22 41.25 61.30
CA ASP A 539 -8.04 42.43 61.03
C ASP A 539 -7.68 43.14 59.73
N GLU A 540 -7.30 42.36 58.70
CA GLU A 540 -7.04 42.96 57.40
C GLU A 540 -8.33 43.37 56.71
N GLU A 541 -9.44 42.73 57.05
CA GLU A 541 -10.74 43.10 56.48
C GLU A 541 -11.21 44.45 56.99
N GLU A 542 -10.86 44.80 58.23
CA GLU A 542 -11.12 46.14 58.73
C GLU A 542 -10.30 47.18 57.99
N ILE A 543 -9.05 46.84 57.63
CA ILE A 543 -8.22 47.72 56.81
C ILE A 543 -8.85 47.90 55.43
N ASP A 544 -9.39 46.83 54.86
CA ASP A 544 -10.02 46.90 53.54
C ASP A 544 -11.30 47.73 53.56
N GLN A 545 -12.17 47.50 54.55
CA GLN A 545 -13.40 48.28 54.66
C GLN A 545 -13.11 49.74 55.02
N ALA A 546 -12.06 49.98 55.81
CA ALA A 546 -11.69 51.35 56.17
C ALA A 546 -11.15 52.10 54.96
N ILE A 547 -10.29 51.45 54.15
CA ILE A 547 -9.74 52.14 53.00
C ILE A 547 -10.81 52.32 51.93
N THR A 548 -11.79 51.41 51.86
CA THR A 548 -12.89 51.58 50.92
C THR A 548 -13.80 52.73 51.33
N ALA A 549 -14.17 52.80 52.62
CA ALA A 549 -15.09 53.83 53.08
C ALA A 549 -14.42 55.20 53.15
N MET A 550 -13.10 55.25 53.30
CA MET A 550 -12.42 56.54 53.39
C MET A 550 -11.96 57.03 52.02
N MET A 551 -11.73 56.12 51.07
CA MET A 551 -11.21 56.54 49.77
C MET A 551 -12.32 56.62 48.73
N SER A 552 -13.11 55.55 48.59
CA SER A 552 -14.10 55.46 47.52
C SER A 552 -15.40 56.09 48.01
N ASP A 553 -15.63 57.33 47.57
CA ASP A 553 -16.89 58.03 47.82
C ASP A 553 -17.22 58.93 46.63
N SER A 554 -17.97 58.41 45.65
CA SER A 554 -18.23 56.98 45.49
C SER A 554 -17.46 56.42 44.30
N ILE A 555 -17.69 57.02 43.14
CA ILE A 555 -17.28 56.50 41.82
C ILE A 555 -16.56 57.64 41.11
N ASP A 556 -15.67 57.29 40.17
CA ASP A 556 -14.94 58.20 39.28
C ASP A 556 -14.05 59.17 40.07
N LYS A 557 -13.07 58.58 40.74
CA LYS A 557 -11.89 59.32 41.17
C LYS A 557 -10.64 58.66 40.58
N SER A 558 -9.61 59.48 40.41
CA SER A 558 -8.45 59.18 39.58
C SER A 558 -7.30 58.62 40.43
N LEU A 559 -6.07 58.79 39.93
CA LEU A 559 -4.87 58.34 40.64
C LEU A 559 -4.68 58.98 42.01
N ARG A 560 -5.43 60.02 42.37
CA ARG A 560 -5.51 60.41 43.78
C ARG A 560 -6.11 59.30 44.62
N ARG A 561 -7.23 58.73 44.15
CA ARG A 561 -7.85 57.57 44.80
C ARG A 561 -6.94 56.35 44.74
N LEU A 562 -6.29 56.12 43.60
CA LEU A 562 -5.37 54.98 43.50
C LEU A 562 -4.14 55.17 44.38
N SER A 563 -3.71 56.42 44.59
CA SER A 563 -2.55 56.70 45.42
C SER A 563 -2.87 56.54 46.90
N LEU A 564 -4.08 56.93 47.31
CA LEU A 564 -4.52 56.64 48.68
C LEU A 564 -4.56 55.13 48.93
N LEU A 565 -5.09 54.38 47.95
CA LEU A 565 -5.15 52.91 48.07
C LEU A 565 -3.76 52.29 48.11
N LEU A 566 -2.80 52.82 47.34
CA LEU A 566 -1.44 52.28 47.35
C LEU A 566 -0.72 52.64 48.66
N GLN A 567 -0.91 53.88 49.14
CA GLN A 567 -0.15 54.34 50.29
C GLN A 567 -0.67 53.83 51.62
N PHE A 568 -1.89 54.20 52.04
CA PHE A 568 -2.26 53.96 53.43
C PHE A 568 -3.76 53.86 53.63
N LEU A 569 -4.14 53.20 54.71
CA LEU A 569 -5.53 53.15 55.16
C LEU A 569 -5.65 53.84 56.52
N HIS A 584 4.59 42.07 48.44
CA HIS A 584 4.66 43.27 47.61
C HIS A 584 4.35 44.53 48.40
N ALA A 585 3.30 44.50 49.24
CA ALA A 585 2.87 45.68 49.97
C ALA A 585 3.94 46.19 50.93
N ARG A 586 4.21 45.44 51.99
CA ARG A 586 5.23 45.84 52.95
C ARG A 586 6.64 45.68 52.39
N LEU A 587 6.87 44.65 51.57
CA LEU A 587 8.20 44.40 51.02
C LEU A 587 8.64 45.50 50.05
N VAL A 588 7.82 45.80 49.04
CA VAL A 588 8.16 46.88 48.12
C VAL A 588 8.02 48.24 48.79
N LYS A 589 7.13 48.37 49.80
CA LYS A 589 7.00 49.62 50.53
C LYS A 589 8.25 49.93 51.35
N TRP A 590 8.96 48.90 51.80
CA TRP A 590 10.19 49.11 52.56
C TRP A 590 11.46 48.95 51.74
N CYS A 591 11.37 48.43 50.51
CA CYS A 591 12.57 48.18 49.72
C CYS A 591 12.70 49.08 48.49
N GLU A 592 11.57 49.47 47.86
CA GLU A 592 11.52 50.30 46.66
C GLU A 592 12.28 49.66 45.49
N GLY A 593 11.75 48.51 45.06
CA GLY A 593 12.28 47.82 43.90
C GLY A 593 11.72 46.42 43.75
N GLY A 594 11.38 46.03 42.52
CA GLY A 594 10.90 44.70 42.20
C GLY A 594 9.51 44.65 41.61
N ASP A 595 8.68 45.65 41.89
CA ASP A 595 7.31 45.68 41.41
C ASP A 595 6.97 47.03 40.79
N TYR A 596 7.86 47.55 39.95
CA TYR A 596 7.60 48.79 39.24
C TYR A 596 6.50 48.66 38.20
N GLY A 597 6.25 47.46 37.68
CA GLY A 597 5.32 47.29 36.58
C GLY A 597 3.85 47.37 36.98
N TRP A 598 3.56 47.47 38.27
CA TRP A 598 2.19 47.54 38.75
C TRP A 598 1.74 49.01 38.80
N LEU A 599 0.61 49.26 39.46
CA LEU A 599 0.04 50.60 39.52
C LEU A 599 0.84 51.53 40.44
N PHE A 600 2.07 51.85 40.05
CA PHE A 600 2.96 52.71 40.83
C PHE A 600 3.09 54.00 40.03
N ASP A 601 2.19 54.95 40.31
CA ASP A 601 2.02 56.18 39.53
C ASP A 601 1.81 55.89 38.05
N ASN A 602 1.02 54.86 37.77
CA ASN A 602 0.54 54.46 36.46
C ASN A 602 -0.98 54.61 36.38
N PRO A 603 -1.52 55.12 35.29
CA PRO A 603 -2.95 55.41 35.23
C PRO A 603 -3.78 54.14 35.08
N THR A 604 -5.09 54.32 35.23
CA THR A 604 -6.03 53.20 35.21
C THR A 604 -6.20 52.66 33.80
N ASP A 605 -5.32 51.73 33.41
CA ASP A 605 -5.37 51.10 32.09
C ASP A 605 -6.37 49.93 32.15
N ALA A 606 -7.65 50.29 32.25
CA ALA A 606 -8.73 49.33 32.40
C ALA A 606 -9.62 49.21 31.17
N LEU A 607 -9.64 50.21 30.30
CA LEU A 607 -10.51 50.24 29.13
C LEU A 607 -9.93 49.48 27.95
N ASP A 608 -8.76 48.86 28.10
CA ASP A 608 -8.07 48.29 26.95
C ASP A 608 -8.49 46.86 26.68
N LEU A 609 -9.79 46.59 26.71
CA LEU A 609 -10.33 45.27 26.39
C LEU A 609 -11.57 45.37 25.49
N SER A 610 -11.71 46.46 24.74
CA SER A 610 -12.67 46.54 23.65
C SER A 610 -12.04 47.02 22.35
N THR A 611 -10.76 47.41 22.35
CA THR A 611 -10.11 47.92 21.16
C THR A 611 -9.63 46.79 20.25
N HIS A 612 -8.73 45.95 20.76
CA HIS A 612 -8.25 44.82 20.00
C HIS A 612 -9.15 43.61 20.27
N GLN A 613 -8.79 42.47 19.67
CA GLN A 613 -9.47 41.21 19.91
C GLN A 613 -8.55 40.18 20.54
N ILE A 614 -7.37 39.99 19.99
CA ILE A 614 -6.38 39.08 20.55
C ILE A 614 -5.55 39.84 21.58
N TYR A 615 -5.43 39.29 22.78
CA TYR A 615 -4.64 39.89 23.83
C TYR A 615 -3.56 38.89 24.22
N GLY A 616 -2.39 39.40 24.59
CA GLY A 616 -1.29 38.49 24.85
C GLY A 616 -0.35 38.96 25.93
N PHE A 617 -0.02 38.08 26.87
CA PHE A 617 0.82 38.44 28.00
C PHE A 617 1.94 37.41 28.15
N ASP A 618 3.15 37.89 28.35
CA ASP A 618 4.33 37.04 28.47
C ASP A 618 4.60 36.75 29.94
N ILE A 619 4.54 35.47 30.31
CA ILE A 619 4.68 35.04 31.69
C ILE A 619 6.00 34.31 31.78
N THR A 620 6.99 34.79 31.02
CA THR A 620 8.27 34.10 30.89
C THR A 620 9.04 34.09 32.21
N GLU A 621 9.34 35.27 32.74
CA GLU A 621 10.16 35.37 33.96
C GLU A 621 9.30 35.27 35.21
N PHE A 622 8.47 34.23 35.30
CA PHE A 622 7.53 34.09 36.41
C PHE A 622 7.45 32.63 36.84
N LEU A 623 8.62 31.99 36.99
CA LEU A 623 8.69 30.66 37.57
C LEU A 623 8.86 30.69 39.08
N ASP A 624 8.61 31.84 39.72
CA ASP A 624 8.77 32.04 41.15
C ASP A 624 7.43 32.27 41.84
N ASN A 625 6.40 31.54 41.40
CA ASN A 625 5.10 31.60 42.04
C ASN A 625 5.19 31.02 43.45
N PRO A 626 4.36 31.50 44.39
CA PRO A 626 3.30 32.51 44.33
C PRO A 626 3.76 33.91 44.73
N GLU A 627 5.03 34.23 44.52
CA GLU A 627 5.51 35.57 44.87
C GLU A 627 4.98 36.61 43.89
N ALA A 628 5.06 36.34 42.61
CA ALA A 628 4.65 37.33 41.62
C ALA A 628 3.65 36.80 40.61
N ARG A 629 3.67 35.50 40.30
CA ARG A 629 2.88 34.99 39.19
C ARG A 629 1.39 34.89 39.51
N THR A 630 1.02 34.50 40.74
CA THR A 630 -0.39 34.38 41.06
C THR A 630 -1.14 35.69 41.32
N PRO A 631 -0.53 36.79 41.84
CA PRO A 631 -1.33 38.03 41.85
C PRO A 631 -1.50 38.66 40.48
N VAL A 632 -0.46 38.58 39.64
CA VAL A 632 -0.52 39.14 38.29
C VAL A 632 -1.58 38.43 37.46
N MET A 633 -1.50 37.10 37.40
CA MET A 633 -2.51 36.33 36.69
C MET A 633 -3.85 36.32 37.42
N MET A 634 -3.85 36.58 38.73
CA MET A 634 -5.09 36.74 39.48
C MET A 634 -5.90 37.93 38.97
N TYR A 635 -5.29 39.11 38.91
CA TYR A 635 -6.07 40.25 38.44
C TYR A 635 -6.19 40.30 36.92
N LEU A 636 -5.26 39.68 36.18
CA LEU A 636 -5.44 39.55 34.73
C LEU A 636 -6.61 38.64 34.40
N LEU A 637 -6.72 37.50 35.09
CA LEU A 637 -7.83 36.61 34.86
C LEU A 637 -9.13 37.17 35.44
N TYR A 638 -9.03 38.01 36.46
CA TYR A 638 -10.20 38.73 36.97
C TYR A 638 -10.77 39.67 35.91
N ARG A 639 -9.90 40.48 35.29
CA ARG A 639 -10.34 41.40 34.25
C ARG A 639 -10.85 40.65 33.02
N THR A 640 -10.08 39.67 32.54
CA THR A 640 -10.46 38.95 31.34
C THR A 640 -11.59 37.95 31.56
N GLU A 641 -11.99 37.70 32.81
CA GLU A 641 -13.19 36.94 33.09
C GLU A 641 -14.40 37.84 33.32
N SER A 642 -14.18 39.07 33.78
CA SER A 642 -15.24 40.06 33.70
C SER A 642 -15.60 40.37 32.26
N MET A 643 -14.63 40.26 31.34
CA MET A 643 -14.92 40.35 29.92
C MET A 643 -15.39 39.00 29.41
N ILE A 644 -16.67 38.89 29.06
CA ILE A 644 -17.21 37.80 28.25
C ILE A 644 -18.13 38.44 27.23
N ASP A 645 -17.77 38.32 25.95
CA ASP A 645 -18.47 38.99 24.87
C ASP A 645 -19.42 38.08 24.10
N GLY A 646 -19.67 36.87 24.59
CA GLY A 646 -20.53 35.92 23.92
C GLY A 646 -19.83 35.03 22.92
N ARG A 647 -18.75 35.52 22.31
CA ARG A 647 -18.00 34.73 21.34
C ARG A 647 -17.08 33.77 22.07
N ARG A 648 -16.32 32.99 21.30
CA ARG A 648 -15.45 31.96 21.86
C ARG A 648 -14.24 32.62 22.52
N PHE A 649 -14.31 32.81 23.83
CA PHE A 649 -13.19 33.37 24.57
C PHE A 649 -12.17 32.25 24.78
N MET A 650 -11.09 32.29 24.00
CA MET A 650 -10.10 31.22 24.01
C MET A 650 -8.96 31.63 24.92
N TYR A 651 -8.99 31.16 26.15
CA TYR A 651 -7.88 31.34 27.09
C TYR A 651 -6.75 30.41 26.68
N VAL A 652 -5.72 30.94 26.02
CA VAL A 652 -4.60 30.14 25.55
C VAL A 652 -3.50 30.21 26.61
N PHE A 653 -3.09 29.05 27.11
CA PHE A 653 -2.01 28.96 28.08
C PHE A 653 -0.86 28.16 27.49
N ASP A 654 0.36 28.57 27.84
CA ASP A 654 1.56 27.80 27.53
C ASP A 654 2.22 27.45 28.86
N GLU A 655 2.42 26.15 29.10
CA GLU A 655 2.79 25.58 30.40
C GLU A 655 1.81 26.03 31.49
N PHE A 656 0.56 25.54 31.35
CA PHE A 656 -0.53 25.95 32.23
C PHE A 656 -0.31 25.53 33.67
N TRP A 657 0.48 24.48 33.92
CA TRP A 657 0.75 24.06 35.28
C TRP A 657 1.74 24.98 36.00
N LYS A 658 2.47 25.82 35.26
CA LYS A 658 3.48 26.66 35.89
C LYS A 658 2.88 27.82 36.70
N PRO A 659 2.03 28.73 36.13
CA PRO A 659 1.58 29.86 36.96
C PRO A 659 0.44 29.53 37.91
N LEU A 660 -0.45 28.61 37.54
CA LEU A 660 -1.63 28.30 38.35
C LEU A 660 -1.25 27.34 39.46
N GLN A 661 -0.53 27.86 40.45
CA GLN A 661 -0.05 27.09 41.59
C GLN A 661 -0.48 27.71 42.91
N ASP A 662 -1.74 28.12 43.00
CA ASP A 662 -2.32 28.62 44.23
C ASP A 662 -3.76 28.15 44.34
N GLU A 663 -4.28 28.17 45.58
CA GLU A 663 -5.61 27.65 45.84
C GLU A 663 -6.71 28.54 45.29
N TYR A 664 -6.43 29.83 45.09
CA TYR A 664 -7.37 30.72 44.40
C TYR A 664 -7.61 30.24 42.98
N PHE A 665 -6.55 29.83 42.28
CA PHE A 665 -6.73 29.27 40.96
C PHE A 665 -7.33 27.88 40.98
N GLU A 666 -7.26 27.17 42.11
CA GLU A 666 -8.01 25.92 42.23
C GLU A 666 -9.50 26.18 42.33
N ASP A 667 -9.89 27.19 43.11
CA ASP A 667 -11.30 27.56 43.20
C ASP A 667 -11.82 28.09 41.87
N LEU A 668 -10.96 28.80 41.13
CA LEU A 668 -11.33 29.22 39.78
C LEU A 668 -11.42 28.04 38.82
N ALA A 669 -10.48 27.10 38.89
CA ALA A 669 -10.48 25.92 38.04
C ALA A 669 -11.61 24.95 38.35
N LYS A 670 -12.28 25.10 39.48
CA LYS A 670 -13.59 24.47 39.65
C LYS A 670 -14.69 25.35 39.08
N ASN A 671 -14.93 26.50 39.72
CA ASN A 671 -16.18 27.23 39.51
C ASN A 671 -16.14 28.04 38.22
N LYS A 672 -15.07 28.82 38.02
CA LYS A 672 -14.91 29.60 36.81
C LYS A 672 -14.77 28.69 35.59
N GLN A 673 -14.13 27.53 35.75
CA GLN A 673 -14.01 26.61 34.62
C GLN A 673 -15.37 26.06 34.22
N LYS A 674 -16.22 25.73 35.21
CA LYS A 674 -17.59 25.31 34.91
C LYS A 674 -18.38 26.43 34.23
N THR A 675 -18.23 27.67 34.72
CA THR A 675 -19.03 28.78 34.19
C THR A 675 -18.56 29.21 32.80
N ILE A 676 -17.26 29.11 32.51
CA ILE A 676 -16.75 29.53 31.22
C ILE A 676 -16.93 28.44 30.17
N ARG A 677 -16.66 27.17 30.50
CA ARG A 677 -16.99 26.09 29.57
C ARG A 677 -18.49 25.91 29.39
N LYS A 678 -19.31 26.43 30.30
CA LYS A 678 -20.73 26.57 30.04
C LYS A 678 -20.99 27.63 28.97
N GLN A 679 -20.54 28.85 29.20
CA GLN A 679 -21.04 30.03 28.49
C GLN A 679 -20.09 30.47 27.38
N ASN A 680 -19.94 29.58 26.38
CA ASN A 680 -19.23 29.86 25.12
C ASN A 680 -17.77 30.26 25.32
N GLY A 681 -17.11 29.61 26.27
CA GLY A 681 -15.69 29.82 26.46
C GLY A 681 -14.89 28.59 26.11
N ILE A 682 -13.61 28.76 25.76
CA ILE A 682 -12.76 27.66 25.34
C ILE A 682 -11.39 27.85 25.97
N PHE A 683 -10.93 26.85 26.71
CA PHE A 683 -9.59 26.82 27.25
C PHE A 683 -8.69 26.02 26.32
N VAL A 684 -7.56 26.59 25.95
CA VAL A 684 -6.57 25.94 25.09
C VAL A 684 -5.27 25.90 25.85
N PHE A 685 -5.00 24.78 26.52
CA PHE A 685 -3.73 24.65 27.21
C PHE A 685 -2.66 24.08 26.27
N ALA A 686 -1.41 24.34 26.62
CA ALA A 686 -0.29 23.68 25.96
C ALA A 686 0.82 23.55 27.00
N THR A 687 0.84 22.41 27.69
CA THR A 687 1.93 22.12 28.61
C THR A 687 3.04 21.39 27.87
N GLN A 688 4.18 21.26 28.54
CA GLN A 688 5.37 20.69 27.90
C GLN A 688 5.84 19.41 28.56
N GLU A 689 5.89 19.36 29.88
CA GLU A 689 6.31 18.18 30.62
C GLU A 689 5.11 17.66 31.40
N PRO A 690 4.28 16.79 30.80
CA PRO A 690 3.06 16.37 31.48
C PRO A 690 3.28 15.43 32.64
N SER A 691 4.30 14.56 32.57
CA SER A 691 4.64 13.72 33.70
C SER A 691 5.28 14.52 34.83
N ASP A 692 5.78 15.72 34.55
CA ASP A 692 6.17 16.66 35.58
C ASP A 692 5.05 17.61 35.96
N ALA A 693 3.96 17.63 35.18
CA ALA A 693 2.80 18.45 35.52
C ALA A 693 1.77 17.68 36.34
N LEU A 694 1.80 16.35 36.30
CA LEU A 694 0.76 15.53 36.90
C LEU A 694 0.84 15.43 38.43
N GLU A 695 1.82 16.09 39.05
CA GLU A 695 1.91 16.03 40.51
C GLU A 695 0.87 16.93 41.18
N SER A 696 0.43 17.98 40.49
CA SER A 696 -0.55 18.90 41.06
C SER A 696 -1.96 18.42 40.76
N ASN A 697 -2.86 18.63 41.73
CA ASN A 697 -4.26 18.25 41.56
C ASN A 697 -5.02 19.22 40.66
N ILE A 698 -4.52 20.46 40.53
CA ILE A 698 -5.09 21.43 39.61
C ILE A 698 -4.95 20.94 38.17
N ALA A 699 -3.79 20.38 37.84
CA ALA A 699 -3.60 19.77 36.53
C ALA A 699 -4.50 18.55 36.33
N LYS A 700 -4.77 17.81 37.41
CA LYS A 700 -5.65 16.64 37.29
C LYS A 700 -7.09 17.06 37.00
N THR A 701 -7.60 18.05 37.74
CA THR A 701 -8.97 18.50 37.50
C THR A 701 -9.09 19.35 36.24
N LEU A 702 -7.97 19.79 35.66
CA LEU A 702 -8.02 20.38 34.33
C LEU A 702 -7.87 19.36 33.21
N ILE A 703 -7.28 18.20 33.50
CA ILE A 703 -7.27 17.10 32.53
C ILE A 703 -8.64 16.45 32.44
N GLN A 704 -9.30 16.24 33.59
CA GLN A 704 -10.57 15.52 33.61
C GLN A 704 -11.71 16.30 32.95
N GLN A 705 -11.55 17.61 32.75
CA GLN A 705 -12.59 18.41 32.12
C GLN A 705 -12.03 19.03 30.85
N CYS A 706 -11.39 18.22 30.02
CA CYS A 706 -10.78 18.69 28.79
C CYS A 706 -11.18 17.76 27.66
N ALA A 707 -11.67 18.33 26.56
CA ALA A 707 -12.30 17.50 25.54
C ALA A 707 -11.29 16.85 24.61
N THR A 708 -10.53 17.65 23.86
CA THR A 708 -9.69 17.10 22.79
C THR A 708 -8.22 17.25 23.13
N TYR A 709 -7.48 16.16 23.01
CA TYR A 709 -6.07 16.12 23.34
C TYR A 709 -5.24 16.04 22.08
N ILE A 710 -4.05 16.65 22.11
CA ILE A 710 -3.09 16.59 21.03
C ILE A 710 -1.76 16.23 21.67
N PHE A 711 -1.20 15.08 21.33
CA PHE A 711 0.13 14.68 21.80
C PHE A 711 1.09 14.81 20.63
N LEU A 712 2.11 15.66 20.77
CA LEU A 712 2.87 16.09 19.59
C LEU A 712 4.13 15.27 19.33
N ALA A 713 5.13 15.38 20.20
CA ALA A 713 6.46 14.87 19.90
C ALA A 713 7.12 14.29 21.14
N ASN A 714 6.38 13.51 21.91
CA ASN A 714 6.93 12.93 23.13
C ASN A 714 7.95 11.85 22.80
N PRO A 715 9.21 11.98 23.21
CA PRO A 715 10.20 10.94 22.90
C PRO A 715 10.15 9.80 23.90
N LYS A 716 11.11 8.88 23.79
CA LYS A 716 11.18 7.71 24.67
C LYS A 716 11.62 8.05 26.09
N ALA A 717 11.97 9.32 26.37
CA ALA A 717 12.23 9.73 27.75
C ALA A 717 10.97 9.67 28.59
N ASP A 718 9.82 10.00 28.00
CA ASP A 718 8.55 9.79 28.66
C ASP A 718 8.17 8.31 28.58
N TYR A 719 7.29 7.90 29.49
CA TYR A 719 7.06 6.48 29.72
C TYR A 719 5.56 6.25 29.89
N GLU A 720 5.21 5.11 30.50
CA GLU A 720 3.85 4.55 30.56
C GLU A 720 2.87 5.36 31.40
N ASP A 721 3.22 6.54 31.89
CA ASP A 721 2.27 7.39 32.60
C ASP A 721 1.37 8.19 31.67
N TYR A 722 1.45 7.98 30.36
CA TYR A 722 0.44 8.53 29.45
C TYR A 722 -0.82 7.67 29.47
N THR A 723 -0.70 6.40 29.86
CA THR A 723 -1.84 5.51 29.84
C THR A 723 -2.79 5.75 31.01
N GLN A 724 -2.28 6.26 32.13
CA GLN A 724 -3.10 6.59 33.29
C GLN A 724 -3.11 8.10 33.46
N GLY A 725 -4.28 8.65 33.80
CA GLY A 725 -4.44 10.08 33.88
C GLY A 725 -4.86 10.69 32.56
N PHE A 726 -4.06 10.51 31.52
CA PHE A 726 -4.39 11.02 30.20
C PHE A 726 -5.33 10.11 29.43
N LYS A 727 -5.65 8.94 29.98
CA LYS A 727 -6.64 7.99 29.45
C LYS A 727 -6.28 7.52 28.03
N LEU A 728 -5.15 6.82 27.94
CA LEU A 728 -4.71 6.21 26.70
C LEU A 728 -4.73 4.68 26.83
N THR A 729 -4.74 4.03 25.68
CA THR A 729 -4.45 2.60 25.61
C THR A 729 -2.94 2.43 25.40
N ASP A 730 -2.50 1.21 25.10
CA ASP A 730 -1.08 1.01 24.85
C ASP A 730 -0.71 1.37 23.41
N SER A 731 -1.63 1.20 22.46
CA SER A 731 -1.32 1.47 21.07
C SER A 731 -1.17 2.96 20.81
N GLU A 732 -1.92 3.81 21.51
CA GLU A 732 -1.79 5.24 21.31
C GLU A 732 -0.46 5.76 21.86
N PHE A 733 -0.03 5.24 23.01
CA PHE A 733 1.29 5.59 23.52
C PHE A 733 2.40 5.03 22.64
N GLU A 734 2.18 3.86 22.05
CA GLU A 734 3.15 3.30 21.10
C GLU A 734 3.25 4.17 19.86
N LEU A 735 2.13 4.73 19.40
CA LEU A 735 2.15 5.64 18.26
C LEU A 735 2.86 6.95 18.58
N VAL A 736 2.58 7.53 19.75
CA VAL A 736 3.22 8.82 20.07
C VAL A 736 4.69 8.64 20.44
N ARG A 737 5.12 7.44 20.85
CA ARG A 737 6.53 7.22 21.04
C ARG A 737 7.22 6.82 19.74
N GLY A 738 6.48 6.22 18.81
CA GLY A 738 7.02 5.76 17.55
C GLY A 738 7.00 6.76 16.42
N LEU A 739 6.32 7.91 16.59
CA LEU A 739 6.50 8.97 15.60
C LEU A 739 7.90 9.58 15.68
N GLY A 740 8.53 9.53 16.85
CA GLY A 740 9.90 9.98 16.98
C GLY A 740 10.02 11.36 17.56
N GLU A 741 11.03 12.11 17.10
CA GLU A 741 11.31 13.44 17.63
C GLU A 741 11.07 14.54 16.60
N PHE A 742 11.63 14.41 15.40
CA PHE A 742 11.55 15.45 14.39
C PHE A 742 10.66 15.07 13.22
N SER A 743 9.53 14.40 13.48
CA SER A 743 8.58 14.06 12.44
C SER A 743 7.46 15.07 12.29
N ARG A 744 7.22 15.88 13.33
CA ARG A 744 6.31 17.05 13.29
C ARG A 744 4.86 16.68 13.01
N ARG A 745 4.48 15.44 13.33
CA ARG A 745 3.09 15.00 13.25
C ARG A 745 2.62 14.65 14.66
N PHE A 746 1.32 14.72 14.88
CA PHE A 746 0.80 14.59 16.23
C PHE A 746 -0.39 13.64 16.28
N LEU A 747 -0.53 12.96 17.42
CA LEU A 747 -1.69 12.13 17.67
C LEU A 747 -2.82 13.00 18.22
N ILE A 748 -3.90 13.10 17.47
CA ILE A 748 -5.10 13.81 17.88
C ILE A 748 -6.07 12.79 18.46
N LYS A 749 -6.64 13.10 19.62
CA LYS A 749 -7.61 12.24 20.26
C LYS A 749 -8.81 13.07 20.68
N GLN A 750 -9.99 12.69 20.22
CA GLN A 750 -11.24 13.37 20.57
C GLN A 750 -12.21 12.33 21.07
N GLY A 751 -12.61 12.45 22.34
CA GLY A 751 -13.53 11.52 22.94
C GLY A 751 -12.97 10.12 23.06
N ASP A 752 -13.46 9.21 22.24
CA ASP A 752 -12.96 7.85 22.17
C ASP A 752 -12.33 7.53 20.82
N GLN A 753 -12.02 8.54 20.01
CA GLN A 753 -11.41 8.36 18.71
C GLN A 753 -10.02 8.97 18.69
N SER A 754 -9.13 8.38 17.89
CA SER A 754 -7.75 8.84 17.84
C SER A 754 -7.15 8.51 16.48
N ALA A 755 -6.36 9.45 15.95
CA ALA A 755 -5.58 9.20 14.73
C ALA A 755 -4.39 10.15 14.72
N LEU A 756 -3.66 10.17 13.61
CA LEU A 756 -2.52 11.05 13.43
C LEU A 756 -2.90 12.23 12.56
N ALA A 757 -2.06 13.26 12.58
CA ALA A 757 -2.28 14.43 11.74
C ALA A 757 -0.96 15.11 11.47
N GLU A 758 -0.81 15.63 10.26
CA GLU A 758 0.38 16.35 9.82
C GLU A 758 0.00 17.78 9.45
N MET A 759 0.97 18.50 8.90
CA MET A 759 0.73 19.85 8.39
C MET A 759 0.95 20.01 6.89
N ASN A 760 1.90 19.26 6.30
CA ASN A 760 2.19 19.22 4.86
C ASN A 760 2.56 20.61 4.32
N LEU A 761 3.71 21.10 4.80
CA LEU A 761 4.23 22.39 4.37
C LEU A 761 5.23 22.18 3.23
N GLY A 762 4.73 21.64 2.12
CA GLY A 762 5.52 21.50 0.92
C GLY A 762 4.77 21.59 -0.39
N LYS A 763 3.51 22.02 -0.34
CA LYS A 763 2.59 21.82 -1.44
C LYS A 763 2.77 22.85 -2.54
N PHE A 764 2.30 22.49 -3.74
CA PHE A 764 2.31 23.37 -4.90
C PHE A 764 1.03 23.14 -5.69
N ARG A 765 0.71 24.11 -6.55
CA ARG A 765 -0.54 24.10 -7.30
C ARG A 765 -0.26 24.18 -8.79
N THR A 766 -1.30 23.91 -9.58
CA THR A 766 -1.26 24.00 -11.03
C THR A 766 -2.37 24.93 -11.47
N ILE A 767 -2.01 26.12 -11.95
CA ILE A 767 -3.03 27.07 -12.41
C ILE A 767 -3.39 26.82 -13.87
N VAL A 768 -2.43 26.88 -14.78
CA VAL A 768 -2.61 26.50 -16.18
C VAL A 768 -1.55 25.50 -16.63
N ASP A 769 -0.39 25.49 -15.97
CA ASP A 769 0.73 24.64 -16.36
C ASP A 769 1.47 24.01 -15.19
N GLY A 770 1.27 24.48 -13.97
CA GLY A 770 2.06 24.03 -12.83
C GLY A 770 2.91 25.15 -12.28
N GLU A 771 2.44 25.78 -11.20
CA GLU A 771 3.09 26.95 -10.64
C GLU A 771 4.29 26.51 -9.81
N THR A 772 5.00 27.46 -9.21
CA THR A 772 6.18 27.17 -8.41
C THR A 772 5.78 26.57 -7.07
N VAL A 773 6.74 25.92 -6.43
CA VAL A 773 6.52 25.28 -5.14
C VAL A 773 6.49 26.39 -4.08
N GLU A 774 5.42 26.41 -3.28
CA GLU A 774 5.23 27.47 -2.29
C GLU A 774 5.99 27.20 -1.01
N ARG A 775 6.17 25.93 -0.64
CA ARG A 775 6.86 25.41 0.55
C ARG A 775 6.16 25.75 1.87
N ASP A 776 5.06 26.52 1.80
CA ASP A 776 4.38 27.12 2.96
C ASP A 776 5.36 27.82 3.90
N PHE A 777 6.36 28.50 3.33
CA PHE A 777 7.41 29.13 4.12
C PHE A 777 7.26 30.64 4.20
N ASP A 778 6.54 31.25 3.27
CA ASP A 778 6.01 32.58 3.52
C ASP A 778 4.89 32.44 4.55
N ASP A 779 4.91 33.33 5.56
CA ASP A 779 4.07 33.25 6.75
C ASP A 779 4.23 31.91 7.46
N GLU A 780 5.48 31.57 7.78
CA GLU A 780 5.76 30.40 8.59
C GLU A 780 6.75 30.74 9.70
N LEU A 781 7.66 31.68 9.43
CA LEU A 781 8.50 32.22 10.48
C LEU A 781 7.77 33.26 11.32
N LEU A 782 6.61 33.71 10.86
CA LEU A 782 5.78 34.62 11.64
C LEU A 782 4.94 33.84 12.65
N VAL A 783 4.62 32.58 12.37
CA VAL A 783 3.89 31.75 13.33
C VAL A 783 4.80 30.85 14.14
N LEU A 784 6.05 30.64 13.70
CA LEU A 784 6.99 29.90 14.53
C LEU A 784 7.51 30.75 15.67
N SER A 785 7.61 32.07 15.43
CA SER A 785 7.97 33.09 16.42
C SER A 785 9.33 32.81 17.06
N GLY A 786 10.36 32.86 16.23
CA GLY A 786 11.71 33.00 16.76
C GLY A 786 11.83 34.33 17.46
N THR A 787 12.35 34.29 18.70
CA THR A 787 12.25 35.47 19.57
C THR A 787 13.03 36.70 19.08
N PRO A 788 14.37 36.63 18.72
CA PRO A 788 15.10 37.90 18.53
C PRO A 788 14.70 38.68 17.29
N ASP A 789 14.60 37.97 16.15
CA ASP A 789 14.32 38.65 14.88
C ASP A 789 12.91 39.25 14.87
N ASN A 790 11.90 38.45 15.22
CA ASN A 790 10.52 38.93 15.21
C ASN A 790 10.27 39.95 16.30
N ALA A 791 10.88 39.77 17.48
CA ALA A 791 10.71 40.72 18.57
C ALA A 791 11.31 42.08 18.23
N GLU A 792 12.58 42.08 17.81
CA GLU A 792 13.26 43.31 17.43
C GLU A 792 12.61 44.01 16.24
N ILE A 793 12.23 43.26 15.20
CA ILE A 793 11.68 43.93 14.03
C ILE A 793 10.24 44.38 14.30
N ALA A 794 9.49 43.67 15.15
CA ALA A 794 8.13 44.10 15.47
C ALA A 794 8.17 45.36 16.31
N GLU A 795 9.05 45.42 17.32
CA GLU A 795 9.19 46.64 18.12
C GLU A 795 9.66 47.82 17.28
N SER A 796 10.64 47.59 16.38
CA SER A 796 11.18 48.71 15.61
C SER A 796 10.19 49.21 14.56
N ILE A 797 9.34 48.35 14.02
CA ILE A 797 8.46 48.85 12.97
C ILE A 797 7.03 49.10 13.47
N ILE A 798 6.78 48.90 14.76
CA ILE A 798 5.68 49.60 15.41
C ILE A 798 6.16 50.93 16.00
N ALA A 799 7.47 51.07 16.20
CA ALA A 799 8.05 52.39 16.46
C ALA A 799 8.41 53.15 15.20
N GLU A 800 8.24 52.54 14.03
CA GLU A 800 8.46 53.21 12.75
C GLU A 800 7.17 53.65 12.09
N VAL A 801 6.15 52.80 12.07
CA VAL A 801 4.82 53.18 11.61
C VAL A 801 3.89 52.98 12.81
N GLY A 802 2.86 53.83 12.93
CA GLY A 802 2.16 53.98 14.19
C GLY A 802 1.21 52.86 14.54
N ASP A 803 0.16 52.66 13.76
CA ASP A 803 -0.82 51.62 14.05
C ASP A 803 -0.23 50.25 13.76
N ASP A 804 -0.67 49.24 14.51
CA ASP A 804 -0.20 47.87 14.36
C ASP A 804 -0.66 47.30 13.02
N PRO A 805 0.23 47.04 12.09
CA PRO A 805 -0.20 46.68 10.74
C PRO A 805 -0.32 45.18 10.53
N ALA A 806 -1.30 44.79 9.73
CA ALA A 806 -1.27 43.49 9.06
C ALA A 806 -0.77 43.63 7.63
N VAL A 807 -0.75 44.86 7.10
CA VAL A 807 -0.33 45.10 5.73
C VAL A 807 1.10 45.60 5.64
N TRP A 808 1.67 46.15 6.71
CA TRP A 808 3.01 46.70 6.66
C TRP A 808 3.99 46.08 7.64
N LEU A 809 3.52 45.44 8.70
CA LEU A 809 4.42 44.68 9.56
C LEU A 809 5.04 43.45 8.89
N PRO A 810 4.30 42.57 8.18
CA PRO A 810 5.01 41.44 7.54
C PRO A 810 5.86 41.83 6.34
N ILE A 811 5.74 43.04 5.82
CA ILE A 811 6.60 43.47 4.71
C ILE A 811 8.05 43.62 5.18
N PHE A 812 8.29 44.51 6.13
CA PHE A 812 9.66 44.63 6.64
C PHE A 812 10.03 43.48 7.56
N LEU A 813 9.05 42.73 8.10
CA LEU A 813 9.38 41.49 8.78
C LEU A 813 9.94 40.46 7.81
N ASP A 814 9.35 40.36 6.61
CA ASP A 814 9.88 39.52 5.53
C ASP A 814 11.26 40.02 5.11
N ARG A 815 11.46 41.33 5.11
CA ARG A 815 12.78 41.89 4.79
C ARG A 815 13.84 41.47 5.81
N VAL A 816 13.53 41.65 7.11
CA VAL A 816 14.51 41.36 8.14
C VAL A 816 14.68 39.86 8.39
N LYS A 817 13.74 39.03 7.96
CA LYS A 817 13.96 37.60 8.00
C LYS A 817 14.70 37.12 6.77
N ALA A 818 14.45 37.74 5.62
CA ALA A 818 15.12 37.35 4.39
C ALA A 818 16.59 37.74 4.39
N GLU A 819 16.94 38.82 5.11
CA GLU A 819 18.34 39.21 5.23
C GLU A 819 19.16 38.13 5.92
N ARG A 820 18.68 37.64 7.07
CA ARG A 820 19.37 36.57 7.79
C ARG A 820 19.32 35.27 6.99
N SER A 821 18.13 34.89 6.50
CA SER A 821 17.97 33.61 5.80
C SER A 821 18.63 33.57 4.43
N ASP A 822 19.08 34.71 3.90
CA ASP A 822 19.82 34.72 2.64
C ASP A 822 21.32 34.90 2.85
N VAL A 823 21.74 35.93 3.60
CA VAL A 823 23.16 36.20 3.75
C VAL A 823 23.79 35.21 4.72
N GLY A 824 23.12 34.93 5.85
CA GLY A 824 23.73 34.10 6.89
C GLY A 824 23.80 32.63 6.57
N SER A 825 23.00 32.15 5.62
CA SER A 825 22.90 30.72 5.33
C SER A 825 23.36 30.34 3.93
N GLY A 826 23.81 31.28 3.12
CA GLY A 826 24.25 30.96 1.77
C GLY A 826 25.67 31.40 1.45
N SER A 827 26.16 32.41 2.18
CA SER A 827 27.45 33.00 1.84
C SER A 827 28.62 32.14 2.33
N GLY A 828 28.74 31.95 3.64
CA GLY A 828 29.90 31.31 4.22
C GLY A 828 29.86 29.79 4.21
N SER A 829 30.79 29.17 3.48
CA SER A 829 30.90 27.72 3.43
C SER A 829 32.33 27.30 3.11
N PRO B 15 -29.84 -19.96 -15.86
CA PRO B 15 -28.53 -19.44 -15.46
C PRO B 15 -27.38 -20.17 -16.14
N VAL B 16 -26.20 -20.11 -15.53
CA VAL B 16 -25.02 -20.80 -16.07
C VAL B 16 -24.50 -21.89 -15.15
N GLY B 17 -25.00 -21.98 -13.92
CA GLY B 17 -24.48 -22.91 -12.92
C GLY B 17 -24.70 -24.38 -13.22
N GLN B 18 -25.47 -24.73 -14.25
CA GLN B 18 -25.60 -26.11 -14.68
C GLN B 18 -24.62 -26.47 -15.79
N PHE B 19 -24.07 -25.48 -16.49
CA PHE B 19 -23.16 -25.75 -17.59
C PHE B 19 -21.71 -25.87 -17.13
N ILE B 20 -21.37 -25.27 -15.99
CA ILE B 20 -20.00 -25.26 -15.49
C ILE B 20 -19.85 -26.27 -14.36
N PRO B 21 -19.33 -27.47 -14.63
CA PRO B 21 -19.35 -28.57 -13.66
C PRO B 21 -18.17 -28.64 -12.69
N TYR B 22 -18.24 -27.90 -11.58
CA TYR B 22 -17.21 -28.00 -10.55
C TYR B 22 -17.83 -28.00 -9.17
N SER B 23 -17.21 -28.73 -8.26
CA SER B 23 -17.58 -28.76 -6.86
C SER B 23 -16.35 -28.47 -6.01
N HIS B 24 -16.44 -28.72 -4.71
CA HIS B 24 -15.44 -28.26 -3.75
C HIS B 24 -14.06 -28.89 -3.98
N HIS B 25 -13.01 -28.21 -3.50
CA HIS B 25 -11.71 -28.84 -3.33
C HIS B 25 -11.82 -30.08 -2.44
N VAL B 26 -11.07 -31.11 -2.80
CA VAL B 26 -11.09 -32.36 -2.06
C VAL B 26 -9.78 -32.49 -1.32
N THR B 27 -8.68 -32.17 -1.99
CA THR B 27 -7.36 -32.15 -1.38
C THR B 27 -6.67 -30.85 -1.80
N ASP B 28 -5.36 -30.81 -1.61
CA ASP B 28 -4.58 -29.60 -1.84
C ASP B 28 -4.58 -29.20 -3.31
N THR B 29 -4.46 -30.17 -4.21
CA THR B 29 -4.31 -29.89 -5.63
C THR B 29 -5.39 -30.51 -6.51
N ILE B 30 -6.36 -31.22 -5.94
CA ILE B 30 -7.37 -31.95 -6.71
C ILE B 30 -8.72 -31.35 -6.41
N ILE B 31 -9.45 -30.96 -7.45
CA ILE B 31 -10.79 -30.43 -7.30
C ILE B 31 -11.78 -31.45 -7.85
N SER B 32 -13.07 -31.22 -7.61
CA SER B 32 -14.08 -32.22 -7.90
C SER B 32 -15.03 -31.73 -8.99
N THR B 33 -16.10 -32.51 -9.19
CA THR B 33 -17.10 -32.26 -10.22
C THR B 33 -18.46 -32.64 -9.62
N LYS B 34 -19.53 -32.12 -10.21
CA LYS B 34 -20.87 -32.52 -9.80
C LYS B 34 -21.21 -33.95 -10.21
N ASN B 35 -20.39 -34.57 -11.06
CA ASN B 35 -20.54 -35.97 -11.42
C ASN B 35 -19.33 -36.80 -10.99
N ALA B 36 -18.68 -36.39 -9.89
CA ALA B 36 -17.65 -37.15 -9.17
C ALA B 36 -16.38 -37.40 -9.99
N GLU B 37 -16.07 -36.53 -10.95
CA GLU B 37 -14.78 -36.54 -11.60
C GLU B 37 -13.81 -35.69 -10.80
N TYR B 38 -12.52 -35.99 -10.95
CA TYR B 38 -11.51 -35.35 -10.11
C TYR B 38 -10.40 -34.77 -10.99
N LEU B 39 -10.24 -33.45 -10.92
CA LEU B 39 -9.31 -32.72 -11.76
C LEU B 39 -8.06 -32.34 -10.99
N SER B 40 -6.97 -32.17 -11.72
CA SER B 40 -5.70 -31.70 -11.18
C SER B 40 -5.00 -30.89 -12.26
N VAL B 41 -4.71 -29.62 -11.98
CA VAL B 41 -4.24 -28.69 -13.01
C VAL B 41 -2.75 -28.48 -12.86
N TRP B 42 -1.99 -28.75 -13.92
CA TRP B 42 -0.59 -28.40 -14.03
C TRP B 42 -0.45 -27.16 -14.89
N LYS B 43 0.47 -26.28 -14.50
CA LYS B 43 0.94 -25.23 -15.39
C LYS B 43 2.26 -25.68 -15.98
N ILE B 44 2.36 -25.65 -17.30
CA ILE B 44 3.51 -26.14 -18.01
C ILE B 44 4.17 -24.95 -18.69
N ASP B 45 5.24 -24.43 -18.09
CA ASP B 45 6.10 -23.49 -18.80
C ASP B 45 6.84 -24.29 -19.86
N GLY B 46 6.30 -24.33 -21.07
CA GLY B 46 6.64 -25.38 -22.02
C GLY B 46 8.07 -25.32 -22.51
N ARG B 47 8.51 -26.44 -23.07
CA ARG B 47 9.88 -26.57 -23.53
C ARG B 47 10.10 -25.70 -24.76
N SER B 48 11.28 -25.09 -24.83
CA SER B 48 11.61 -24.20 -25.93
C SER B 48 11.84 -25.02 -27.19
N HIS B 49 10.99 -24.82 -28.20
CA HIS B 49 11.08 -25.64 -29.40
C HIS B 49 11.89 -25.00 -30.51
N GLN B 50 11.96 -23.68 -30.59
CA GLN B 50 12.81 -23.05 -31.62
C GLN B 50 14.22 -22.81 -31.10
N SER B 51 14.82 -23.86 -30.53
CA SER B 51 16.24 -23.90 -30.25
C SER B 51 16.90 -25.21 -30.59
N ALA B 52 16.14 -26.31 -30.72
CA ALA B 52 16.72 -27.64 -30.94
C ALA B 52 15.94 -28.42 -32.00
N SER B 53 15.17 -27.74 -32.84
CA SER B 53 14.15 -28.38 -33.67
C SER B 53 14.75 -28.98 -34.94
N GLU B 54 15.69 -29.91 -34.76
CA GLU B 54 16.13 -30.73 -35.88
C GLU B 54 15.53 -32.13 -35.83
N ALA B 55 15.88 -32.92 -34.82
CA ALA B 55 15.28 -34.24 -34.67
C ALA B 55 15.10 -34.64 -33.21
N ASP B 56 15.46 -33.80 -32.25
CA ASP B 56 15.25 -34.15 -30.84
C ASP B 56 13.79 -33.94 -30.43
N VAL B 57 13.02 -33.25 -31.27
CA VAL B 57 11.60 -33.07 -31.01
C VAL B 57 10.87 -34.40 -31.08
N PHE B 58 11.26 -35.26 -32.02
CA PHE B 58 10.71 -36.61 -32.07
C PHE B 58 11.09 -37.43 -30.85
N GLN B 59 12.28 -37.19 -30.30
CA GLN B 59 12.69 -37.90 -29.09
C GLN B 59 11.89 -37.43 -27.88
N TRP B 60 11.60 -36.12 -27.81
CA TRP B 60 10.76 -35.60 -26.73
C TRP B 60 9.34 -36.14 -26.84
N ILE B 61 8.79 -36.20 -28.05
CA ILE B 61 7.45 -36.72 -28.24
C ILE B 61 7.38 -38.21 -27.93
N ARG B 62 8.43 -38.96 -28.27
CA ARG B 62 8.45 -40.37 -27.93
C ARG B 62 8.64 -40.60 -26.44
N GLU B 63 9.37 -39.72 -25.74
CA GLU B 63 9.47 -39.85 -24.29
C GLU B 63 8.15 -39.54 -23.61
N LEU B 64 7.43 -38.52 -24.12
CA LEU B 64 6.12 -38.22 -23.57
C LEU B 64 5.10 -39.31 -23.89
N ASN B 65 5.21 -39.95 -25.05
CA ASN B 65 4.30 -41.05 -25.37
C ASN B 65 4.63 -42.29 -24.57
N ASN B 66 5.91 -42.53 -24.27
CA ASN B 66 6.27 -43.64 -23.39
C ASN B 66 5.86 -43.37 -21.95
N THR B 67 5.74 -42.10 -21.56
CA THR B 67 5.12 -41.79 -20.28
C THR B 67 3.62 -42.06 -20.32
N LEU B 68 2.94 -41.51 -21.34
CA LEU B 68 1.49 -41.54 -21.39
C LEU B 68 0.94 -42.94 -21.66
N ARG B 69 1.74 -43.82 -22.26
CA ARG B 69 1.35 -45.22 -22.37
C ARG B 69 1.43 -45.94 -21.04
N GLY B 70 2.30 -45.49 -20.14
CA GLY B 70 2.39 -46.06 -18.81
C GLY B 70 1.14 -45.76 -18.02
N ILE B 71 0.84 -44.47 -17.88
CA ILE B 71 -0.46 -44.09 -17.34
C ILE B 71 -1.45 -43.95 -18.49
N SER B 72 -1.94 -45.08 -19.00
CA SER B 72 -3.02 -45.03 -19.97
C SER B 72 -4.34 -44.87 -19.24
N SER B 73 -4.71 -45.91 -18.47
CA SER B 73 -5.65 -45.87 -17.36
C SER B 73 -7.00 -45.29 -17.73
N ALA B 74 -7.82 -46.02 -18.50
CA ALA B 74 -8.98 -45.53 -19.27
C ALA B 74 -10.04 -44.77 -18.46
N ASN B 75 -9.85 -44.62 -17.15
CA ASN B 75 -10.46 -43.57 -16.36
C ASN B 75 -10.05 -42.16 -16.79
N LEU B 76 -8.95 -42.02 -17.53
CA LEU B 76 -8.26 -40.74 -17.65
C LEU B 76 -8.77 -39.89 -18.80
N SER B 77 -8.66 -38.57 -18.62
CA SER B 77 -8.92 -37.61 -19.69
C SER B 77 -7.98 -36.42 -19.50
N LEU B 78 -7.11 -36.18 -20.47
CA LEU B 78 -6.21 -35.03 -20.43
C LEU B 78 -6.85 -33.89 -21.20
N TRP B 79 -6.68 -32.66 -20.69
CA TRP B 79 -7.14 -31.47 -21.39
C TRP B 79 -6.03 -30.44 -21.35
N THR B 80 -5.46 -30.11 -22.51
CA THR B 80 -4.37 -29.14 -22.56
C THR B 80 -4.83 -27.85 -23.23
N HIS B 81 -4.41 -26.72 -22.67
CA HIS B 81 -4.86 -25.40 -23.09
C HIS B 81 -3.66 -24.53 -23.41
N ILE B 82 -3.63 -23.98 -24.61
CA ILE B 82 -2.67 -22.95 -24.99
C ILE B 82 -3.40 -21.62 -24.91
N VAL B 83 -3.04 -20.79 -23.94
CA VAL B 83 -3.72 -19.53 -23.71
C VAL B 83 -2.78 -18.41 -24.10
N ARG B 84 -3.10 -17.69 -25.18
CA ARG B 84 -2.40 -16.47 -25.52
C ARG B 84 -3.10 -15.33 -24.80
N ARG B 85 -2.39 -14.65 -23.91
CA ARG B 85 -2.96 -13.54 -23.16
C ARG B 85 -2.14 -12.29 -23.42
N ARG B 86 -2.84 -11.20 -23.73
CA ARG B 86 -2.20 -9.90 -23.81
C ARG B 86 -1.81 -9.48 -22.40
N VAL B 87 -0.51 -9.38 -22.17
CA VAL B 87 0.00 -9.21 -20.81
C VAL B 87 -0.28 -7.80 -20.32
N TYR B 88 -1.06 -7.71 -19.24
CA TYR B 88 -1.41 -6.43 -18.62
C TYR B 88 -0.77 -6.25 -17.26
N GLU B 89 -0.36 -7.32 -16.59
CA GLU B 89 0.09 -7.28 -15.21
C GLU B 89 1.52 -6.79 -15.04
N TYR B 90 2.24 -6.50 -16.12
CA TYR B 90 3.56 -5.92 -15.99
C TYR B 90 3.44 -4.47 -15.54
N PRO B 91 3.93 -4.11 -14.36
CA PRO B 91 3.67 -2.78 -13.83
C PRO B 91 4.55 -1.70 -14.47
N ASP B 92 4.05 -0.48 -14.45
CA ASP B 92 4.84 0.66 -14.86
C ASP B 92 5.93 0.91 -13.83
N ALA B 93 7.15 1.16 -14.31
CA ALA B 93 8.34 1.15 -13.47
C ALA B 93 8.64 2.55 -12.97
N GLU B 94 8.27 2.82 -11.72
CA GLU B 94 8.60 4.07 -11.05
C GLU B 94 10.03 3.98 -10.54
N PHE B 95 10.91 4.81 -11.08
CA PHE B 95 12.34 4.66 -10.87
C PHE B 95 12.89 5.52 -9.75
N ASP B 96 12.39 6.75 -9.60
CA ASP B 96 12.94 7.79 -8.72
C ASP B 96 14.43 8.03 -9.02
N ASN B 97 14.67 8.40 -10.28
CA ASN B 97 15.99 8.78 -10.76
C ASN B 97 15.79 9.64 -12.01
N VAL B 98 16.89 9.96 -12.69
CA VAL B 98 16.80 10.79 -13.88
C VAL B 98 17.38 10.07 -15.11
N PHE B 99 18.62 9.57 -15.01
CA PHE B 99 19.20 8.84 -16.12
C PHE B 99 18.53 7.48 -16.31
N CYS B 100 18.35 6.76 -15.20
CA CYS B 100 17.77 5.42 -15.29
C CYS B 100 16.29 5.50 -15.66
N ARG B 101 15.61 6.55 -15.19
CA ARG B 101 14.24 6.80 -15.62
C ARG B 101 14.17 7.17 -17.10
N GLN B 102 15.16 7.92 -17.59
CA GLN B 102 15.22 8.25 -19.02
C GLN B 102 15.46 7.01 -19.86
N LEU B 103 16.30 6.10 -19.37
CA LEU B 103 16.55 4.85 -20.10
C LEU B 103 15.31 3.97 -20.11
N ASP B 104 14.57 3.94 -19.00
CA ASP B 104 13.33 3.17 -18.96
C ASP B 104 12.27 3.77 -19.88
N GLU B 105 12.19 5.10 -19.95
CA GLU B 105 11.24 5.74 -20.87
C GLU B 105 11.60 5.47 -22.32
N LYS B 106 12.89 5.58 -22.67
CA LYS B 106 13.31 5.32 -24.05
C LYS B 106 13.09 3.87 -24.44
N TYR B 107 13.32 2.94 -23.52
CA TYR B 107 13.06 1.54 -23.82
C TYR B 107 11.58 1.22 -23.87
N ARG B 108 10.76 1.92 -23.07
CA ARG B 108 9.34 1.65 -23.08
C ARG B 108 8.69 2.19 -24.35
N GLU B 109 9.12 3.37 -24.82
CA GLU B 109 8.67 3.83 -26.12
C GLU B 109 9.33 3.10 -27.28
N SER B 110 10.40 2.33 -27.02
CA SER B 110 10.94 1.49 -28.08
C SER B 110 10.06 0.30 -28.41
N PHE B 111 9.13 -0.07 -27.53
CA PHE B 111 8.24 -1.20 -27.78
C PHE B 111 6.88 -0.74 -28.26
N THR B 112 6.83 -0.34 -29.53
CA THR B 112 5.60 -0.30 -30.27
C THR B 112 5.42 -1.58 -31.10
N GLY B 113 6.34 -2.53 -30.95
CA GLY B 113 6.22 -3.83 -31.57
C GLY B 113 5.07 -4.59 -30.96
N TYR B 114 4.00 -4.73 -31.73
CA TYR B 114 2.69 -5.12 -31.22
C TYR B 114 2.62 -6.57 -30.75
N ASN B 115 3.63 -7.39 -31.04
CA ASN B 115 3.63 -8.79 -30.61
C ASN B 115 3.95 -8.86 -29.12
N LEU B 116 2.94 -8.54 -28.33
CA LEU B 116 2.80 -8.87 -26.91
C LEU B 116 2.16 -10.25 -26.84
N MET B 117 1.34 -10.48 -25.80
CA MET B 117 0.53 -11.69 -25.64
C MET B 117 1.38 -12.91 -25.38
N VAL B 118 1.90 -13.00 -24.16
CA VAL B 118 2.56 -14.22 -23.70
C VAL B 118 1.57 -15.36 -23.74
N ASN B 119 2.01 -16.53 -24.23
CA ASN B 119 1.17 -17.72 -24.19
C ASN B 119 1.67 -18.65 -23.10
N ASP B 120 0.75 -19.15 -22.30
CA ASP B 120 1.06 -20.14 -21.28
C ASP B 120 0.26 -21.41 -21.53
N LEU B 121 0.87 -22.55 -21.19
CA LEU B 121 0.32 -23.85 -21.51
C LEU B 121 -0.07 -24.55 -20.22
N TYR B 122 -1.32 -24.99 -20.13
CA TYR B 122 -1.83 -25.70 -18.97
C TYR B 122 -2.24 -27.10 -19.38
N LEU B 123 -2.28 -28.01 -18.41
CA LEU B 123 -2.73 -29.38 -18.63
C LEU B 123 -3.52 -29.83 -17.41
N THR B 124 -4.78 -30.19 -17.60
CA THR B 124 -5.61 -30.69 -16.52
C THR B 124 -5.76 -32.19 -16.71
N VAL B 125 -5.38 -32.95 -15.69
CA VAL B 125 -5.60 -34.39 -15.65
C VAL B 125 -6.94 -34.62 -14.97
N VAL B 126 -7.85 -35.31 -15.65
CA VAL B 126 -9.21 -35.52 -15.18
C VAL B 126 -9.39 -37.01 -15.00
N TYR B 127 -9.31 -37.48 -13.76
CA TYR B 127 -9.57 -38.87 -13.45
C TYR B 127 -11.07 -39.05 -13.30
N ARG B 128 -11.66 -39.89 -14.14
CA ARG B 128 -13.08 -40.18 -14.09
C ARG B 128 -13.25 -41.64 -13.68
N PRO B 129 -13.71 -41.93 -12.47
CA PRO B 129 -13.47 -43.25 -11.88
C PRO B 129 -14.26 -44.43 -12.45
N VAL B 130 -14.94 -44.24 -13.59
CA VAL B 130 -15.59 -45.34 -14.27
C VAL B 130 -14.56 -46.23 -14.95
N PRO B 146 -22.40 -43.67 0.94
CA PRO B 146 -21.97 -42.83 2.07
C PRO B 146 -20.50 -43.05 2.42
N ASP B 147 -20.24 -43.99 3.32
CA ASP B 147 -18.86 -44.35 3.63
C ASP B 147 -18.20 -45.06 2.45
N GLN B 148 -18.98 -45.77 1.63
CA GLN B 148 -18.44 -46.31 0.40
C GLN B 148 -18.14 -45.20 -0.61
N LYS B 149 -18.91 -44.11 -0.59
CA LYS B 149 -18.57 -42.96 -1.42
C LYS B 149 -17.29 -42.28 -0.93
N LYS B 150 -17.10 -42.26 0.40
CA LYS B 150 -15.84 -41.74 0.93
C LYS B 150 -14.67 -42.65 0.58
N HIS B 151 -14.91 -43.97 0.49
CA HIS B 151 -13.86 -44.88 0.06
C HIS B 151 -13.53 -44.70 -1.42
N ARG B 152 -14.57 -44.47 -2.23
CA ARG B 152 -14.37 -44.14 -3.64
C ARG B 152 -13.54 -42.88 -3.83
N GLN B 153 -13.84 -41.84 -3.05
CA GLN B 153 -13.06 -40.61 -3.08
C GLN B 153 -11.63 -40.85 -2.60
N GLU B 154 -11.45 -41.63 -1.54
CA GLU B 154 -10.12 -41.88 -1.01
C GLU B 154 -9.30 -42.83 -1.87
N SER B 155 -9.93 -43.56 -2.79
CA SER B 155 -9.19 -44.32 -3.77
C SER B 155 -8.85 -43.50 -5.01
N CYS B 156 -9.77 -42.62 -5.42
CA CYS B 156 -9.51 -41.74 -6.54
C CYS B 156 -8.41 -40.73 -6.22
N ILE B 157 -8.35 -40.28 -4.96
CA ILE B 157 -7.28 -39.39 -4.53
C ILE B 157 -5.92 -40.09 -4.64
N LYS B 158 -5.86 -41.36 -4.23
CA LYS B 158 -4.60 -42.11 -4.29
C LYS B 158 -4.18 -42.37 -5.73
N ALA B 159 -5.14 -42.71 -6.59
CA ALA B 159 -4.83 -42.94 -8.00
C ALA B 159 -4.38 -41.66 -8.70
N LEU B 160 -5.04 -40.53 -8.40
CA LEU B 160 -4.63 -39.29 -9.02
C LEU B 160 -3.33 -38.77 -8.44
N GLU B 161 -3.03 -39.10 -7.19
CA GLU B 161 -1.73 -38.75 -6.64
C GLU B 161 -0.62 -39.58 -7.28
N ASP B 162 -0.92 -40.84 -7.62
CA ASP B 162 0.04 -41.66 -8.34
C ASP B 162 0.30 -41.09 -9.73
N ILE B 163 -0.77 -40.69 -10.42
CA ILE B 163 -0.62 -40.09 -11.75
C ILE B 163 0.07 -38.74 -11.67
N ASN B 164 -0.14 -37.99 -10.58
CA ASN B 164 0.55 -36.72 -10.40
C ASN B 164 2.04 -36.92 -10.15
N ARG B 165 2.41 -37.95 -9.39
CA ARG B 165 3.82 -38.27 -9.17
C ARG B 165 4.50 -38.68 -10.47
N THR B 166 3.81 -39.50 -11.28
CA THR B 166 4.37 -39.94 -12.56
C THR B 166 4.54 -38.77 -13.52
N LEU B 167 3.52 -37.92 -13.66
CA LEU B 167 3.62 -36.78 -14.54
C LEU B 167 4.55 -35.70 -14.00
N GLY B 168 4.84 -35.70 -12.71
CA GLY B 168 5.83 -34.79 -12.19
C GLY B 168 7.24 -35.26 -12.47
N GLN B 169 7.47 -36.58 -12.35
CA GLN B 169 8.79 -37.11 -12.69
C GLN B 169 9.04 -37.12 -14.19
N SER B 170 7.99 -37.09 -15.02
CA SER B 170 8.19 -37.11 -16.46
C SER B 170 8.32 -35.72 -17.07
N PHE B 171 7.68 -34.71 -16.48
CA PHE B 171 7.73 -33.34 -16.98
C PHE B 171 8.81 -32.52 -16.28
N LYS B 172 9.89 -33.17 -15.84
CA LYS B 172 10.89 -32.50 -15.03
C LYS B 172 11.66 -31.46 -15.83
N ARG B 173 11.99 -31.77 -17.08
CA ARG B 173 12.62 -30.79 -17.95
C ARG B 173 11.61 -29.87 -18.62
N TYR B 174 10.32 -30.17 -18.51
CA TYR B 174 9.28 -29.41 -19.18
C TYR B 174 8.82 -28.18 -18.40
N GLY B 175 9.50 -27.84 -17.31
CA GLY B 175 9.12 -26.68 -16.51
C GLY B 175 7.77 -26.77 -15.82
N ALA B 176 7.42 -27.96 -15.33
CA ALA B 176 6.09 -28.18 -14.78
C ALA B 176 5.95 -27.54 -13.41
N GLU B 177 4.70 -27.23 -13.05
CA GLU B 177 4.38 -26.81 -11.68
C GLU B 177 2.95 -27.23 -11.39
N LEU B 178 2.76 -28.02 -10.34
CA LEU B 178 1.44 -28.49 -9.97
C LEU B 178 0.72 -27.39 -9.19
N LEU B 179 -0.38 -26.89 -9.75
CA LEU B 179 -1.05 -25.71 -9.20
C LEU B 179 -1.80 -26.09 -7.94
N SER B 180 -1.34 -25.61 -6.79
CA SER B 180 -1.84 -25.99 -5.48
C SER B 180 -2.80 -24.93 -4.96
N VAL B 181 -3.28 -25.13 -3.72
CA VAL B 181 -4.37 -24.33 -3.20
C VAL B 181 -3.94 -22.97 -2.66
N TYR B 182 -2.66 -22.59 -2.79
CA TYR B 182 -2.18 -21.20 -2.67
C TYR B 182 -2.49 -20.63 -1.28
N GLU B 183 -1.83 -21.21 -0.27
CA GLU B 183 -2.27 -21.18 1.11
C GLU B 183 -2.25 -19.79 1.76
N LYS B 184 -1.70 -18.77 1.09
CA LYS B 184 -1.73 -17.43 1.67
C LYS B 184 -1.81 -16.41 0.54
N GLY B 185 -3.03 -16.01 0.19
CA GLY B 185 -3.17 -14.78 -0.54
C GLY B 185 -3.45 -13.66 0.43
N GLY B 186 -4.55 -13.77 1.16
CA GLY B 186 -4.66 -13.17 2.46
C GLY B 186 -5.15 -14.17 3.49
N HIS B 187 -6.01 -15.09 3.04
CA HIS B 187 -6.38 -16.25 3.84
C HIS B 187 -6.08 -17.55 3.10
N ALA B 188 -6.70 -17.77 1.94
CA ALA B 188 -6.59 -18.96 1.11
C ALA B 188 -7.27 -18.68 -0.23
N PHE B 189 -6.61 -18.96 -1.34
CA PHE B 189 -7.11 -18.45 -2.62
C PHE B 189 -7.19 -19.46 -3.74
N SER B 190 -6.73 -20.70 -3.54
CA SER B 190 -7.07 -21.84 -4.39
C SER B 190 -6.73 -21.69 -5.87
N ALA B 191 -5.46 -21.66 -6.23
CA ALA B 191 -5.22 -21.25 -7.61
C ALA B 191 -4.74 -22.34 -8.57
N PRO B 192 -5.44 -23.46 -8.69
CA PRO B 192 -5.72 -24.00 -10.02
C PRO B 192 -7.09 -23.60 -10.52
N LEU B 193 -7.89 -22.97 -9.66
CA LEU B 193 -9.25 -22.60 -10.01
C LEU B 193 -9.28 -21.36 -10.90
N GLU B 194 -8.30 -20.46 -10.72
CA GLU B 194 -8.30 -19.19 -11.44
C GLU B 194 -8.12 -19.41 -12.94
N PHE B 195 -7.24 -20.35 -13.32
CA PHE B 195 -7.16 -20.76 -14.72
C PHE B 195 -8.47 -21.37 -15.18
N LEU B 196 -9.13 -22.14 -14.32
CA LEU B 196 -10.46 -22.62 -14.63
C LEU B 196 -11.48 -21.48 -14.68
N ALA B 197 -11.21 -20.37 -14.01
CA ALA B 197 -12.01 -19.18 -14.24
C ALA B 197 -11.68 -18.55 -15.59
N ARG B 198 -10.41 -18.64 -16.00
CA ARG B 198 -9.95 -17.95 -17.21
C ARG B 198 -10.53 -18.56 -18.47
N LEU B 199 -10.98 -19.81 -18.41
CA LEU B 199 -11.67 -20.40 -19.55
C LEU B 199 -13.09 -19.88 -19.67
N VAL B 200 -13.74 -19.54 -18.55
CA VAL B 200 -15.14 -19.17 -18.56
C VAL B 200 -15.32 -17.66 -18.39
N ASN B 201 -14.49 -17.00 -17.58
CA ASN B 201 -14.65 -15.57 -17.38
C ASN B 201 -14.01 -14.79 -18.52
N GLY B 202 -12.72 -15.02 -18.80
CA GLY B 202 -12.00 -14.27 -19.79
C GLY B 202 -10.86 -13.44 -19.23
N GLU B 203 -10.70 -13.42 -17.92
CA GLU B 203 -9.60 -12.71 -17.28
C GLU B 203 -9.21 -13.44 -16.02
N HIS B 204 -7.99 -13.17 -15.54
CA HIS B 204 -7.45 -13.85 -14.36
C HIS B 204 -8.13 -13.28 -13.11
N ILE B 205 -9.29 -13.86 -12.78
CA ILE B 205 -10.04 -13.47 -11.60
C ILE B 205 -9.61 -14.39 -10.46
N PRO B 206 -8.97 -13.88 -9.40
CA PRO B 206 -8.51 -14.75 -8.32
C PRO B 206 -9.67 -15.28 -7.50
N MET B 207 -10.02 -16.54 -7.70
CA MET B 207 -11.26 -17.09 -7.14
C MET B 207 -11.05 -17.50 -5.69
N PRO B 208 -11.67 -16.84 -4.73
CA PRO B 208 -11.46 -17.22 -3.33
C PRO B 208 -12.22 -18.49 -2.96
N ILE B 209 -11.54 -19.41 -2.32
CA ILE B 209 -12.18 -20.64 -1.84
C ILE B 209 -13.10 -20.29 -0.68
N CYS B 210 -14.29 -20.89 -0.66
CA CYS B 210 -15.30 -20.51 0.31
C CYS B 210 -16.22 -21.70 0.58
N ARG B 211 -17.29 -21.45 1.32
CA ARG B 211 -18.23 -22.50 1.72
C ARG B 211 -19.38 -22.60 0.71
N ASP B 212 -18.99 -22.82 -0.55
CA ASP B 212 -19.94 -22.95 -1.65
C ASP B 212 -19.23 -23.69 -2.77
N ARG B 213 -20.01 -24.47 -3.52
CA ARG B 213 -19.46 -25.14 -4.68
C ARG B 213 -19.12 -24.14 -5.77
N PHE B 214 -18.09 -24.45 -6.56
CA PHE B 214 -17.58 -23.48 -7.51
C PHE B 214 -18.48 -23.28 -8.72
N SER B 215 -19.50 -24.14 -8.89
CA SER B 215 -20.40 -23.98 -10.01
C SER B 215 -21.33 -22.78 -9.86
N ASP B 216 -21.45 -22.23 -8.65
CA ASP B 216 -22.41 -21.17 -8.40
C ASP B 216 -21.80 -19.78 -8.36
N TYR B 217 -20.48 -19.65 -8.34
CA TYR B 217 -19.91 -18.31 -8.24
C TYR B 217 -18.69 -18.08 -9.14
N MET B 218 -18.39 -18.99 -10.06
CA MET B 218 -17.21 -18.81 -10.90
C MET B 218 -17.50 -17.85 -12.05
N ALA B 219 -18.57 -18.10 -12.80
CA ALA B 219 -18.83 -17.39 -14.05
C ALA B 219 -19.29 -15.97 -13.74
N VAL B 220 -18.31 -15.08 -13.55
CA VAL B 220 -18.62 -13.68 -13.30
C VAL B 220 -19.04 -12.99 -14.59
N ASN B 221 -18.17 -12.98 -15.58
CA ASN B 221 -18.49 -12.40 -16.89
C ASN B 221 -19.35 -13.42 -17.63
N ARG B 222 -20.65 -13.19 -17.66
CA ARG B 222 -21.54 -14.19 -18.24
C ARG B 222 -21.55 -14.05 -19.76
N PRO B 223 -21.50 -15.15 -20.51
CA PRO B 223 -21.54 -15.07 -21.96
C PRO B 223 -22.96 -14.93 -22.48
N MET B 224 -23.05 -14.53 -23.75
CA MET B 224 -24.33 -14.38 -24.44
C MET B 224 -24.19 -14.85 -25.88
N PHE B 225 -25.19 -15.59 -26.36
CA PHE B 225 -25.24 -16.09 -27.72
C PHE B 225 -26.64 -15.86 -28.26
N SER B 226 -26.78 -15.62 -29.57
CA SER B 226 -28.10 -15.28 -30.10
C SER B 226 -28.65 -16.32 -31.08
N LYS B 227 -28.02 -16.53 -32.23
CA LYS B 227 -28.66 -17.25 -33.34
C LYS B 227 -27.61 -17.48 -34.43
N TRP B 228 -28.06 -18.04 -35.56
CA TRP B 228 -27.28 -18.13 -36.79
C TRP B 228 -26.84 -16.76 -37.26
N GLY B 229 -25.54 -16.60 -37.44
CA GLY B 229 -24.99 -15.32 -37.87
C GLY B 229 -24.56 -14.42 -36.75
N GLU B 230 -24.04 -14.97 -35.66
CA GLU B 230 -23.65 -14.18 -34.49
C GLU B 230 -22.58 -14.92 -33.72
N VAL B 231 -21.49 -14.22 -33.42
CA VAL B 231 -20.45 -14.76 -32.55
C VAL B 231 -20.80 -14.41 -31.11
N GLY B 232 -20.13 -15.07 -30.16
CA GLY B 232 -20.49 -14.92 -28.77
C GLY B 232 -20.02 -13.58 -28.21
N GLU B 233 -20.78 -13.08 -27.23
CA GLU B 233 -20.43 -11.84 -26.55
C GLU B 233 -20.12 -12.13 -25.09
N LEU B 234 -19.25 -11.32 -24.52
CA LEU B 234 -18.74 -11.51 -23.17
C LEU B 234 -18.64 -10.13 -22.53
N ARG B 235 -19.63 -9.79 -21.70
CA ARG B 235 -19.75 -8.44 -21.15
C ARG B 235 -18.94 -8.36 -19.86
N SER B 236 -17.63 -8.15 -20.02
CA SER B 236 -16.76 -8.00 -18.88
C SER B 236 -16.91 -6.61 -18.28
N LEU B 237 -16.44 -6.46 -17.03
CA LEU B 237 -16.49 -5.16 -16.37
C LEU B 237 -15.48 -4.19 -16.96
N THR B 238 -14.34 -4.70 -17.41
CA THR B 238 -13.33 -3.83 -18.01
C THR B 238 -13.75 -3.36 -19.40
N GLY B 239 -14.57 -4.13 -20.10
CA GLY B 239 -15.01 -3.74 -21.42
C GLY B 239 -15.75 -4.88 -22.09
N LEU B 240 -16.45 -4.52 -23.16
CA LEU B 240 -17.19 -5.52 -23.92
C LEU B 240 -16.24 -6.34 -24.78
N ARG B 241 -16.41 -7.66 -24.77
CA ARG B 241 -15.60 -8.56 -25.56
C ARG B 241 -16.49 -9.38 -26.47
N ARG B 242 -15.92 -9.86 -27.56
CA ARG B 242 -16.56 -10.83 -28.42
C ARG B 242 -15.60 -11.98 -28.68
N PHE B 243 -16.14 -13.10 -29.13
CA PHE B 243 -15.32 -14.28 -29.35
C PHE B 243 -15.98 -15.19 -30.37
N GLY B 244 -15.15 -15.78 -31.23
CA GLY B 244 -15.57 -16.81 -32.15
C GLY B 244 -14.86 -18.12 -31.86
N MET B 245 -15.23 -19.14 -32.63
CA MET B 245 -14.70 -20.47 -32.40
C MET B 245 -14.42 -21.16 -33.72
N LEU B 246 -13.31 -21.88 -33.77
CA LEU B 246 -12.96 -22.72 -34.92
C LEU B 246 -12.79 -24.16 -34.47
N GLU B 247 -13.39 -25.08 -35.20
CA GLU B 247 -13.40 -26.50 -34.86
C GLU B 247 -12.54 -27.28 -35.83
N ILE B 248 -11.62 -28.09 -35.30
CA ILE B 248 -10.75 -28.92 -36.13
C ILE B 248 -11.51 -30.17 -36.54
N ARG B 249 -11.79 -30.30 -37.84
CA ARG B 249 -12.47 -31.48 -38.37
C ARG B 249 -11.82 -31.88 -39.68
N GLU B 250 -10.90 -32.84 -39.62
CA GLU B 250 -10.28 -33.38 -40.81
C GLU B 250 -9.98 -34.85 -40.59
N TYR B 251 -9.60 -35.54 -41.66
CA TYR B 251 -9.17 -36.94 -41.62
C TYR B 251 -7.69 -37.03 -41.92
N ASP B 252 -6.93 -36.02 -41.51
CA ASP B 252 -5.48 -35.99 -41.71
C ASP B 252 -4.81 -36.98 -40.78
N ASP B 253 -3.74 -37.62 -41.26
CA ASP B 253 -2.97 -38.58 -40.47
C ASP B 253 -1.52 -38.15 -40.32
N ALA B 254 -0.88 -37.73 -41.42
CA ALA B 254 0.54 -37.46 -41.44
C ALA B 254 0.86 -36.18 -40.66
N THR B 255 1.05 -36.30 -39.36
CA THR B 255 1.34 -35.17 -38.50
C THR B 255 2.82 -35.17 -38.14
N GLU B 256 3.32 -34.06 -37.96
CA GLU B 256 4.62 -33.61 -37.48
C GLU B 256 4.48 -33.18 -36.03
N PRO B 257 5.54 -33.23 -35.22
CA PRO B 257 5.39 -32.92 -33.79
C PRO B 257 5.16 -31.46 -33.47
N GLY B 258 5.14 -30.57 -34.46
CA GLY B 258 4.85 -29.18 -34.24
C GLY B 258 3.94 -28.63 -35.31
N GLN B 259 2.92 -29.39 -35.70
CA GLN B 259 2.09 -28.99 -36.84
C GLN B 259 1.16 -27.83 -36.49
N LEU B 260 0.98 -27.52 -35.22
CA LEU B 260 0.05 -26.47 -34.83
C LEU B 260 0.70 -25.53 -33.83
N ASN B 261 1.94 -25.14 -34.11
CA ASN B 261 2.58 -24.05 -33.39
C ASN B 261 2.74 -22.81 -34.26
N VAL B 262 2.11 -22.81 -35.44
CA VAL B 262 2.15 -21.63 -36.30
C VAL B 262 1.28 -20.53 -35.74
N LEU B 263 0.32 -20.87 -34.87
CA LEU B 263 -0.48 -19.88 -34.17
C LEU B 263 0.21 -19.35 -32.92
N LEU B 264 1.35 -19.92 -32.52
CA LEU B 264 2.01 -19.53 -31.28
C LEU B 264 2.70 -18.18 -31.38
N GLU B 265 2.78 -17.56 -32.56
CA GLU B 265 3.30 -16.21 -32.67
C GLU B 265 2.27 -15.22 -33.23
N SER B 266 1.07 -15.70 -33.60
CA SER B 266 0.04 -14.83 -34.15
C SER B 266 -0.64 -14.03 -33.05
N ASP B 267 -1.45 -13.06 -33.46
CA ASP B 267 -2.06 -12.09 -32.55
C ASP B 267 -3.60 -12.21 -32.57
N TYR B 268 -4.10 -13.14 -31.75
CA TYR B 268 -5.53 -13.31 -31.58
C TYR B 268 -6.00 -13.23 -30.14
N GLU B 269 -5.09 -13.35 -29.17
CA GLU B 269 -5.40 -13.58 -27.75
C GLU B 269 -6.30 -14.81 -27.58
N PHE B 270 -5.95 -15.90 -28.25
CA PHE B 270 -6.86 -17.04 -28.31
C PHE B 270 -6.71 -17.96 -27.11
N VAL B 271 -7.61 -18.94 -27.05
CA VAL B 271 -7.49 -20.10 -26.17
C VAL B 271 -7.71 -21.34 -27.02
N LEU B 272 -6.69 -22.18 -27.11
CA LEU B 272 -6.74 -23.39 -27.94
C LEU B 272 -6.81 -24.59 -27.01
N THR B 273 -7.92 -25.31 -27.03
CA THR B 273 -8.12 -26.44 -26.13
C THR B 273 -8.11 -27.76 -26.91
N HIS B 274 -7.31 -28.69 -26.42
CA HIS B 274 -7.24 -30.06 -26.95
C HIS B 274 -7.69 -31.00 -25.84
N SER B 275 -8.68 -31.83 -26.15
CA SER B 275 -9.26 -32.76 -25.19
C SER B 275 -9.04 -34.18 -25.66
N PHE B 276 -8.53 -35.03 -24.78
CA PHE B 276 -8.16 -36.41 -25.08
C PHE B 276 -8.64 -37.28 -23.93
N SER B 277 -9.81 -37.88 -24.07
CA SER B 277 -10.33 -38.82 -23.08
C SER B 277 -10.06 -40.24 -23.56
N VAL B 278 -9.40 -41.03 -22.71
CA VAL B 278 -8.85 -42.31 -23.16
C VAL B 278 -9.98 -43.32 -23.32
N LEU B 279 -10.02 -43.96 -24.49
CA LEU B 279 -10.98 -45.03 -24.74
C LEU B 279 -10.52 -46.33 -24.11
N SER B 280 -11.47 -47.08 -23.54
CA SER B 280 -11.15 -48.37 -22.95
C SER B 280 -10.85 -49.40 -24.03
N ARG B 281 -10.07 -50.41 -23.64
CA ARG B 281 -9.51 -51.36 -24.61
C ARG B 281 -10.54 -52.18 -25.40
N PRO B 282 -11.61 -52.73 -24.80
CA PRO B 282 -12.63 -53.35 -25.68
C PRO B 282 -13.36 -52.34 -26.55
N ALA B 283 -13.65 -51.14 -26.02
CA ALA B 283 -14.32 -50.12 -26.82
C ALA B 283 -13.40 -49.57 -27.90
N ALA B 284 -12.10 -49.41 -27.59
CA ALA B 284 -11.15 -48.92 -28.58
C ALA B 284 -10.94 -49.94 -29.68
N LYS B 285 -10.80 -51.22 -29.31
CA LYS B 285 -10.62 -52.27 -30.31
C LYS B 285 -11.88 -52.47 -31.14
N GLU B 286 -13.06 -52.34 -30.52
CA GLU B 286 -14.31 -52.52 -31.26
C GLU B 286 -14.56 -51.36 -32.20
N TYR B 287 -14.31 -50.12 -31.78
CA TYR B 287 -14.49 -49.00 -32.69
C TYR B 287 -13.40 -48.91 -33.74
N LEU B 288 -12.19 -49.38 -33.43
CA LEU B 288 -11.19 -49.49 -34.48
C LEU B 288 -11.55 -50.59 -35.48
N GLN B 289 -12.22 -51.65 -35.02
CA GLN B 289 -12.73 -52.67 -35.92
C GLN B 289 -13.86 -52.14 -36.79
N ARG B 290 -14.71 -51.28 -36.22
CA ARG B 290 -15.78 -50.63 -36.97
C ARG B 290 -15.21 -49.72 -38.05
N HIS B 291 -14.26 -48.86 -37.67
CA HIS B 291 -13.64 -47.95 -38.62
C HIS B 291 -12.80 -48.68 -39.66
N GLN B 292 -12.19 -49.81 -39.31
CA GLN B 292 -11.40 -50.54 -40.31
C GLN B 292 -12.30 -51.32 -41.26
N LYS B 293 -13.47 -51.76 -40.79
CA LYS B 293 -14.45 -52.34 -41.71
C LYS B 293 -14.96 -51.28 -42.67
N ASN B 294 -15.14 -50.06 -42.18
CA ASN B 294 -15.59 -48.99 -43.06
C ASN B 294 -14.49 -48.42 -43.94
N LEU B 295 -13.21 -48.63 -43.60
CA LEU B 295 -12.11 -48.00 -44.34
C LEU B 295 -11.22 -48.99 -45.07
N ILE B 296 -10.55 -49.89 -44.37
CA ILE B 296 -9.45 -50.66 -44.95
C ILE B 296 -9.89 -51.97 -45.59
N ASP B 297 -11.20 -52.23 -45.64
CA ASP B 297 -11.70 -53.46 -46.26
C ASP B 297 -12.78 -53.13 -47.28
N ALA B 298 -13.46 -54.19 -47.76
CA ALA B 298 -14.60 -54.11 -48.68
C ALA B 298 -14.24 -53.47 -50.02
N ARG B 299 -13.25 -54.08 -50.69
CA ARG B 299 -12.94 -53.92 -52.12
C ARG B 299 -12.42 -52.54 -52.54
N ASP B 300 -12.31 -51.60 -51.60
CA ASP B 300 -11.75 -50.28 -51.90
C ASP B 300 -10.47 -50.03 -51.13
N VAL B 301 -10.53 -50.10 -49.79
CA VAL B 301 -9.42 -50.28 -48.87
C VAL B 301 -8.43 -49.11 -48.76
N ALA B 302 -8.53 -48.11 -49.65
CA ALA B 302 -7.64 -46.96 -49.75
C ALA B 302 -6.17 -47.38 -49.80
N THR B 303 -5.83 -48.02 -50.91
CA THR B 303 -4.52 -48.63 -51.08
C THR B 303 -3.41 -47.59 -51.16
N ASP B 304 -2.38 -47.72 -50.33
CA ASP B 304 -2.26 -48.79 -49.33
C ASP B 304 -2.22 -48.24 -47.91
N GLN B 305 -3.39 -48.07 -47.32
CA GLN B 305 -3.52 -47.70 -45.92
C GLN B 305 -4.02 -48.86 -45.06
N ILE B 306 -3.97 -50.08 -45.59
CA ILE B 306 -4.31 -51.26 -44.80
C ILE B 306 -3.11 -51.84 -44.09
N GLU B 307 -1.90 -51.38 -44.41
CA GLU B 307 -0.68 -51.99 -43.87
C GLU B 307 -0.45 -51.60 -42.42
N GLU B 308 -0.68 -50.33 -42.08
CA GLU B 308 -0.43 -49.87 -40.72
C GLU B 308 -1.46 -50.37 -39.73
N ILE B 309 -2.65 -50.75 -40.20
CA ILE B 309 -3.75 -51.06 -39.29
C ILE B 309 -3.56 -52.41 -38.61
N ASP B 310 -2.99 -53.40 -39.30
CA ASP B 310 -2.80 -54.71 -38.70
C ASP B 310 -1.71 -54.70 -37.64
N GLU B 311 -0.56 -54.08 -37.96
CA GLU B 311 0.51 -53.96 -36.97
C GLU B 311 0.12 -53.02 -35.84
N ALA B 312 -0.70 -51.99 -36.13
CA ALA B 312 -1.20 -51.14 -35.06
C ALA B 312 -2.21 -51.86 -34.20
N LEU B 313 -2.93 -52.83 -34.75
CA LEU B 313 -3.87 -53.62 -33.96
C LEU B 313 -3.14 -54.58 -33.03
N ASN B 314 -2.05 -55.18 -33.51
CA ASN B 314 -1.20 -55.96 -32.62
C ASN B 314 -0.54 -55.06 -31.57
N GLN B 315 -0.21 -53.82 -31.96
CA GLN B 315 0.34 -52.87 -31.00
C GLN B 315 -0.69 -52.45 -29.96
N LEU B 316 -1.97 -52.40 -30.34
CA LEU B 316 -3.05 -52.08 -29.42
C LEU B 316 -3.40 -53.23 -28.50
N ILE B 317 -3.31 -54.48 -28.98
CA ILE B 317 -3.44 -55.61 -28.07
C ILE B 317 -2.20 -55.76 -27.19
N SER B 318 -1.07 -55.14 -27.58
CA SER B 318 0.06 -54.99 -26.67
C SER B 318 0.08 -53.65 -25.97
N GLY B 319 -0.81 -52.73 -26.33
CA GLY B 319 -0.91 -51.44 -25.66
C GLY B 319 0.05 -50.38 -26.15
N HIS B 320 0.72 -50.60 -27.29
CA HIS B 320 1.69 -49.63 -27.78
C HIS B 320 1.01 -48.38 -28.33
N PHE B 321 -0.22 -48.51 -28.80
CA PHE B 321 -1.11 -47.37 -28.99
C PHE B 321 -2.10 -47.28 -27.84
N VAL B 322 -2.69 -46.10 -27.71
CA VAL B 322 -3.86 -45.89 -26.88
C VAL B 322 -4.76 -44.87 -27.58
N MET B 323 -5.89 -45.33 -28.09
CA MET B 323 -6.78 -44.45 -28.83
C MET B 323 -7.69 -43.72 -27.86
N GLY B 324 -8.03 -42.48 -28.21
CA GLY B 324 -8.88 -41.70 -27.34
C GLY B 324 -9.73 -40.73 -28.13
N GLU B 325 -10.87 -40.39 -27.54
CA GLU B 325 -11.71 -39.35 -28.11
C GLU B 325 -11.02 -38.01 -27.94
N HIS B 326 -10.73 -37.34 -29.04
CA HIS B 326 -10.01 -36.08 -28.99
C HIS B 326 -10.73 -35.04 -29.83
N HIS B 327 -10.90 -33.86 -29.28
CA HIS B 327 -11.35 -32.71 -30.04
C HIS B 327 -10.46 -31.52 -29.74
N CYS B 328 -10.69 -30.43 -30.46
CA CYS B 328 -9.86 -29.25 -30.34
C CYS B 328 -10.62 -28.04 -30.85
N THR B 329 -10.73 -27.01 -30.01
CA THR B 329 -11.38 -25.77 -30.44
C THR B 329 -10.44 -24.59 -30.23
N LEU B 330 -10.57 -23.61 -31.13
CA LEU B 330 -9.80 -22.38 -31.08
C LEU B 330 -10.78 -21.25 -30.81
N THR B 331 -10.81 -20.76 -29.57
CA THR B 331 -11.65 -19.62 -29.23
C THR B 331 -10.84 -18.34 -29.43
N VAL B 332 -11.28 -17.50 -30.36
CA VAL B 332 -10.56 -16.31 -30.75
C VAL B 332 -11.30 -15.10 -30.19
N TYR B 333 -10.65 -14.36 -29.29
CA TYR B 333 -11.25 -13.23 -28.63
C TYR B 333 -10.99 -11.94 -29.41
N GLY B 334 -11.71 -10.90 -29.03
CA GLY B 334 -11.53 -9.59 -29.64
C GLY B 334 -12.70 -8.68 -29.33
N GLU B 335 -12.95 -7.76 -30.26
CA GLU B 335 -14.10 -6.87 -30.19
C GLU B 335 -14.39 -6.40 -31.60
N THR B 336 -15.54 -5.72 -31.78
CA THR B 336 -15.97 -5.16 -33.06
C THR B 336 -16.08 -6.22 -34.14
N VAL B 337 -17.19 -6.98 -34.13
CA VAL B 337 -17.35 -8.33 -34.68
C VAL B 337 -16.80 -8.51 -36.09
N GLN B 338 -16.65 -7.42 -36.85
CA GLN B 338 -15.88 -7.47 -38.09
C GLN B 338 -14.42 -7.88 -37.82
N GLN B 339 -13.85 -7.41 -36.70
CA GLN B 339 -12.48 -7.81 -36.36
C GLN B 339 -12.42 -9.24 -35.86
N VAL B 340 -13.48 -9.73 -35.20
CA VAL B 340 -13.51 -11.13 -34.79
C VAL B 340 -13.64 -12.04 -36.02
N ARG B 341 -14.45 -11.63 -37.00
CA ARG B 341 -14.52 -12.38 -38.26
C ARG B 341 -13.21 -12.32 -39.03
N ASP B 342 -12.50 -11.19 -38.96
CA ASP B 342 -11.20 -11.08 -39.60
C ASP B 342 -10.17 -11.98 -38.92
N ASN B 343 -10.19 -12.04 -37.59
CA ASN B 343 -9.26 -12.92 -36.88
C ASN B 343 -9.59 -14.39 -37.09
N LEU B 344 -10.88 -14.71 -37.23
CA LEU B 344 -11.25 -16.08 -37.56
C LEU B 344 -10.79 -16.47 -38.95
N ALA B 345 -10.91 -15.56 -39.93
CA ALA B 345 -10.45 -15.87 -41.28
C ALA B 345 -8.92 -15.94 -41.36
N HIS B 346 -8.22 -15.10 -40.58
CA HIS B 346 -6.76 -15.17 -40.56
C HIS B 346 -6.27 -16.44 -39.88
N ALA B 347 -6.94 -16.88 -38.81
CA ALA B 347 -6.59 -18.16 -38.20
C ALA B 347 -6.95 -19.33 -39.10
N SER B 348 -8.03 -19.19 -39.89
CA SER B 348 -8.38 -20.22 -40.86
C SER B 348 -7.30 -20.37 -41.92
N ALA B 349 -6.76 -19.24 -42.39
CA ALA B 349 -5.67 -19.33 -43.37
C ALA B 349 -4.39 -19.88 -42.74
N ALA B 350 -4.08 -19.47 -41.50
CA ALA B 350 -2.88 -19.96 -40.84
C ALA B 350 -2.97 -21.43 -40.45
N MET B 351 -4.17 -21.98 -40.31
CA MET B 351 -4.29 -23.41 -40.06
C MET B 351 -4.51 -24.20 -41.34
N LEU B 352 -4.95 -23.55 -42.42
CA LEU B 352 -4.97 -24.20 -43.73
C LEU B 352 -3.58 -24.26 -44.34
N ASP B 353 -2.64 -23.47 -43.82
CA ASP B 353 -1.24 -23.58 -44.24
C ASP B 353 -0.65 -24.92 -43.80
N VAL B 354 -1.09 -25.49 -42.68
CA VAL B 354 -0.49 -26.69 -42.13
C VAL B 354 -1.35 -27.92 -42.38
N ALA B 355 -2.13 -27.87 -43.47
CA ALA B 355 -2.97 -28.96 -43.99
C ALA B 355 -4.03 -29.42 -43.02
N VAL B 356 -4.46 -28.54 -42.12
CA VAL B 356 -5.56 -28.81 -41.19
C VAL B 356 -6.76 -28.03 -41.68
N LEU B 357 -7.93 -28.66 -41.66
CA LEU B 357 -9.13 -28.02 -42.18
C LEU B 357 -10.01 -27.56 -41.03
N PRO B 358 -10.05 -26.27 -40.71
CA PRO B 358 -10.98 -25.81 -39.68
C PRO B 358 -12.37 -25.61 -40.26
N LYS B 359 -13.34 -25.56 -39.36
CA LYS B 359 -14.71 -25.27 -39.72
C LYS B 359 -15.26 -24.23 -38.77
N PRO B 360 -16.03 -23.27 -39.28
CA PRO B 360 -16.69 -22.32 -38.38
C PRO B 360 -17.83 -23.00 -37.64
N VAL B 361 -18.18 -22.44 -36.50
CA VAL B 361 -19.16 -23.06 -35.62
C VAL B 361 -20.44 -22.23 -35.65
N ASP B 362 -21.56 -22.89 -35.92
CA ASP B 362 -22.91 -22.33 -35.79
C ASP B 362 -23.34 -22.40 -34.33
N LEU B 363 -24.67 -22.30 -34.09
CA LEU B 363 -25.34 -22.22 -32.78
C LEU B 363 -24.76 -23.12 -31.69
N ALA B 364 -24.25 -24.30 -32.08
CA ALA B 364 -23.44 -25.18 -31.23
C ALA B 364 -22.11 -24.53 -30.74
N LEU B 365 -21.79 -23.30 -31.14
CA LEU B 365 -20.81 -22.49 -30.44
C LEU B 365 -21.12 -22.39 -28.95
N GLU B 366 -22.41 -22.24 -28.61
CA GLU B 366 -22.85 -22.17 -27.22
C GLU B 366 -22.39 -23.38 -26.43
N ALA B 367 -22.84 -24.57 -26.87
CA ALA B 367 -22.32 -25.84 -26.38
C ALA B 367 -20.80 -25.91 -26.55
N GLY B 368 -20.30 -25.41 -27.68
CA GLY B 368 -18.88 -25.42 -27.94
C GLY B 368 -18.08 -24.61 -26.95
N TYR B 369 -18.66 -23.51 -26.43
CA TYR B 369 -17.92 -22.76 -25.42
C TYR B 369 -17.84 -23.55 -24.13
N TRP B 370 -18.91 -24.28 -23.79
CA TRP B 370 -18.82 -25.16 -22.63
C TRP B 370 -18.06 -26.43 -22.93
N ALA B 371 -17.58 -26.61 -24.17
CA ALA B 371 -16.62 -27.65 -24.46
C ALA B 371 -15.21 -27.27 -24.04
N GLN B 372 -14.99 -26.04 -23.55
CA GLN B 372 -13.65 -25.68 -23.14
C GLN B 372 -13.32 -26.15 -21.73
N LEU B 373 -14.31 -26.21 -20.85
CA LEU B 373 -14.07 -26.55 -19.46
C LEU B 373 -13.75 -28.03 -19.33
N PRO B 374 -12.68 -28.41 -18.65
CA PRO B 374 -12.25 -29.81 -18.66
C PRO B 374 -13.04 -30.76 -17.78
N ALA B 375 -14.37 -30.71 -17.81
CA ALA B 375 -15.17 -31.78 -17.23
C ALA B 375 -16.43 -32.02 -18.06
N ASN B 376 -16.42 -31.60 -19.32
CA ASN B 376 -17.61 -31.64 -20.16
C ASN B 376 -17.37 -32.61 -21.30
N TRP B 377 -17.69 -33.87 -21.08
CA TRP B 377 -17.86 -34.82 -22.18
C TRP B 377 -19.23 -34.68 -22.85
N GLN B 378 -20.14 -33.93 -22.23
CA GLN B 378 -21.50 -33.80 -22.76
C GLN B 378 -21.55 -32.84 -23.93
N TRP B 379 -20.97 -31.65 -23.77
CA TRP B 379 -21.04 -30.61 -24.78
C TRP B 379 -19.87 -30.65 -25.76
N ARG B 380 -19.27 -31.81 -25.98
CA ARG B 380 -18.21 -31.91 -26.96
C ARG B 380 -18.78 -31.84 -28.37
N PRO B 381 -18.10 -31.17 -29.30
CA PRO B 381 -18.61 -31.11 -30.68
C PRO B 381 -18.63 -32.46 -31.39
N ARG B 382 -17.49 -33.12 -31.48
CA ARG B 382 -17.39 -34.43 -32.13
C ARG B 382 -16.22 -35.17 -31.50
N PRO B 383 -16.49 -36.20 -30.71
CA PRO B 383 -15.39 -36.97 -30.10
C PRO B 383 -14.82 -38.02 -31.06
N ALA B 384 -14.10 -37.55 -32.07
CA ALA B 384 -13.46 -38.47 -32.99
C ALA B 384 -12.23 -39.09 -32.34
N PRO B 385 -12.04 -40.40 -32.46
CA PRO B 385 -10.87 -41.03 -31.86
C PRO B 385 -9.62 -40.82 -32.70
N ILE B 386 -8.52 -40.50 -32.02
CA ILE B 386 -7.19 -40.47 -32.61
C ILE B 386 -6.24 -41.23 -31.70
N THR B 387 -5.04 -41.50 -32.21
CA THR B 387 -4.01 -42.19 -31.45
C THR B 387 -3.37 -41.23 -30.46
N SER B 388 -2.42 -41.74 -29.68
CA SER B 388 -1.75 -40.91 -28.71
C SER B 388 -0.72 -40.01 -29.35
N LEU B 389 -0.08 -40.47 -30.43
CA LEU B 389 0.96 -39.69 -31.08
C LEU B 389 0.37 -38.53 -31.86
N ASN B 390 -0.81 -38.69 -32.43
CA ASN B 390 -1.45 -37.57 -33.12
C ASN B 390 -2.09 -36.58 -32.16
N PHE B 391 -2.20 -36.91 -30.89
CA PHE B 391 -2.61 -35.94 -29.87
C PHE B 391 -1.41 -35.24 -29.27
N LEU B 392 -0.35 -35.99 -28.99
CA LEU B 392 0.86 -35.37 -28.47
C LEU B 392 1.64 -34.61 -29.54
N SER B 393 1.30 -34.80 -30.80
CA SER B 393 1.94 -34.05 -31.86
C SER B 393 1.14 -32.81 -32.26
N PHE B 394 -0.19 -32.87 -32.15
CA PHE B 394 -1.00 -31.67 -32.35
C PHE B 394 -0.78 -30.67 -31.22
N SER B 395 -0.81 -31.13 -29.99
CA SER B 395 -0.59 -30.28 -28.82
C SER B 395 0.52 -30.83 -27.94
N PRO B 396 1.78 -30.62 -28.31
CA PRO B 396 2.87 -30.83 -27.37
C PRO B 396 3.06 -29.53 -26.57
N PHE B 397 4.00 -29.56 -25.65
CA PHE B 397 4.26 -28.38 -24.83
C PHE B 397 5.47 -27.62 -25.37
N HIS B 398 5.33 -27.26 -26.64
CA HIS B 398 6.23 -26.33 -27.30
C HIS B 398 5.84 -24.92 -26.93
N ASN B 399 6.81 -24.12 -26.52
CA ASN B 399 6.54 -22.74 -26.14
C ASN B 399 7.75 -21.90 -26.47
N PHE B 400 7.52 -20.72 -27.02
CA PHE B 400 8.56 -19.72 -27.02
C PHE B 400 8.86 -19.34 -25.58
N MET B 401 10.15 -19.13 -25.29
CA MET B 401 10.56 -18.86 -23.93
C MET B 401 10.06 -17.50 -23.49
N SER B 402 9.36 -17.46 -22.36
CA SER B 402 8.85 -16.22 -21.80
C SER B 402 8.91 -16.36 -20.28
N GLY B 403 9.58 -15.43 -19.62
CA GLY B 403 9.70 -15.48 -18.18
C GLY B 403 8.41 -15.06 -17.49
N LYS B 404 8.49 -14.97 -16.18
CA LYS B 404 7.33 -14.61 -15.40
C LYS B 404 7.09 -13.10 -15.50
N PRO B 405 5.89 -12.65 -15.88
CA PRO B 405 5.59 -11.22 -15.75
C PRO B 405 5.50 -10.78 -14.31
N THR B 406 4.74 -11.48 -13.48
CA THR B 406 4.72 -11.27 -12.04
C THR B 406 4.94 -12.60 -11.34
N GLY B 407 4.78 -12.60 -10.01
CA GLY B 407 4.90 -13.81 -9.23
C GLY B 407 6.30 -14.11 -8.72
N ASN B 408 7.33 -13.56 -9.36
CA ASN B 408 8.68 -13.66 -8.85
C ASN B 408 8.81 -12.90 -7.52
N PRO B 409 9.74 -13.30 -6.65
CA PRO B 409 9.85 -12.65 -5.33
C PRO B 409 10.26 -11.19 -5.36
N TRP B 410 10.86 -10.71 -6.45
CA TRP B 410 11.16 -9.30 -6.63
C TRP B 410 10.19 -8.74 -7.67
N GLY B 411 10.45 -7.51 -8.09
CA GLY B 411 9.79 -6.99 -9.27
C GLY B 411 10.44 -7.57 -10.50
N PRO B 412 9.68 -7.66 -11.61
CA PRO B 412 10.25 -8.18 -12.86
C PRO B 412 11.29 -7.25 -13.43
N ALA B 413 12.34 -7.83 -14.02
CA ALA B 413 13.50 -7.02 -14.39
C ALA B 413 13.24 -6.20 -15.65
N VAL B 414 13.08 -6.87 -16.79
CA VAL B 414 12.95 -6.18 -18.07
C VAL B 414 12.40 -7.18 -19.09
N THR B 415 11.54 -6.69 -19.98
CA THR B 415 11.17 -7.45 -21.16
C THR B 415 12.13 -7.15 -22.30
N ILE B 416 12.46 -8.17 -23.09
CA ILE B 416 13.35 -7.98 -24.23
C ILE B 416 12.78 -8.73 -25.43
N LEU B 417 12.58 -8.03 -26.53
CA LEU B 417 11.93 -8.53 -27.73
C LEU B 417 13.01 -9.08 -28.66
N LYS B 418 12.68 -9.28 -29.94
CA LYS B 418 13.57 -9.77 -31.00
C LYS B 418 14.03 -11.20 -30.75
N THR B 419 13.23 -11.95 -30.01
CA THR B 419 13.46 -13.34 -29.73
C THR B 419 13.04 -14.20 -30.91
N VAL B 420 12.83 -15.49 -30.68
CA VAL B 420 12.31 -16.36 -31.73
C VAL B 420 10.88 -15.98 -32.07
N SER B 421 10.72 -15.30 -33.21
CA SER B 421 9.45 -14.82 -33.76
C SER B 421 8.72 -13.88 -32.80
N GLY B 422 9.37 -12.77 -32.48
CA GLY B 422 8.70 -11.58 -31.97
C GLY B 422 8.19 -11.52 -30.54
N THR B 423 7.89 -12.67 -29.94
CA THR B 423 7.25 -12.68 -28.62
C THR B 423 8.23 -12.23 -27.54
N PRO B 424 7.77 -11.48 -26.54
CA PRO B 424 8.69 -10.96 -25.53
C PRO B 424 9.17 -12.04 -24.57
N LEU B 425 10.19 -11.69 -23.79
CA LEU B 425 10.92 -12.65 -22.97
C LEU B 425 10.66 -12.52 -21.48
N TYR B 426 10.59 -11.30 -20.96
CA TYR B 426 10.37 -10.98 -19.54
C TYR B 426 11.47 -11.61 -18.67
N PHE B 427 12.67 -11.08 -18.86
CA PHE B 427 13.87 -11.60 -18.22
C PHE B 427 13.78 -11.49 -16.69
N ASN B 428 14.33 -12.49 -16.01
CA ASN B 428 14.22 -12.58 -14.57
C ASN B 428 15.42 -13.35 -14.03
N PHE B 429 15.98 -12.85 -12.93
CA PHE B 429 17.07 -13.59 -12.29
C PHE B 429 16.56 -14.82 -11.57
N HIS B 430 15.37 -14.75 -10.99
CA HIS B 430 14.85 -15.82 -10.12
C HIS B 430 14.13 -16.86 -10.99
N ALA B 431 14.92 -17.66 -11.67
CA ALA B 431 14.41 -18.79 -12.44
C ALA B 431 14.85 -20.09 -11.79
N SER B 432 13.98 -21.10 -11.86
CA SER B 432 14.22 -22.35 -11.16
C SER B 432 15.30 -23.17 -11.84
N LYS B 433 15.65 -24.30 -11.24
CA LYS B 433 16.67 -25.20 -11.76
C LYS B 433 16.29 -26.61 -11.35
N GLU B 434 17.09 -27.59 -11.75
CA GLU B 434 16.95 -28.97 -11.29
C GLU B 434 17.53 -29.17 -9.88
N GLU B 435 18.09 -28.14 -9.28
CA GLU B 435 18.59 -28.16 -7.90
C GLU B 435 17.40 -27.82 -6.99
N GLU B 436 17.68 -27.44 -5.73
CA GLU B 436 16.68 -27.22 -4.66
C GLU B 436 15.89 -28.50 -4.40
N ASP B 437 16.61 -29.51 -3.90
CA ASP B 437 15.96 -30.73 -3.43
C ASP B 437 15.01 -30.42 -2.28
N ALA B 438 15.42 -29.53 -1.38
CA ALA B 438 14.53 -28.90 -0.42
C ALA B 438 14.16 -27.52 -0.95
N THR B 439 12.94 -27.07 -0.62
CA THR B 439 12.47 -25.75 -1.03
C THR B 439 12.77 -24.71 0.05
N ASP B 440 14.06 -24.54 0.33
CA ASP B 440 14.47 -23.69 1.44
C ASP B 440 14.45 -22.21 1.07
N LYS B 441 15.13 -21.83 0.00
CA LYS B 441 15.21 -20.43 -0.38
C LYS B 441 14.00 -20.06 -1.25
N ARG B 442 13.93 -18.80 -1.65
CA ARG B 442 12.87 -18.31 -2.53
C ARG B 442 13.00 -18.99 -3.89
N LEU B 443 14.07 -18.66 -4.60
CA LEU B 443 14.39 -19.23 -5.90
C LEU B 443 15.87 -18.96 -6.16
N LEU B 444 16.54 -19.93 -6.79
CA LEU B 444 17.94 -19.77 -7.14
C LEU B 444 18.09 -18.69 -8.20
N GLY B 445 19.00 -17.75 -8.00
CA GLY B 445 19.01 -16.58 -8.83
C GLY B 445 20.36 -16.12 -9.36
N ASN B 446 21.37 -16.98 -9.29
CA ASN B 446 22.67 -16.62 -9.83
C ASN B 446 22.64 -16.62 -11.36
N THR B 447 23.45 -15.75 -11.94
CA THR B 447 23.42 -15.46 -13.37
C THR B 447 24.87 -15.30 -13.83
N MET B 448 25.17 -15.68 -15.06
CA MET B 448 26.50 -15.39 -15.60
C MET B 448 26.43 -15.17 -17.10
N LEU B 449 27.28 -14.27 -17.59
CA LEU B 449 27.40 -13.94 -19.00
C LEU B 449 28.70 -14.50 -19.55
N ILE B 450 28.64 -15.09 -20.74
CA ILE B 450 29.81 -15.64 -21.41
C ILE B 450 29.95 -14.93 -22.75
N GLY B 451 31.10 -14.32 -22.98
CA GLY B 451 31.36 -13.59 -24.21
C GLY B 451 32.80 -13.15 -24.34
N GLN B 452 33.28 -13.00 -25.57
CA GLN B 452 34.69 -12.74 -25.81
C GLN B 452 34.93 -11.25 -26.10
N SER B 453 36.01 -10.72 -25.51
CA SER B 453 36.60 -9.42 -25.85
C SER B 453 35.65 -8.25 -25.58
N SER B 454 34.75 -8.45 -24.60
CA SER B 454 33.73 -7.47 -24.21
C SER B 454 32.88 -7.02 -25.40
N SER B 455 32.47 -8.00 -26.22
CA SER B 455 31.71 -7.70 -27.42
C SER B 455 30.29 -7.30 -27.08
N GLY B 456 30.11 -6.07 -26.60
CA GLY B 456 28.81 -5.62 -26.16
C GLY B 456 28.31 -6.28 -24.91
N LYS B 457 29.21 -6.64 -23.99
CA LYS B 457 28.82 -7.19 -22.70
C LYS B 457 28.49 -6.09 -21.71
N THR B 458 29.30 -5.03 -21.68
CA THR B 458 29.13 -3.96 -20.71
C THR B 458 27.83 -3.20 -20.93
N VAL B 459 27.40 -3.06 -22.19
CA VAL B 459 26.13 -2.39 -22.45
C VAL B 459 24.97 -3.23 -21.94
N LEU B 460 25.06 -4.57 -22.05
CA LEU B 460 24.00 -5.43 -21.54
C LEU B 460 24.00 -5.45 -20.02
N LEU B 461 25.18 -5.41 -19.41
CA LEU B 461 25.24 -5.40 -17.95
C LEU B 461 24.71 -4.09 -17.39
N GLY B 462 24.98 -2.97 -18.06
CA GLY B 462 24.40 -1.70 -17.64
C GLY B 462 22.90 -1.66 -17.86
N PHE B 463 22.43 -2.24 -18.97
CA PHE B 463 21.01 -2.25 -19.27
C PHE B 463 20.25 -3.17 -18.32
N LEU B 464 20.92 -4.19 -17.77
CA LEU B 464 20.29 -4.99 -16.73
C LEU B 464 20.40 -4.33 -15.37
N LEU B 465 21.47 -3.57 -15.13
CA LEU B 465 21.62 -2.90 -13.84
C LEU B 465 20.62 -1.75 -13.68
N ALA B 466 20.26 -1.07 -14.77
CA ALA B 466 19.25 -0.02 -14.67
C ALA B 466 17.86 -0.60 -14.36
N GLN B 467 17.45 -1.62 -15.11
CA GLN B 467 16.17 -2.24 -14.82
C GLN B 467 16.18 -3.10 -13.58
N ALA B 468 17.35 -3.38 -12.99
CA ALA B 468 17.42 -3.91 -11.65
C ALA B 468 17.37 -2.81 -10.60
N GLN B 469 17.83 -1.60 -10.94
CA GLN B 469 17.65 -0.44 -10.09
C GLN B 469 16.21 0.06 -10.08
N LYS B 470 15.39 -0.44 -10.99
CA LYS B 470 13.94 -0.27 -10.91
C LYS B 470 13.39 -0.65 -9.53
N PHE B 471 13.63 -1.90 -9.10
CA PHE B 471 13.28 -2.33 -7.75
C PHE B 471 14.53 -2.30 -6.90
N LYS B 472 14.58 -1.37 -5.92
CA LYS B 472 15.79 -0.83 -5.29
C LYS B 472 16.69 -1.90 -4.68
N PRO B 473 17.79 -2.22 -5.35
CA PRO B 473 18.71 -3.22 -4.83
C PRO B 473 19.85 -2.61 -4.06
N THR B 474 20.80 -3.43 -3.62
CA THR B 474 22.09 -2.98 -3.10
C THR B 474 23.17 -3.64 -3.96
N ILE B 475 23.55 -2.96 -5.03
CA ILE B 475 24.53 -3.47 -5.98
C ILE B 475 25.92 -3.36 -5.40
N VAL B 476 26.71 -4.44 -5.50
CA VAL B 476 28.14 -4.40 -5.28
C VAL B 476 28.82 -4.97 -6.51
N ALA B 477 29.73 -4.21 -7.10
CA ALA B 477 30.32 -4.56 -8.39
C ALA B 477 31.84 -4.54 -8.32
N PHE B 478 32.46 -5.39 -9.13
CA PHE B 478 33.92 -5.50 -9.22
C PHE B 478 34.27 -5.46 -10.71
N ASP B 479 34.45 -4.26 -11.25
CA ASP B 479 34.55 -4.11 -12.69
C ASP B 479 35.96 -4.43 -13.19
N LYS B 480 36.06 -4.70 -14.49
CA LYS B 480 37.31 -5.22 -15.05
C LYS B 480 38.31 -4.11 -15.30
N ASP B 481 38.03 -3.22 -16.27
CA ASP B 481 38.91 -2.09 -16.57
C ASP B 481 38.10 -0.82 -16.78
N ARG B 482 37.75 -0.17 -15.66
CA ARG B 482 36.98 1.08 -15.58
C ARG B 482 35.64 1.03 -16.32
N GLY B 483 35.13 -0.16 -16.65
CA GLY B 483 33.80 -0.28 -17.19
C GLY B 483 32.79 -0.07 -16.10
N MET B 484 31.54 0.16 -16.54
CA MET B 484 30.39 0.45 -15.67
C MET B 484 30.58 1.69 -14.80
N GLU B 485 31.55 2.55 -15.12
CA GLU B 485 31.88 3.67 -14.24
C GLU B 485 30.89 4.81 -14.40
N ILE B 486 30.54 5.14 -15.64
CA ILE B 486 29.54 6.19 -15.88
C ILE B 486 28.16 5.74 -15.42
N SER B 487 27.85 4.45 -15.58
CA SER B 487 26.54 3.94 -15.17
C SER B 487 26.39 3.94 -13.65
N ILE B 488 27.44 3.54 -12.93
CA ILE B 488 27.40 3.55 -11.48
C ILE B 488 27.42 4.98 -10.95
N ARG B 489 28.24 5.85 -11.57
CA ARG B 489 28.35 7.23 -11.14
C ARG B 489 27.06 8.02 -11.40
N ALA B 490 26.32 7.66 -12.45
CA ALA B 490 25.02 8.27 -12.70
C ALA B 490 23.89 7.54 -12.00
N MET B 491 24.14 6.35 -11.48
CA MET B 491 23.12 5.55 -10.83
C MET B 491 23.09 5.75 -9.32
N GLY B 492 23.91 6.65 -8.79
CA GLY B 492 23.97 6.88 -7.37
C GLY B 492 24.94 5.95 -6.67
N GLY B 493 26.13 5.76 -7.27
CA GLY B 493 27.11 4.84 -6.77
C GLY B 493 28.30 5.53 -6.14
N ARG B 494 29.21 4.70 -5.62
CA ARG B 494 30.44 5.17 -4.99
C ARG B 494 31.65 5.08 -5.92
N TYR B 495 31.96 3.86 -6.36
CA TYR B 495 32.97 3.56 -7.39
C TYR B 495 34.37 4.05 -7.00
N LEU B 496 34.93 3.37 -6.00
CA LEU B 496 36.35 3.52 -5.69
C LEU B 496 37.20 3.21 -6.93
N PRO B 497 38.13 4.08 -7.32
CA PRO B 497 38.97 3.77 -8.49
C PRO B 497 39.99 2.68 -8.20
N LEU B 498 40.66 2.76 -7.04
CA LEU B 498 41.65 1.81 -6.55
C LEU B 498 42.79 1.55 -7.54
N LYS B 499 43.59 2.57 -7.84
CA LYS B 499 44.62 2.48 -8.86
C LYS B 499 45.97 2.94 -8.30
N THR B 500 47.01 2.22 -8.68
CA THR B 500 48.38 2.51 -8.21
C THR B 500 49.16 3.40 -9.18
N GLY B 501 48.55 4.50 -9.64
CA GLY B 501 49.21 5.28 -10.65
C GLY B 501 48.98 6.78 -10.64
N GLU B 502 48.24 7.29 -9.66
CA GLU B 502 47.88 8.71 -9.66
C GLU B 502 48.59 9.39 -8.50
N PRO B 503 48.41 10.72 -8.40
CA PRO B 503 48.96 11.47 -7.28
C PRO B 503 48.14 11.28 -6.01
N SER B 504 46.94 10.74 -6.13
CA SER B 504 46.14 10.30 -5.00
C SER B 504 46.19 8.79 -4.87
N GLY B 505 45.27 8.26 -4.07
CA GLY B 505 45.13 6.83 -3.93
C GLY B 505 45.59 6.33 -2.59
N PHE B 506 44.65 6.20 -1.65
CA PHE B 506 44.85 5.52 -0.38
C PHE B 506 43.59 4.82 0.11
N ASN B 507 42.59 4.59 -0.73
CA ASN B 507 41.21 4.43 -0.29
C ASN B 507 41.01 3.04 0.32
N PRO B 508 41.39 2.92 1.60
CA PRO B 508 41.22 1.71 2.42
C PRO B 508 41.50 2.09 3.87
N PHE B 509 40.76 1.51 4.82
CA PHE B 509 40.86 1.97 6.21
C PHE B 509 41.39 0.92 7.19
N GLN B 510 40.77 -0.26 7.26
CA GLN B 510 41.07 -1.37 8.18
C GLN B 510 41.09 -1.00 9.67
N LEU B 511 40.52 0.15 10.06
CA LEU B 511 40.68 0.60 11.44
C LEU B 511 39.72 -0.07 12.44
N PRO B 512 38.39 -0.09 12.26
CA PRO B 512 37.56 -0.71 13.31
C PRO B 512 37.48 -2.22 13.14
N PRO B 513 37.71 -2.98 14.21
CA PRO B 513 37.58 -4.44 14.11
C PRO B 513 36.18 -4.94 14.43
N THR B 514 35.68 -5.87 13.61
CA THR B 514 34.38 -6.51 13.83
C THR B 514 34.49 -8.01 14.07
N HIS B 515 35.44 -8.67 13.42
CA HIS B 515 35.64 -10.11 13.56
C HIS B 515 37.12 -10.33 13.81
N ALA B 516 37.62 -9.63 14.84
CA ALA B 516 38.98 -9.11 14.94
C ALA B 516 40.04 -10.19 14.78
N ASN B 517 40.09 -11.13 15.73
CA ASN B 517 41.20 -12.08 15.84
C ASN B 517 41.35 -12.93 14.59
N LEU B 518 40.27 -13.62 14.20
CA LEU B 518 40.33 -14.54 13.07
C LEU B 518 40.51 -13.81 11.74
N ILE B 519 39.70 -12.77 11.49
CA ILE B 519 39.75 -12.15 10.16
C ILE B 519 41.00 -11.31 9.97
N PHE B 520 41.41 -10.51 10.96
CA PHE B 520 42.63 -9.73 10.78
C PHE B 520 43.87 -10.60 10.90
N LEU B 521 43.76 -11.76 11.56
CA LEU B 521 44.85 -12.73 11.52
C LEU B 521 45.00 -13.31 10.11
N LYS B 522 43.88 -13.64 9.46
CA LYS B 522 43.91 -14.11 8.08
C LYS B 522 44.45 -13.06 7.14
N GLN B 523 44.06 -11.79 7.34
CA GLN B 523 44.54 -10.72 6.48
C GLN B 523 46.03 -10.46 6.67
N PHE B 524 46.52 -10.58 7.91
CA PHE B 524 47.95 -10.40 8.16
C PHE B 524 48.76 -11.54 7.55
N VAL B 525 48.30 -12.79 7.69
CA VAL B 525 49.09 -13.89 7.16
C VAL B 525 48.99 -13.94 5.64
N LYS B 526 47.90 -13.44 5.05
CA LYS B 526 47.85 -13.36 3.59
C LYS B 526 48.62 -12.16 3.06
N LYS B 527 48.83 -11.13 3.90
CA LYS B 527 49.62 -9.99 3.46
C LYS B 527 51.12 -10.28 3.53
N LEU B 528 51.58 -11.01 4.53
CA LEU B 528 53.01 -11.25 4.67
C LEU B 528 53.45 -12.63 4.17
N ALA B 529 52.58 -13.62 4.17
CA ALA B 529 52.99 -14.99 3.87
C ALA B 529 53.25 -15.18 2.38
N ALA B 530 54.47 -14.84 1.94
CA ALA B 530 54.93 -15.19 0.60
C ALA B 530 56.44 -15.35 0.69
N ALA B 531 56.89 -16.59 0.89
CA ALA B 531 58.31 -16.86 1.01
C ALA B 531 58.74 -18.16 0.33
N GLY B 532 57.85 -18.85 -0.36
CA GLY B 532 58.21 -20.10 -1.03
C GLY B 532 57.14 -21.17 -0.93
N ARG B 538 55.54 -20.28 5.68
CA ARG B 538 56.02 -21.47 6.37
C ARG B 538 55.46 -21.57 7.79
N ASP B 539 54.15 -21.33 7.90
CA ASP B 539 53.37 -21.44 9.15
C ASP B 539 53.88 -20.51 10.25
N GLU B 540 53.74 -19.20 10.06
CA GLU B 540 54.03 -18.21 11.10
C GLU B 540 52.78 -17.78 11.86
N GLU B 541 51.86 -18.73 12.12
CA GLU B 541 50.52 -18.37 12.57
C GLU B 541 50.50 -17.88 14.01
N GLU B 542 51.21 -18.56 14.90
CA GLU B 542 51.25 -18.11 16.29
C GLU B 542 52.05 -16.82 16.44
N ILE B 543 53.05 -16.62 15.57
CA ILE B 543 53.80 -15.37 15.59
C ILE B 543 52.92 -14.21 15.17
N ASP B 544 52.12 -14.39 14.12
CA ASP B 544 51.16 -13.36 13.71
C ASP B 544 50.07 -13.17 14.76
N GLN B 545 49.70 -14.23 15.47
CA GLN B 545 48.74 -14.11 16.57
C GLN B 545 49.30 -13.28 17.71
N ALA B 546 50.58 -13.43 18.02
CA ALA B 546 51.22 -12.57 19.02
C ALA B 546 51.36 -11.14 18.52
N ILE B 547 51.55 -10.95 17.22
CA ILE B 547 51.57 -9.60 16.64
C ILE B 547 50.21 -8.94 16.81
N THR B 548 49.12 -9.67 16.55
CA THR B 548 47.78 -9.10 16.75
C THR B 548 47.46 -8.88 18.22
N ALA B 549 47.97 -9.75 19.10
CA ALA B 549 47.76 -9.59 20.54
C ALA B 549 48.47 -8.36 21.08
N MET B 550 49.69 -8.11 20.61
CA MET B 550 50.40 -6.88 20.96
C MET B 550 49.88 -5.67 20.18
N MET B 551 49.14 -5.89 19.09
CA MET B 551 48.56 -4.78 18.34
C MET B 551 47.34 -4.22 19.04
N SER B 552 46.45 -5.10 19.53
CA SER B 552 45.20 -4.66 20.16
C SER B 552 45.52 -4.04 21.52
N ASP B 553 45.82 -2.74 21.50
CA ASP B 553 46.22 -2.01 22.70
C ASP B 553 45.56 -0.63 22.68
N SER B 554 44.61 -0.39 23.59
CA SER B 554 44.06 -1.40 24.49
C SER B 554 42.58 -1.65 24.17
N ILE B 555 41.76 -0.60 24.26
CA ILE B 555 40.37 -0.65 23.84
C ILE B 555 40.04 0.61 23.06
N ASP B 556 39.39 0.43 21.91
CA ASP B 556 38.76 1.49 21.09
C ASP B 556 39.75 2.57 20.67
N LYS B 557 40.72 2.17 19.85
CA LYS B 557 41.78 3.07 19.42
C LYS B 557 41.80 3.19 17.90
N SER B 558 42.17 4.39 17.46
CA SER B 558 42.08 4.97 16.13
C SER B 558 43.37 4.78 15.32
N LEU B 559 43.63 5.72 14.41
CA LEU B 559 44.91 5.83 13.70
C LEU B 559 46.14 5.77 14.61
N ARG B 560 46.01 6.10 15.91
CA ARG B 560 47.06 5.75 16.86
C ARG B 560 47.31 4.24 16.91
N ARG B 561 46.24 3.44 16.92
CA ARG B 561 46.39 1.98 16.89
C ARG B 561 46.94 1.48 15.56
N LEU B 562 46.45 2.04 14.44
CA LEU B 562 46.98 1.62 13.15
C LEU B 562 48.44 2.04 12.96
N SER B 563 48.82 3.19 13.53
CA SER B 563 50.23 3.60 13.51
C SER B 563 51.08 2.76 14.44
N LEU B 564 50.52 2.27 15.55
CA LEU B 564 51.23 1.32 16.40
C LEU B 564 51.44 0.00 15.68
N LEU B 565 50.44 -0.44 14.91
CA LEU B 565 50.58 -1.64 14.08
C LEU B 565 51.62 -1.43 12.99
N LEU B 566 51.74 -0.22 12.46
CA LEU B 566 52.77 0.08 11.48
C LEU B 566 54.15 0.14 12.12
N GLN B 567 54.25 0.67 13.33
CA GLN B 567 55.53 0.95 13.97
C GLN B 567 55.86 -0.08 15.04
N PHE B 568 55.23 -1.25 15.00
CA PHE B 568 55.73 -2.36 15.80
C PHE B 568 57.06 -2.86 15.24
N LEU B 569 57.98 -3.19 16.16
CA LEU B 569 59.37 -3.59 15.98
C LEU B 569 59.46 -4.98 15.35
N PRO B 570 60.55 -5.28 14.62
CA PRO B 570 60.75 -6.65 14.11
C PRO B 570 60.98 -7.67 15.22
N ASN B 571 61.81 -7.30 16.19
CA ASN B 571 62.16 -8.11 17.37
C ASN B 571 62.74 -9.48 17.02
N PRO B 581 64.04 -14.63 8.88
CA PRO B 581 62.66 -15.04 9.10
C PRO B 581 61.66 -14.10 8.46
N THR B 582 60.40 -14.51 8.42
CA THR B 582 59.35 -13.72 7.78
C THR B 582 58.88 -12.66 8.77
N VAL B 583 59.22 -11.39 8.48
CA VAL B 583 59.09 -10.32 9.46
C VAL B 583 58.53 -9.09 8.74
N HIS B 584 58.41 -7.95 9.45
CA HIS B 584 57.97 -6.65 8.97
C HIS B 584 58.77 -6.11 7.78
N ALA B 585 59.93 -6.66 7.46
CA ALA B 585 60.76 -6.18 6.35
C ALA B 585 60.04 -6.34 5.02
N ARG B 586 59.57 -7.56 4.72
CA ARG B 586 58.83 -7.78 3.50
C ARG B 586 57.49 -7.06 3.51
N LEU B 587 56.91 -6.86 4.70
CA LEU B 587 55.69 -6.07 4.83
C LEU B 587 55.90 -4.64 4.37
N VAL B 588 56.93 -3.97 4.87
CA VAL B 588 57.18 -2.59 4.49
C VAL B 588 57.64 -2.51 3.03
N LYS B 589 58.47 -3.45 2.58
CA LYS B 589 58.96 -3.37 1.21
C LYS B 589 57.95 -3.85 0.18
N TRP B 590 56.87 -4.53 0.59
CA TRP B 590 55.81 -4.89 -0.33
C TRP B 590 54.54 -4.07 -0.16
N CYS B 591 54.49 -3.18 0.84
CA CYS B 591 53.68 -1.98 0.71
C CYS B 591 54.46 -0.86 0.03
N GLU B 592 55.76 -1.07 -0.18
CA GLU B 592 56.75 -0.25 -0.89
C GLU B 592 57.15 1.02 -0.13
N GLY B 593 56.51 1.32 1.00
CA GLY B 593 56.82 2.54 1.71
C GLY B 593 56.00 3.68 1.12
N GLY B 594 55.13 4.28 1.92
CA GLY B 594 54.16 5.21 1.38
C GLY B 594 53.20 4.48 0.46
N ASP B 595 52.38 3.61 1.03
CA ASP B 595 51.61 2.62 0.29
C ASP B 595 50.44 3.28 -0.43
N TYR B 596 50.69 3.77 -1.65
CA TYR B 596 49.62 4.38 -2.42
C TYR B 596 48.71 3.32 -3.04
N GLY B 597 49.28 2.33 -3.72
CA GLY B 597 48.45 1.29 -4.31
C GLY B 597 48.02 0.24 -3.32
N TRP B 598 48.67 0.19 -2.16
CA TRP B 598 48.51 -0.94 -1.26
C TRP B 598 47.52 -0.65 -0.14
N LEU B 599 47.40 -1.63 0.76
CA LEU B 599 46.32 -1.69 1.72
C LEU B 599 46.68 -1.09 3.08
N PHE B 600 47.93 -1.20 3.49
CA PHE B 600 48.33 -0.84 4.85
C PHE B 600 48.87 0.59 4.89
N ASP B 601 48.98 1.11 6.12
CA ASP B 601 49.53 2.44 6.44
C ASP B 601 48.72 3.55 5.76
N ASN B 602 47.41 3.53 6.02
CA ASN B 602 46.44 4.47 5.47
C ASN B 602 45.68 5.13 6.62
N PRO B 603 45.07 6.29 6.40
CA PRO B 603 44.06 6.77 7.36
C PRO B 603 42.71 6.16 7.07
N THR B 604 41.68 6.56 7.82
CA THR B 604 40.32 6.14 7.51
C THR B 604 39.75 6.93 6.35
N ASP B 605 38.87 6.30 5.58
CA ASP B 605 38.15 6.97 4.50
C ASP B 605 36.65 6.87 4.75
N ALA B 606 36.23 7.13 5.98
CA ALA B 606 34.85 6.93 6.40
C ALA B 606 33.93 7.99 5.80
N LEU B 607 33.38 7.70 4.62
CA LEU B 607 32.43 8.58 3.96
C LEU B 607 31.49 7.71 3.12
N ASP B 608 30.28 7.50 3.65
CA ASP B 608 29.19 6.76 2.99
C ASP B 608 29.61 5.32 2.63
N LEU B 609 30.27 4.65 3.57
CA LEU B 609 30.65 3.26 3.36
C LEU B 609 29.48 2.29 3.55
N SER B 610 28.36 2.76 4.10
CA SER B 610 27.18 1.91 4.24
C SER B 610 25.87 2.59 3.84
N THR B 611 25.82 3.91 3.69
CA THR B 611 24.58 4.61 3.37
C THR B 611 24.52 4.94 1.87
N HIS B 612 24.55 3.89 1.06
CA HIS B 612 24.35 4.01 -0.37
C HIS B 612 23.53 2.83 -0.87
N GLN B 613 23.33 2.77 -2.18
CA GLN B 613 22.70 1.63 -2.81
C GLN B 613 23.57 0.93 -3.83
N ILE B 614 24.67 1.54 -4.27
CA ILE B 614 25.50 0.96 -5.31
C ILE B 614 26.96 1.21 -4.94
N TYR B 615 27.76 0.15 -4.88
CA TYR B 615 29.18 0.25 -4.67
C TYR B 615 29.90 -0.45 -5.80
N GLY B 616 31.05 0.08 -6.16
CA GLY B 616 31.85 -0.51 -7.21
C GLY B 616 33.32 -0.41 -6.91
N PHE B 617 34.09 -1.41 -7.30
CA PHE B 617 35.53 -1.40 -7.11
C PHE B 617 36.18 -1.85 -8.42
N ASP B 618 37.49 -1.66 -8.52
CA ASP B 618 38.23 -2.03 -9.71
C ASP B 618 39.35 -2.99 -9.34
N ILE B 619 39.59 -3.96 -10.23
CA ILE B 619 40.64 -4.95 -10.04
C ILE B 619 41.54 -4.96 -11.27
N THR B 620 41.67 -3.80 -11.91
CA THR B 620 42.29 -3.71 -13.24
C THR B 620 43.78 -4.01 -13.18
N GLU B 621 44.53 -3.30 -12.34
CA GLU B 621 45.96 -3.48 -12.23
C GLU B 621 46.35 -4.53 -11.19
N PHE B 622 45.49 -5.52 -10.96
CA PHE B 622 45.68 -6.50 -9.91
C PHE B 622 45.97 -7.86 -10.53
N LEU B 623 47.20 -8.32 -10.38
CA LEU B 623 47.59 -9.68 -10.71
C LEU B 623 48.56 -10.17 -9.64
N ASP B 624 48.59 -11.48 -9.44
CA ASP B 624 49.37 -12.05 -8.35
C ASP B 624 50.86 -12.04 -8.67
N ASN B 625 51.67 -12.47 -7.68
CA ASN B 625 53.13 -12.39 -7.63
C ASN B 625 53.58 -10.95 -7.86
N PRO B 626 53.43 -10.04 -6.88
CA PRO B 626 53.09 -10.26 -5.46
C PRO B 626 51.61 -10.45 -5.16
N GLU B 627 51.30 -10.91 -3.95
CA GLU B 627 49.93 -11.22 -3.56
C GLU B 627 49.19 -9.92 -3.28
N ALA B 628 48.69 -9.32 -4.36
CA ALA B 628 47.99 -8.04 -4.27
C ALA B 628 46.48 -8.18 -4.41
N ARG B 629 46.02 -8.97 -5.36
CA ARG B 629 44.58 -9.09 -5.62
C ARG B 629 43.84 -9.90 -4.57
N THR B 630 44.48 -10.90 -3.96
CA THR B 630 43.80 -11.73 -2.98
C THR B 630 43.52 -11.06 -1.62
N PRO B 631 44.42 -10.26 -1.01
CA PRO B 631 44.02 -9.66 0.29
C PRO B 631 43.03 -8.52 0.14
N VAL B 632 43.08 -7.75 -0.95
CA VAL B 632 42.13 -6.67 -1.12
C VAL B 632 40.74 -7.21 -1.45
N MET B 633 40.68 -8.34 -2.17
CA MET B 633 39.40 -8.96 -2.44
C MET B 633 38.85 -9.65 -1.20
N MET B 634 39.75 -10.26 -0.40
CA MET B 634 39.34 -10.83 0.88
C MET B 634 38.79 -9.78 1.82
N TYR B 635 39.46 -8.63 1.91
CA TYR B 635 39.00 -7.53 2.76
C TYR B 635 37.70 -6.93 2.23
N LEU B 636 37.54 -6.81 0.91
CA LEU B 636 36.32 -6.21 0.37
C LEU B 636 35.12 -7.12 0.56
N LEU B 637 35.28 -8.43 0.31
CA LEU B 637 34.19 -9.36 0.58
C LEU B 637 33.90 -9.48 2.07
N TYR B 638 34.92 -9.36 2.92
CA TYR B 638 34.69 -9.40 4.36
C TYR B 638 33.90 -8.17 4.82
N ARG B 639 34.24 -7.00 4.29
CA ARG B 639 33.55 -5.78 4.72
C ARG B 639 32.14 -5.71 4.13
N THR B 640 31.93 -6.28 2.95
CA THR B 640 30.61 -6.23 2.32
C THR B 640 29.80 -7.51 2.51
N GLU B 641 30.29 -8.45 3.32
CA GLU B 641 29.50 -9.64 3.64
C GLU B 641 28.26 -9.27 4.43
N SER B 642 28.43 -8.64 5.58
CA SER B 642 27.30 -8.22 6.40
C SER B 642 26.89 -6.79 6.08
N MET B 643 26.68 -6.51 4.79
CA MET B 643 26.21 -5.19 4.39
C MET B 643 24.74 -5.02 4.75
N ILE B 644 23.87 -5.83 4.14
CA ILE B 644 22.46 -5.90 4.50
C ILE B 644 22.06 -7.37 4.52
N ASP B 645 21.53 -7.82 5.64
CA ASP B 645 21.08 -9.20 5.83
C ASP B 645 19.57 -9.22 5.72
N GLY B 646 19.06 -9.44 4.51
CA GLY B 646 17.63 -9.61 4.35
C GLY B 646 16.99 -8.95 3.13
N ARG B 647 17.52 -7.81 2.69
CA ARG B 647 16.94 -7.10 1.58
C ARG B 647 17.63 -7.49 0.28
N ARG B 648 17.36 -6.73 -0.78
CA ARG B 648 17.83 -7.05 -2.11
C ARG B 648 19.34 -6.81 -2.21
N PHE B 649 20.08 -7.90 -2.38
CA PHE B 649 21.53 -7.85 -2.52
C PHE B 649 21.93 -8.51 -3.83
N MET B 650 22.82 -7.86 -4.58
CA MET B 650 23.30 -8.39 -5.85
C MET B 650 24.80 -8.19 -5.93
N TYR B 651 25.56 -9.27 -5.74
CA TYR B 651 26.97 -9.23 -6.07
C TYR B 651 27.12 -9.20 -7.58
N VAL B 652 28.03 -8.35 -8.08
CA VAL B 652 28.33 -8.27 -9.50
C VAL B 652 29.82 -8.49 -9.67
N PHE B 653 30.18 -9.42 -10.56
CA PHE B 653 31.58 -9.72 -10.81
C PHE B 653 31.88 -9.63 -12.29
N ASP B 654 33.03 -9.03 -12.63
CA ASP B 654 33.57 -9.08 -13.98
C ASP B 654 34.90 -9.79 -13.92
N GLU B 655 35.09 -10.77 -14.82
CA GLU B 655 36.16 -11.77 -14.78
C GLU B 655 36.22 -12.44 -13.41
N PHE B 656 35.14 -13.18 -13.13
CA PHE B 656 34.89 -13.72 -11.80
C PHE B 656 35.85 -14.83 -11.42
N TRP B 657 36.48 -15.50 -12.39
CA TRP B 657 37.45 -16.53 -12.03
C TRP B 657 38.81 -15.96 -11.65
N LYS B 658 39.04 -14.66 -11.87
CA LYS B 658 40.33 -14.07 -11.54
C LYS B 658 40.57 -13.88 -10.05
N PRO B 659 39.66 -13.25 -9.24
CA PRO B 659 40.01 -13.07 -7.82
C PRO B 659 39.85 -14.33 -6.98
N LEU B 660 39.02 -15.27 -7.43
CA LEU B 660 38.72 -16.48 -6.67
C LEU B 660 39.66 -17.59 -7.13
N GLN B 661 40.86 -17.60 -6.53
CA GLN B 661 41.87 -18.59 -6.91
C GLN B 661 42.37 -19.34 -5.69
N ASP B 662 42.50 -18.66 -4.56
CA ASP B 662 43.05 -19.28 -3.36
C ASP B 662 42.01 -20.16 -2.68
N GLU B 663 42.49 -21.00 -1.75
CA GLU B 663 41.62 -21.96 -1.10
C GLU B 663 40.65 -21.30 -0.13
N TYR B 664 41.03 -20.15 0.44
CA TYR B 664 40.12 -19.40 1.28
C TYR B 664 38.92 -18.89 0.49
N PHE B 665 39.15 -18.53 -0.78
CA PHE B 665 38.04 -18.10 -1.61
C PHE B 665 37.12 -19.25 -1.97
N GLU B 666 37.66 -20.47 -2.11
CA GLU B 666 36.82 -21.64 -2.33
C GLU B 666 35.93 -21.91 -1.11
N ASP B 667 36.53 -21.90 0.08
CA ASP B 667 35.78 -22.18 1.30
C ASP B 667 34.71 -21.12 1.56
N LEU B 668 35.10 -19.83 1.53
CA LEU B 668 34.11 -18.79 1.72
C LEU B 668 33.14 -18.65 0.56
N ALA B 669 33.50 -19.13 -0.64
CA ALA B 669 32.54 -19.11 -1.75
C ALA B 669 31.44 -20.14 -1.53
N LYS B 670 31.82 -21.35 -1.12
CA LYS B 670 30.82 -22.39 -0.83
C LYS B 670 29.94 -21.99 0.35
N ASN B 671 30.56 -21.56 1.45
CA ASN B 671 29.79 -21.17 2.64
C ASN B 671 28.94 -19.93 2.38
N LYS B 672 29.47 -18.97 1.61
CA LYS B 672 28.76 -17.73 1.32
C LYS B 672 27.57 -17.98 0.41
N GLN B 673 27.72 -18.88 -0.57
CA GLN B 673 26.57 -19.25 -1.41
C GLN B 673 25.50 -19.93 -0.56
N LYS B 674 25.90 -20.89 0.28
CA LYS B 674 24.92 -21.66 1.05
C LYS B 674 24.20 -20.82 2.10
N THR B 675 24.84 -19.78 2.65
CA THR B 675 24.18 -18.96 3.66
C THR B 675 23.67 -17.62 3.13
N ILE B 676 23.97 -17.26 1.89
CA ILE B 676 23.52 -15.99 1.32
C ILE B 676 22.38 -16.18 0.33
N ARG B 677 22.31 -17.33 -0.36
CA ARG B 677 21.15 -17.68 -1.17
C ARG B 677 19.86 -17.75 -0.35
N LYS B 678 19.93 -18.08 0.93
CA LYS B 678 18.80 -17.99 1.84
C LYS B 678 18.56 -16.57 2.33
N GLN B 679 19.60 -15.76 2.47
CA GLN B 679 19.46 -14.40 2.98
C GLN B 679 19.26 -13.38 1.87
N ASN B 680 18.67 -13.79 0.74
CA ASN B 680 18.24 -12.91 -0.37
C ASN B 680 19.40 -12.15 -0.99
N GLY B 681 20.53 -12.83 -1.14
CA GLY B 681 21.64 -12.24 -1.86
C GLY B 681 21.97 -13.04 -3.10
N ILE B 682 21.73 -12.48 -4.28
CA ILE B 682 21.98 -13.19 -5.52
C ILE B 682 23.24 -12.65 -6.17
N PHE B 683 23.79 -13.45 -7.08
CA PHE B 683 25.03 -13.14 -7.76
C PHE B 683 24.75 -12.90 -9.23
N VAL B 684 25.67 -12.19 -9.87
CA VAL B 684 25.74 -12.13 -11.33
C VAL B 684 27.20 -11.97 -11.74
N PHE B 685 27.70 -12.92 -12.52
CA PHE B 685 29.07 -12.94 -12.97
C PHE B 685 29.15 -12.57 -14.44
N ALA B 686 30.36 -12.24 -14.88
CA ALA B 686 30.63 -12.02 -16.29
C ALA B 686 32.09 -12.31 -16.54
N THR B 687 32.37 -13.15 -17.53
CA THR B 687 33.74 -13.53 -17.85
C THR B 687 34.03 -13.22 -19.30
N GLN B 688 35.31 -12.97 -19.60
CA GLN B 688 35.71 -12.66 -20.97
C GLN B 688 36.14 -13.89 -21.75
N GLU B 689 36.45 -14.98 -21.06
CA GLU B 689 36.83 -16.23 -21.73
C GLU B 689 36.05 -17.39 -21.11
N PRO B 690 35.47 -18.27 -21.92
CA PRO B 690 34.84 -19.46 -21.33
C PRO B 690 35.85 -20.50 -20.87
N SER B 691 36.89 -20.77 -21.67
CA SER B 691 37.81 -21.85 -21.36
C SER B 691 38.72 -21.50 -20.18
N ASP B 692 39.16 -20.24 -20.12
CA ASP B 692 39.95 -19.79 -18.99
C ASP B 692 39.15 -19.78 -17.69
N ALA B 693 37.84 -19.53 -17.78
CA ALA B 693 37.00 -19.63 -16.59
C ALA B 693 36.72 -21.07 -16.23
N LEU B 694 36.72 -21.97 -17.21
CA LEU B 694 36.53 -23.39 -16.93
C LEU B 694 37.83 -24.06 -16.51
N GLU B 695 38.96 -23.35 -16.58
CA GLU B 695 40.24 -23.89 -16.13
C GLU B 695 40.24 -24.18 -14.63
N SER B 696 39.60 -23.32 -13.85
CA SER B 696 39.61 -23.47 -12.40
C SER B 696 38.63 -24.56 -11.95
N ASN B 697 38.59 -24.79 -10.65
CA ASN B 697 37.69 -25.76 -10.03
C ASN B 697 36.57 -25.10 -9.24
N ILE B 698 36.90 -24.09 -8.42
CA ILE B 698 35.88 -23.34 -7.70
C ILE B 698 35.05 -22.50 -8.68
N ALA B 699 35.65 -22.07 -9.79
CA ALA B 699 34.88 -21.44 -10.85
C ALA B 699 33.92 -22.43 -11.51
N LYS B 700 34.33 -23.70 -11.62
CA LYS B 700 33.41 -24.72 -12.13
C LYS B 700 32.29 -25.01 -11.13
N THR B 701 32.58 -24.92 -9.83
CA THR B 701 31.54 -25.06 -8.82
C THR B 701 30.55 -23.91 -8.90
N LEU B 702 31.04 -22.69 -9.12
CA LEU B 702 30.16 -21.53 -9.28
C LEU B 702 29.38 -21.60 -10.59
N ILE B 703 29.95 -22.23 -11.62
CA ILE B 703 29.21 -22.51 -12.84
C ILE B 703 28.07 -23.50 -12.57
N GLN B 704 28.35 -24.50 -11.73
CA GLN B 704 27.36 -25.52 -11.41
C GLN B 704 26.18 -25.00 -10.60
N GLN B 705 26.34 -23.87 -9.92
CA GLN B 705 25.28 -23.35 -9.07
C GLN B 705 24.57 -22.12 -9.63
N CYS B 706 24.90 -21.71 -10.85
CA CYS B 706 24.20 -20.58 -11.45
C CYS B 706 22.80 -20.99 -11.90
N ALA B 707 21.96 -19.99 -12.17
CA ALA B 707 20.58 -20.24 -12.55
C ALA B 707 20.15 -19.60 -13.86
N THR B 708 20.93 -18.68 -14.41
CA THR B 708 20.59 -18.07 -15.69
C THR B 708 21.88 -17.79 -16.44
N TYR B 709 22.10 -18.52 -17.53
CA TYR B 709 23.27 -18.30 -18.36
C TYR B 709 22.87 -17.43 -19.54
N ILE B 710 23.77 -16.52 -19.92
CA ILE B 710 23.57 -15.68 -21.10
C ILE B 710 24.85 -15.83 -21.92
N PHE B 711 24.80 -16.60 -22.99
CA PHE B 711 25.94 -16.78 -23.87
C PHE B 711 25.87 -15.74 -24.99
N LEU B 712 26.87 -14.86 -25.06
CA LEU B 712 26.71 -13.67 -25.89
C LEU B 712 27.03 -13.93 -27.36
N ALA B 713 28.30 -14.17 -27.67
CA ALA B 713 28.75 -14.22 -29.06
C ALA B 713 30.12 -14.87 -29.11
N ASN B 714 30.21 -16.01 -29.79
CA ASN B 714 31.52 -16.61 -30.01
C ASN B 714 31.58 -17.29 -31.36
N PRO B 715 32.26 -16.69 -32.34
CA PRO B 715 32.61 -17.45 -33.55
C PRO B 715 33.76 -18.41 -33.32
N LYS B 716 34.58 -18.16 -32.28
CA LYS B 716 35.65 -19.06 -31.88
C LYS B 716 35.05 -20.39 -31.44
N ALA B 717 34.31 -20.36 -30.32
CA ALA B 717 33.35 -21.39 -29.92
C ALA B 717 34.02 -22.76 -29.76
N ASP B 718 34.87 -22.84 -28.73
CA ASP B 718 35.49 -24.11 -28.34
C ASP B 718 34.43 -25.12 -27.95
N TYR B 719 34.39 -26.26 -28.66
CA TYR B 719 33.22 -27.12 -28.64
C TYR B 719 33.06 -27.87 -27.34
N GLU B 720 34.14 -28.45 -26.80
CA GLU B 720 34.02 -29.30 -25.63
C GLU B 720 34.10 -28.54 -24.31
N ASP B 721 33.86 -27.23 -24.33
CA ASP B 721 33.71 -26.47 -23.11
C ASP B 721 32.30 -25.96 -22.89
N TYR B 722 31.58 -25.60 -23.95
CA TYR B 722 30.20 -25.16 -23.79
C TYR B 722 29.29 -26.35 -23.49
N THR B 723 29.52 -27.48 -24.15
CA THR B 723 28.68 -28.64 -23.95
C THR B 723 29.05 -29.45 -22.72
N GLN B 724 30.21 -29.20 -22.12
CA GLN B 724 30.64 -29.93 -20.92
C GLN B 724 30.47 -29.12 -19.65
N GLY B 725 31.07 -27.93 -19.60
CA GLY B 725 31.04 -27.14 -18.39
C GLY B 725 29.78 -26.30 -18.25
N PHE B 726 29.43 -25.57 -19.31
CA PHE B 726 28.32 -24.64 -19.27
C PHE B 726 26.99 -25.29 -19.64
N LYS B 727 26.99 -26.59 -19.95
CA LYS B 727 25.80 -27.44 -20.06
C LYS B 727 24.83 -26.96 -21.14
N LEU B 728 25.33 -26.96 -22.37
CA LEU B 728 24.49 -26.79 -23.55
C LEU B 728 24.32 -28.15 -24.24
N THR B 729 23.38 -28.19 -25.18
CA THR B 729 23.25 -29.35 -26.05
C THR B 729 24.10 -29.11 -27.30
N ASP B 730 23.92 -29.94 -28.32
CA ASP B 730 24.66 -29.73 -29.56
C ASP B 730 24.05 -28.62 -30.39
N SER B 731 22.72 -28.60 -30.52
CA SER B 731 22.05 -27.60 -31.33
C SER B 731 22.09 -26.21 -30.70
N GLU B 732 22.07 -26.13 -29.37
CA GLU B 732 22.22 -24.83 -28.71
C GLU B 732 23.62 -24.28 -28.91
N PHE B 733 24.63 -25.16 -28.91
CA PHE B 733 25.98 -24.69 -29.19
C PHE B 733 26.14 -24.28 -30.64
N GLU B 734 25.48 -24.98 -31.57
CA GLU B 734 25.48 -24.56 -32.96
C GLU B 734 24.79 -23.21 -33.14
N LEU B 735 23.75 -22.96 -32.35
CA LEU B 735 23.10 -21.65 -32.33
C LEU B 735 24.06 -20.56 -31.84
N VAL B 736 24.77 -20.82 -30.75
CA VAL B 736 25.70 -19.85 -30.18
C VAL B 736 26.87 -19.59 -31.14
N ARG B 737 27.32 -20.63 -31.84
CA ARG B 737 28.35 -20.46 -32.86
C ARG B 737 27.84 -19.62 -34.03
N GLY B 738 26.63 -19.91 -34.50
CA GLY B 738 26.06 -19.14 -35.59
C GLY B 738 25.45 -17.82 -35.21
N LEU B 739 25.59 -17.39 -33.96
CA LEU B 739 25.05 -16.10 -33.51
C LEU B 739 25.74 -14.91 -34.17
N GLY B 740 26.98 -15.05 -34.59
CA GLY B 740 27.73 -13.96 -35.16
C GLY B 740 28.91 -13.56 -34.29
N GLU B 741 29.40 -12.34 -34.53
CA GLU B 741 30.56 -11.86 -33.80
C GLU B 741 30.46 -10.41 -33.34
N PHE B 742 29.51 -9.63 -33.83
CA PHE B 742 29.40 -8.23 -33.40
C PHE B 742 27.99 -7.89 -32.96
N SER B 743 26.99 -8.57 -33.54
CA SER B 743 25.61 -8.35 -33.16
C SER B 743 25.36 -8.93 -31.78
N ARG B 744 24.68 -8.17 -30.92
CA ARG B 744 24.46 -8.54 -29.53
C ARG B 744 23.18 -9.36 -29.36
N ARG B 745 23.05 -10.39 -30.18
CA ARG B 745 22.03 -11.41 -29.99
C ARG B 745 22.65 -12.52 -29.15
N PHE B 746 22.05 -12.78 -28.00
CA PHE B 746 22.60 -13.72 -27.04
C PHE B 746 21.60 -14.82 -26.74
N LEU B 747 22.11 -16.02 -26.46
CA LEU B 747 21.27 -17.13 -26.05
C LEU B 747 21.08 -17.05 -24.54
N ILE B 748 19.85 -16.82 -24.11
CA ILE B 748 19.50 -16.87 -22.70
C ILE B 748 18.97 -18.25 -22.39
N LYS B 749 19.61 -18.92 -21.44
CA LYS B 749 19.21 -20.24 -20.97
C LYS B 749 18.93 -20.15 -19.48
N GLN B 750 17.68 -20.38 -19.10
CA GLN B 750 17.36 -20.48 -17.68
C GLN B 750 16.39 -21.63 -17.49
N GLY B 751 16.51 -22.27 -16.33
CA GLY B 751 15.81 -23.54 -16.13
C GLY B 751 16.35 -24.54 -17.12
N ASP B 752 15.44 -25.14 -17.89
CA ASP B 752 15.81 -25.95 -19.04
C ASP B 752 15.29 -25.34 -20.33
N GLN B 753 15.00 -24.04 -20.33
CA GLN B 753 14.55 -23.33 -21.52
C GLN B 753 15.66 -22.44 -22.06
N SER B 754 15.67 -22.27 -23.38
CA SER B 754 16.74 -21.55 -24.04
C SER B 754 16.16 -20.83 -25.27
N ALA B 755 16.47 -19.55 -25.40
CA ALA B 755 16.04 -18.82 -26.58
C ALA B 755 16.98 -17.66 -26.84
N LEU B 756 17.05 -17.25 -28.11
CA LEU B 756 17.83 -16.10 -28.47
C LEU B 756 17.11 -14.82 -28.07
N ALA B 757 17.87 -13.74 -27.95
CA ALA B 757 17.30 -12.46 -27.59
C ALA B 757 18.21 -11.33 -28.05
N GLU B 758 17.60 -10.20 -28.35
CA GLU B 758 18.33 -8.96 -28.64
C GLU B 758 17.66 -7.84 -27.86
N MET B 759 18.46 -7.10 -27.10
CA MET B 759 17.94 -6.00 -26.31
C MET B 759 17.50 -4.83 -27.19
N ASN B 760 18.26 -4.51 -28.24
CA ASN B 760 17.88 -3.61 -29.34
C ASN B 760 17.54 -2.20 -28.87
N LEU B 761 18.55 -1.50 -28.34
CA LEU B 761 18.43 -0.09 -28.01
C LEU B 761 18.75 0.84 -29.18
N GLY B 762 18.74 0.34 -30.42
CA GLY B 762 18.97 1.16 -31.58
C GLY B 762 17.76 1.43 -32.44
N LYS B 763 16.55 1.16 -31.95
CA LYS B 763 15.35 1.26 -32.76
C LYS B 763 14.63 2.58 -32.49
N PHE B 764 14.08 3.17 -33.54
CA PHE B 764 13.30 4.39 -33.45
C PHE B 764 11.83 4.03 -33.27
N ARG B 765 10.95 5.02 -33.43
CA ARG B 765 9.50 4.83 -33.38
C ARG B 765 8.88 5.53 -34.58
N THR B 766 7.54 5.58 -34.60
CA THR B 766 6.82 6.21 -35.68
C THR B 766 5.76 7.22 -35.25
N ILE B 767 5.24 7.11 -34.01
CA ILE B 767 4.22 8.03 -33.56
C ILE B 767 4.31 8.17 -32.05
N VAL B 768 3.90 9.33 -31.55
CA VAL B 768 3.79 9.65 -30.13
C VAL B 768 2.71 10.73 -30.03
N ASP B 769 2.33 11.10 -28.80
CA ASP B 769 1.36 12.17 -28.60
C ASP B 769 1.89 13.50 -29.12
N GLY B 770 3.11 13.87 -28.70
CA GLY B 770 3.75 15.08 -29.16
C GLY B 770 4.45 14.92 -30.50
N GLU B 771 3.68 14.97 -31.60
CA GLU B 771 4.17 14.61 -32.93
C GLU B 771 5.14 15.68 -33.44
N THR B 772 6.38 15.61 -32.96
CA THR B 772 7.45 16.47 -33.45
C THR B 772 8.79 15.75 -33.64
N VAL B 773 9.02 14.60 -32.99
CA VAL B 773 10.25 13.83 -33.15
C VAL B 773 9.95 12.37 -32.83
N GLU B 774 10.45 11.48 -33.68
CA GLU B 774 10.18 10.04 -33.54
C GLU B 774 11.44 9.23 -33.84
N ARG B 775 12.56 9.59 -33.21
CA ARG B 775 13.78 8.81 -33.32
C ARG B 775 14.52 8.80 -31.99
N ASP B 776 15.10 7.65 -31.66
CA ASP B 776 15.84 7.45 -30.42
C ASP B 776 17.33 7.32 -30.74
N PHE B 777 18.16 7.98 -29.93
CA PHE B 777 19.58 8.11 -30.28
C PHE B 777 20.56 7.92 -29.12
N ASP B 778 20.14 8.06 -27.86
CA ASP B 778 21.07 8.28 -26.77
C ASP B 778 21.25 6.99 -25.95
N ASP B 779 22.01 7.10 -24.85
CA ASP B 779 22.18 6.12 -23.78
C ASP B 779 22.95 4.87 -24.19
N GLU B 780 23.46 4.81 -25.42
CA GLU B 780 24.42 3.77 -25.80
C GLU B 780 25.85 4.17 -25.52
N LEU B 781 26.08 5.42 -25.11
CA LEU B 781 27.41 5.94 -24.85
C LEU B 781 27.67 6.19 -23.37
N LEU B 782 26.71 5.90 -22.50
CA LEU B 782 26.88 6.05 -21.07
C LEU B 782 27.01 4.72 -20.35
N VAL B 783 26.26 3.70 -20.77
CA VAL B 783 26.38 2.38 -20.16
C VAL B 783 27.52 1.57 -20.75
N LEU B 784 28.04 1.94 -21.91
CA LEU B 784 29.07 1.14 -22.56
C LEU B 784 30.43 1.40 -21.95
N SER B 785 30.67 2.64 -21.48
CA SER B 785 31.70 2.97 -20.50
C SER B 785 33.12 2.68 -20.99
N GLY B 786 33.52 3.38 -22.04
CA GLY B 786 34.91 3.39 -22.45
C GLY B 786 35.74 4.16 -21.44
N THR B 787 36.88 3.59 -21.02
CA THR B 787 37.69 4.14 -19.95
C THR B 787 38.30 5.54 -20.11
N PRO B 788 38.72 6.02 -21.30
CA PRO B 788 39.16 7.43 -21.36
C PRO B 788 38.01 8.42 -21.30
N ASP B 789 36.78 8.00 -21.57
CA ASP B 789 35.63 8.85 -21.31
C ASP B 789 35.29 8.89 -19.83
N ASN B 790 35.37 7.74 -19.16
CA ASN B 790 35.03 7.67 -17.75
C ASN B 790 36.06 8.36 -16.86
N ALA B 791 37.34 8.31 -17.25
CA ALA B 791 38.38 9.01 -16.50
C ALA B 791 38.15 10.51 -16.52
N GLU B 792 37.77 11.06 -17.67
CA GLU B 792 37.51 12.48 -17.75
C GLU B 792 36.15 12.86 -17.16
N ILE B 793 35.18 11.94 -17.15
CA ILE B 793 33.93 12.21 -16.45
C ILE B 793 34.16 12.26 -14.94
N ALA B 794 35.02 11.37 -14.42
CA ALA B 794 35.39 11.41 -13.01
C ALA B 794 36.21 12.65 -12.68
N GLU B 795 37.12 13.05 -13.56
CA GLU B 795 37.89 14.27 -13.36
C GLU B 795 37.01 15.52 -13.40
N SER B 796 35.97 15.51 -14.25
CA SER B 796 35.10 16.68 -14.32
C SER B 796 34.16 16.73 -13.12
N ILE B 797 33.70 15.57 -12.64
CA ILE B 797 32.85 15.58 -11.46
C ILE B 797 33.66 15.86 -10.19
N ILE B 798 34.98 15.67 -10.24
CA ILE B 798 35.81 16.09 -9.10
C ILE B 798 36.11 17.58 -9.17
N ALA B 799 36.60 18.07 -10.31
CA ALA B 799 37.16 19.41 -10.40
C ALA B 799 36.36 20.39 -11.24
N GLU B 800 35.78 19.96 -12.37
CA GLU B 800 35.21 20.93 -13.30
C GLU B 800 33.85 21.43 -12.82
N VAL B 801 32.98 20.53 -12.37
CA VAL B 801 31.66 20.96 -11.91
C VAL B 801 31.41 20.57 -10.46
N GLY B 802 31.31 19.28 -10.17
CA GLY B 802 30.99 18.84 -8.83
C GLY B 802 29.50 18.69 -8.65
N ASP B 803 29.03 17.46 -8.47
CA ASP B 803 27.61 17.13 -8.32
C ASP B 803 27.49 15.70 -7.82
N ASP B 804 26.59 15.48 -6.87
CA ASP B 804 26.28 14.13 -6.46
C ASP B 804 25.38 13.40 -7.48
N PRO B 805 24.13 13.88 -7.82
CA PRO B 805 23.30 13.03 -8.68
C PRO B 805 23.63 13.21 -10.15
N ALA B 806 22.83 12.59 -11.03
CA ALA B 806 23.04 12.69 -12.47
C ALA B 806 22.42 13.97 -13.04
N VAL B 807 22.94 15.11 -12.57
CA VAL B 807 22.48 16.42 -13.01
C VAL B 807 23.51 17.17 -13.83
N TRP B 808 24.76 16.73 -13.83
CA TRP B 808 25.78 17.31 -14.69
C TRP B 808 25.80 16.69 -16.08
N LEU B 809 24.88 15.76 -16.35
CA LEU B 809 25.06 14.84 -17.47
C LEU B 809 24.90 15.47 -18.85
N PRO B 810 23.72 15.97 -19.26
CA PRO B 810 23.36 15.91 -20.71
C PRO B 810 24.17 16.82 -21.61
N ILE B 811 24.52 18.02 -21.17
CA ILE B 811 25.38 18.86 -22.01
C ILE B 811 26.81 18.32 -22.01
N PHE B 812 27.21 17.58 -20.98
CA PHE B 812 28.52 16.94 -21.01
C PHE B 812 28.49 15.69 -21.88
N LEU B 813 27.34 15.06 -22.03
CA LEU B 813 27.19 13.99 -23.00
C LEU B 813 27.23 14.53 -24.43
N ASP B 814 26.68 15.74 -24.64
CA ASP B 814 26.88 16.42 -25.92
C ASP B 814 28.36 16.74 -26.13
N ARG B 815 29.03 17.19 -25.07
CA ARG B 815 30.48 17.45 -25.08
C ARG B 815 31.29 16.19 -25.36
N VAL B 816 30.75 15.02 -25.04
CA VAL B 816 31.35 13.79 -25.53
C VAL B 816 31.06 13.60 -27.01
N LYS B 817 29.77 13.49 -27.37
CA LYS B 817 29.36 12.94 -28.65
C LYS B 817 29.64 13.89 -29.81
N ALA B 818 29.07 15.09 -29.77
CA ALA B 818 29.20 15.99 -30.91
C ALA B 818 30.61 16.53 -31.04
N GLU B 819 31.31 16.70 -29.92
CA GLU B 819 32.68 17.18 -29.99
C GLU B 819 33.63 16.11 -30.50
N ARG B 820 33.43 14.84 -30.13
CA ARG B 820 34.28 13.79 -30.70
C ARG B 820 33.97 13.60 -32.20
N SER B 821 32.70 13.75 -32.60
CA SER B 821 32.34 13.55 -34.00
C SER B 821 32.79 14.70 -34.89
N ASP B 822 32.83 15.92 -34.36
CA ASP B 822 33.29 17.06 -35.16
C ASP B 822 34.80 17.28 -35.02
N VAL B 823 35.27 17.55 -33.80
CA VAL B 823 36.65 17.91 -33.54
C VAL B 823 37.37 16.83 -32.73
N GLY B 824 36.97 15.57 -32.85
CA GLY B 824 37.65 14.50 -32.16
C GLY B 824 38.36 13.59 -33.13
N SER B 825 37.66 12.52 -33.51
CA SER B 825 38.22 11.48 -34.39
C SER B 825 38.56 12.03 -35.76
N GLY B 826 37.57 12.60 -36.45
CA GLY B 826 37.71 13.02 -37.83
C GLY B 826 38.70 14.13 -38.10
N SER B 827 38.41 15.33 -37.61
CA SER B 827 39.29 16.48 -37.80
C SER B 827 40.30 16.52 -36.66
N GLY B 828 41.51 16.05 -36.93
CA GLY B 828 42.53 15.96 -35.90
C GLY B 828 43.08 17.30 -35.46
N SER B 829 43.74 18.01 -36.36
CA SER B 829 44.32 19.31 -36.05
C SER B 829 44.07 20.31 -37.17
#